data_2A43
# 
_entry.id   2A43 
# 
_audit_conform.dict_name       mmcif_pdbx.dic 
_audit_conform.dict_version    5.376 
_audit_conform.dict_location   http://mmcif.pdb.org/dictionaries/ascii/mmcif_pdbx.dic 
# 
loop_
_database_2.database_id 
_database_2.database_code 
_database_2.pdbx_database_accession 
_database_2.pdbx_DOI 
PDB   2A43         pdb_00002a43 10.2210/pdb2a43/pdb 
NDB   UR0066       ?            ?                   
RCSB  RCSB033462   ?            ?                   
WWPDB D_1000033462 ?            ?                   
# 
_pdbx_database_status.status_code                     REL 
_pdbx_database_status.entry_id                        2A43 
_pdbx_database_status.recvd_initial_deposition_date   2005-06-27 
_pdbx_database_status.deposit_site                    RCSB 
_pdbx_database_status.process_site                    RCSB 
_pdbx_database_status.status_code_sf                  REL 
_pdbx_database_status.status_code_mr                  ? 
_pdbx_database_status.SG_entry                        ? 
_pdbx_database_status.pdb_format_compatible           Y 
_pdbx_database_status.status_code_cs                  ? 
_pdbx_database_status.methods_development_category    ? 
_pdbx_database_status.status_code_nmr_data            ? 
# 
loop_
_audit_author.name 
_audit_author.pdbx_ordinal 
'Pallan, P.S.'     1 
'Marshall, W.S.'   2 
'Harp, J.'         3 
'Jewett III, F.C.' 4 
'Wawrzak, Z.'      5 
'Brown II, B.A.'   6 
'Rich, A.'         7 
'Egli, M.'         8 
# 
_citation.id                        primary 
_citation.title                     
'Crystal Structure of a Luteoviral RNA Pseudoknot and Model for a Minimal Ribosomal Frameshifting Motif' 
_citation.journal_abbrev            Biochemistry 
_citation.journal_volume            44 
_citation.page_first                11315 
_citation.page_last                 11322 
_citation.year                      2005 
_citation.journal_id_ASTM           BICHAW 
_citation.country                   US 
_citation.journal_id_ISSN           0006-2960 
_citation.journal_id_CSD            0033 
_citation.book_publisher            ? 
_citation.pdbx_database_id_PubMed   16114868 
_citation.pdbx_database_id_DOI      10.1021/bi051061i 
# 
loop_
_citation_author.citation_id 
_citation_author.name 
_citation_author.ordinal 
_citation_author.identifier_ORCID 
primary 'Pallan, P.S.'     1 ? 
primary 'Marshall, W.S.'   2 ? 
primary 'Harp, J.'         3 ? 
primary 'Jewett III, F.C.' 4 ? 
primary 'Wawrzak, Z.'      5 ? 
primary 'Brown II, B.A.'   6 ? 
primary 'Rich, A.'         7 ? 
primary 'Egli, M.'         8 ? 
# 
_cell.entry_id           2A43 
_cell.length_a           53.250 
_cell.length_b           53.250 
_cell.length_c           55.000 
_cell.angle_alpha        90.00 
_cell.angle_beta         90.00 
_cell.angle_gamma        120.00 
_cell.Z_PDB              6 
_cell.pdbx_unique_axis   ? 
# 
_symmetry.entry_id                         2A43 
_symmetry.space_group_name_H-M             'P 32 2 1' 
_symmetry.pdbx_full_space_group_name_H-M   ? 
_symmetry.cell_setting                     ? 
_symmetry.Int_Tables_number                154 
_symmetry.space_group_name_Hall            ? 
# 
loop_
_entity.id 
_entity.type 
_entity.src_method 
_entity.pdbx_description 
_entity.formula_weight 
_entity.pdbx_number_of_molecules 
_entity.pdbx_ec 
_entity.pdbx_mutation 
_entity.pdbx_fragment 
_entity.details 
1 polymer     syn 'RNA Pseudoknot' 8340.073 1   ? 'C17U, A18C' ? ? 
2 non-polymer syn 'MAGNESIUM ION'  24.305   2   ? ?            ? ? 
3 water       nat water            18.015   201 ? ?            ? ? 
# 
_entity_poly.entity_id                      1 
_entity_poly.type                           polyribonucleotide 
_entity_poly.nstd_linkage                   no 
_entity_poly.nstd_monomer                   no 
_entity_poly.pdbx_seq_one_letter_code       GCGGCACCGUCCGCUCAAACAAACGG 
_entity_poly.pdbx_seq_one_letter_code_can   GCGGCACCGUCCGCUCAAACAAACGG 
_entity_poly.pdbx_strand_id                 A 
_entity_poly.pdbx_target_identifier         ? 
# 
loop_
_entity_poly_seq.entity_id 
_entity_poly_seq.num 
_entity_poly_seq.mon_id 
_entity_poly_seq.hetero 
1 1  G n 
1 2  C n 
1 3  G n 
1 4  G n 
1 5  C n 
1 6  A n 
1 7  C n 
1 8  C n 
1 9  G n 
1 10 U n 
1 11 C n 
1 12 C n 
1 13 G n 
1 14 C n 
1 15 U n 
1 16 C n 
1 17 A n 
1 18 A n 
1 19 A n 
1 20 C n 
1 21 A n 
1 22 A n 
1 23 A n 
1 24 C n 
1 25 G n 
1 26 G n 
# 
_pdbx_entity_src_syn.entity_id              1 
_pdbx_entity_src_syn.pdbx_src_id            1 
_pdbx_entity_src_syn.pdbx_alt_source_flag   sample 
_pdbx_entity_src_syn.pdbx_beg_seq_num       ? 
_pdbx_entity_src_syn.pdbx_end_seq_num       ? 
_pdbx_entity_src_syn.organism_scientific    ? 
_pdbx_entity_src_syn.organism_common_name   ? 
_pdbx_entity_src_syn.ncbi_taxonomy_id       ? 
_pdbx_entity_src_syn.details                
'Chemically synthesized oligonucleotide (RNA). This sequence is a mutated form of that naturally found in Potato leafroll virus' 
# 
_struct_ref.id                         1 
_struct_ref.db_name                    GB 
_struct_ref.db_code                    AY138970 
_struct_ref.entity_id                  1 
_struct_ref.pdbx_seq_one_letter_code   GCGGCACCGUCCGCCAAAACAAACGG 
_struct_ref.pdbx_align_begin           1676 
_struct_ref.pdbx_db_accession          23953793 
_struct_ref.pdbx_db_isoform            ? 
# 
_struct_ref_seq.align_id                      1 
_struct_ref_seq.ref_id                        1 
_struct_ref_seq.pdbx_PDB_id_code              2A43 
_struct_ref_seq.pdbx_strand_id                A 
_struct_ref_seq.seq_align_beg                 1 
_struct_ref_seq.pdbx_seq_align_beg_ins_code   ? 
_struct_ref_seq.seq_align_end                 26 
_struct_ref_seq.pdbx_seq_align_end_ins_code   ? 
_struct_ref_seq.pdbx_db_accession             23953793 
_struct_ref_seq.db_align_beg                  1676 
_struct_ref_seq.pdbx_db_align_beg_ins_code    ? 
_struct_ref_seq.db_align_end                  1701 
_struct_ref_seq.pdbx_db_align_end_ins_code    ? 
_struct_ref_seq.pdbx_auth_seq_align_beg       3 
_struct_ref_seq.pdbx_auth_seq_align_end       28 
# 
loop_
_struct_ref_seq_dif.align_id 
_struct_ref_seq_dif.pdbx_pdb_id_code 
_struct_ref_seq_dif.mon_id 
_struct_ref_seq_dif.pdbx_pdb_strand_id 
_struct_ref_seq_dif.seq_num 
_struct_ref_seq_dif.pdbx_pdb_ins_code 
_struct_ref_seq_dif.pdbx_seq_db_name 
_struct_ref_seq_dif.pdbx_seq_db_accession_code 
_struct_ref_seq_dif.db_mon_id 
_struct_ref_seq_dif.pdbx_seq_db_seq_num 
_struct_ref_seq_dif.details 
_struct_ref_seq_dif.pdbx_auth_seq_num 
_struct_ref_seq_dif.pdbx_ordinal 
1 2A43 U A 15 ? GB 23953793 C 1690 'engineered mutation' 17 1 
1 2A43 C A 16 ? GB 23953793 A 1691 'engineered mutation' 18 2 
# 
loop_
_chem_comp.id 
_chem_comp.type 
_chem_comp.mon_nstd_flag 
_chem_comp.name 
_chem_comp.pdbx_synonyms 
_chem_comp.formula 
_chem_comp.formula_weight 
A   'RNA linking' y "ADENOSINE-5'-MONOPHOSPHATE" ? 'C10 H14 N5 O7 P' 347.221 
C   'RNA linking' y "CYTIDINE-5'-MONOPHOSPHATE"  ? 'C9 H14 N3 O8 P'  323.197 
G   'RNA linking' y "GUANOSINE-5'-MONOPHOSPHATE" ? 'C10 H14 N5 O8 P' 363.221 
HOH non-polymer   . WATER                        ? 'H2 O'            18.015  
MG  non-polymer   . 'MAGNESIUM ION'              ? 'Mg 2'            24.305  
U   'RNA linking' y "URIDINE-5'-MONOPHOSPHATE"   ? 'C9 H13 N2 O9 P'  324.181 
# 
_exptl.entry_id          2A43 
_exptl.method            'X-RAY DIFFRACTION' 
_exptl.crystals_number   1 
# 
_exptl_crystal.id                    1 
_exptl_crystal.density_meas          ? 
_exptl_crystal.density_Matthews      2.8 
_exptl_crystal.density_percent_sol   55 
_exptl_crystal.description           ? 
_exptl_crystal.F_000                 ? 
_exptl_crystal.preparation           ? 
# 
_exptl_crystal_grow.crystal_id      1 
_exptl_crystal_grow.method          'VAPOR DIFFUSION, SITTING DROP' 
_exptl_crystal_grow.temp            291.0 
_exptl_crystal_grow.temp_details    ? 
_exptl_crystal_grow.pH              6.5 
_exptl_crystal_grow.pdbx_details    
'PEG 8000, Magnesium Acetate, Sodium Cacodylate, pH 6.5, VAPOR DIFFUSION, SITTING DROP, temperature 291.0K' 
_exptl_crystal_grow.pdbx_pH_range   . 
# 
_diffrn.id                     1 
_diffrn.ambient_temp           110.0 
_diffrn.ambient_temp_details   ? 
_diffrn.crystal_id             1 
# 
_diffrn_detector.diffrn_id              1 
_diffrn_detector.detector               CCD 
_diffrn_detector.type                   MARRESEARCH 
_diffrn_detector.pdbx_collection_date   2003-11-24 
_diffrn_detector.details                'Horizontally focusing mirrors' 
# 
_diffrn_radiation.diffrn_id                        1 
_diffrn_radiation.wavelength_id                    1 
_diffrn_radiation.pdbx_monochromatic_or_laue_m_l   M 
_diffrn_radiation.monochromator                    'Si monochromator' 
_diffrn_radiation.pdbx_diffrn_protocol             'SINGLE WAVELENGTH' 
_diffrn_radiation.pdbx_scattering_type             x-ray 
# 
_diffrn_radiation_wavelength.id           1 
_diffrn_radiation_wavelength.wavelength   0.91980 
_diffrn_radiation_wavelength.wt           1.0 
# 
_diffrn_source.diffrn_id                   1 
_diffrn_source.source                      SYNCHROTRON 
_diffrn_source.type                        'APS BEAMLINE 5ID-B' 
_diffrn_source.pdbx_synchrotron_site       APS 
_diffrn_source.pdbx_synchrotron_beamline   5ID-B 
_diffrn_source.pdbx_wavelength             ? 
_diffrn_source.pdbx_wavelength_list        0.91980 
# 
_reflns.entry_id                     2A43 
_reflns.observed_criterion_sigma_F   0.0 
_reflns.observed_criterion_sigma_I   0.0 
_reflns.d_resolution_high            1.34 
_reflns.d_resolution_low             23.6 
_reflns.number_all                   ? 
_reflns.number_obs                   19756 
_reflns.percent_possible_obs         96.0 
_reflns.pdbx_Rmerge_I_obs            0.064 
_reflns.pdbx_Rsym_value              ? 
_reflns.pdbx_netI_over_sigmaI        24.58 
_reflns.B_iso_Wilson_estimate        21.8 
_reflns.pdbx_redundancy              14.6 
_reflns.R_free_details               ? 
_reflns.pdbx_chi_squared             ? 
_reflns.pdbx_scaling_rejects         ? 
_reflns.pdbx_diffrn_id               1 
_reflns.pdbx_ordinal                 1 
# 
_reflns_shell.d_res_high             1.34 
_reflns_shell.d_res_low              1.40 
_reflns_shell.percent_possible_all   84.9 
_reflns_shell.Rmerge_I_obs           0.497 
_reflns_shell.pdbx_Rsym_value        ? 
_reflns_shell.meanI_over_sigI_obs    4.97 
_reflns_shell.pdbx_redundancy        7.64 
_reflns_shell.percent_possible_obs   ? 
_reflns_shell.number_unique_all      1748 
_reflns_shell.number_measured_all    ? 
_reflns_shell.number_measured_obs    ? 
_reflns_shell.number_unique_obs      ? 
_reflns_shell.pdbx_chi_squared       ? 
_reflns_shell.pdbx_diffrn_id         ? 
_reflns_shell.pdbx_ordinal           1 
# 
_refine.entry_id                                 2A43 
_refine.ls_d_res_high                            1.34 
_refine.ls_d_res_low                             23.6 
_refine.pdbx_ls_sigma_F                          4 
_refine.pdbx_ls_sigma_I                          ? 
_refine.ls_number_reflns_all                     ? 
_refine.ls_number_reflns_obs                     18322 
_refine.ls_number_reflns_R_free                  ? 
_refine.ls_percent_reflns_obs                    89.0 
_refine.ls_R_factor_all                          ? 
_refine.ls_R_factor_obs                          ? 
_refine.ls_R_factor_R_work                       0.114 
_refine.ls_R_factor_R_free                       ? 
_refine.ls_redundancy_reflns_obs                 ? 
_refine.pdbx_data_cutoff_high_absF               ? 
_refine.pdbx_data_cutoff_low_absF                ? 
_refine.ls_number_parameters                     ? 
_refine.ls_number_restraints                     ? 
_refine.ls_percent_reflns_R_free                 ? 
_refine.ls_R_factor_R_free_error                 ? 
_refine.ls_R_factor_R_free_error_details         ? 
_refine.pdbx_method_to_determine_struct          'MOLECULAR REPLACEMENT' 
_refine.pdbx_starting_model                      'PDB Entry 437D' 
_refine.pdbx_ls_cross_valid_method               THROUGHOUT 
_refine.pdbx_R_Free_selection_details            Random 
_refine.pdbx_stereochem_target_val_spec_case     ? 
_refine.pdbx_stereochemistry_target_values       'G. Parkinson et. al., Acta Cryst. (1996) D52, 57-64.' 
_refine.solvent_model_details                    ? 
_refine.solvent_model_param_bsol                 ? 
_refine.solvent_model_param_ksol                 ? 
_refine.occupancy_max                            ? 
_refine.occupancy_min                            ? 
_refine.pdbx_isotropic_thermal_model             ? 
_refine.B_iso_mean                               ? 
_refine.aniso_B[1][1]                            ? 
_refine.aniso_B[1][2]                            ? 
_refine.aniso_B[1][3]                            ? 
_refine.aniso_B[2][2]                            ? 
_refine.aniso_B[2][3]                            ? 
_refine.aniso_B[3][3]                            ? 
_refine.details                                  
;The waters 603, 686, 211, 584, 610, 666, 608 and 638 have partial occupancies. 
Thus close contacts between them should be ignored.
;
_refine.correlation_coeff_Fo_to_Fc               ? 
_refine.correlation_coeff_Fo_to_Fc_free          ? 
_refine.pdbx_solvent_vdw_probe_radii             ? 
_refine.pdbx_solvent_ion_probe_radii             ? 
_refine.pdbx_solvent_shrinkage_radii             ? 
_refine.overall_SU_R_Cruickshank_DPI             ? 
_refine.overall_SU_R_free                        ? 
_refine.overall_SU_ML                            ? 
_refine.overall_SU_B                             ? 
_refine.pdbx_overall_ESU_R_Free                  ? 
_refine.pdbx_data_cutoff_high_rms_absF           ? 
_refine.pdbx_overall_ESU_R                       ? 
_refine.ls_wR_factor_R_free                      ? 
_refine.ls_wR_factor_R_work                      ? 
_refine.overall_FOM_free_R_set                   ? 
_refine.overall_FOM_work_R_set                   ? 
_refine.pdbx_refine_id                           'X-RAY DIFFRACTION' 
_refine.pdbx_diffrn_id                           1 
_refine.pdbx_TLS_residual_ADP_flag               ? 
_refine.pdbx_overall_phase_error                 ? 
_refine.pdbx_overall_SU_R_free_Cruickshank_DPI   ? 
_refine.pdbx_overall_SU_R_Blow_DPI               ? 
_refine.pdbx_overall_SU_R_free_Blow_DPI          ? 
# 
_refine_hist.pdbx_refine_id                   'X-RAY DIFFRACTION' 
_refine_hist.cycle_id                         LAST 
_refine_hist.pdbx_number_atoms_protein        0 
_refine_hist.pdbx_number_atoms_nucleic_acid   552 
_refine_hist.pdbx_number_atoms_ligand         2 
_refine_hist.number_atoms_solvent             201 
_refine_hist.number_atoms_total               755 
_refine_hist.d_res_high                       1.34 
_refine_hist.d_res_low                        23.6 
# 
loop_
_refine_ls_restr.type 
_refine_ls_restr.dev_ideal 
_refine_ls_restr.dev_ideal_target 
_refine_ls_restr.weight 
_refine_ls_restr.number 
_refine_ls_restr.pdbx_refine_id 
_refine_ls_restr.pdbx_restraint_function 
s_bond_d  0.022 ? ? ? 'X-RAY DIFFRACTION' ? 
s_angle_d 0.041 ? ? ? 'X-RAY DIFFRACTION' ? 
# 
_pdbx_refine.entry_id                                    2A43 
_pdbx_refine.R_factor_all_no_cutoff                      ? 
_pdbx_refine.R_factor_obs_no_cutoff                      ? 
_pdbx_refine.free_R_factor_no_cutoff                     ? 
_pdbx_refine.free_R_val_test_set_size_perc_no_cutoff     ? 
_pdbx_refine.free_R_val_test_set_ct_no_cutoff            ? 
_pdbx_refine.R_factor_all_4sig_cutoff                    ? 
_pdbx_refine.R_factor_obs_4sig_cutoff                    0.114 
_pdbx_refine.free_R_factor_4sig_cutoff                   0.19 
_pdbx_refine.free_R_val_test_set_size_perc_4sig_cutoff   5 
_pdbx_refine.free_R_val_test_set_ct_4sig_cutoff          905 
_pdbx_refine.number_reflns_obs_4sig_cutoff               18322 
_pdbx_refine.pdbx_refine_id                              'X-RAY DIFFRACTION' 
_pdbx_refine.free_R_error_no_cutoff                      ? 
# 
_struct.entry_id                  2A43 
_struct.title                     
'Crystal Structure of a Luteoviral RNA Pseudoknot and Model for a Minimal Ribosomal Frameshifting Motif' 
_struct.pdbx_model_details        ? 
_struct.pdbx_CASP_flag            ? 
_struct.pdbx_model_type_details   ? 
# 
_struct_keywords.entry_id        2A43 
_struct_keywords.pdbx_keywords   RNA 
_struct_keywords.text            'PLRV, potato leaf roll virus; BWYV, beet western yellow virus, pk, pseudoknot, RNA., RNA' 
# 
loop_
_struct_asym.id 
_struct_asym.pdbx_blank_PDB_chainid_flag 
_struct_asym.pdbx_modified 
_struct_asym.entity_id 
_struct_asym.details 
A N N 1 ? 
B N N 2 ? 
C N N 2 ? 
D N N 3 ? 
# 
_struct_biol.id                    1 
_struct_biol.details               'One RNA pseudoknot per asymmetric unit' 
_struct_biol.pdbx_parent_biol_id   ? 
# 
loop_
_struct_conn.id 
_struct_conn.conn_type_id 
_struct_conn.pdbx_leaving_atom_flag 
_struct_conn.pdbx_PDB_id 
_struct_conn.ptnr1_label_asym_id 
_struct_conn.ptnr1_label_comp_id 
_struct_conn.ptnr1_label_seq_id 
_struct_conn.ptnr1_label_atom_id 
_struct_conn.pdbx_ptnr1_label_alt_id 
_struct_conn.pdbx_ptnr1_PDB_ins_code 
_struct_conn.pdbx_ptnr1_standard_comp_id 
_struct_conn.ptnr1_symmetry 
_struct_conn.ptnr2_label_asym_id 
_struct_conn.ptnr2_label_comp_id 
_struct_conn.ptnr2_label_seq_id 
_struct_conn.ptnr2_label_atom_id 
_struct_conn.pdbx_ptnr2_label_alt_id 
_struct_conn.pdbx_ptnr2_PDB_ins_code 
_struct_conn.ptnr1_auth_asym_id 
_struct_conn.ptnr1_auth_comp_id 
_struct_conn.ptnr1_auth_seq_id 
_struct_conn.ptnr2_auth_asym_id 
_struct_conn.ptnr2_auth_comp_id 
_struct_conn.ptnr2_auth_seq_id 
_struct_conn.ptnr2_symmetry 
_struct_conn.pdbx_ptnr3_label_atom_id 
_struct_conn.pdbx_ptnr3_label_seq_id 
_struct_conn.pdbx_ptnr3_label_comp_id 
_struct_conn.pdbx_ptnr3_label_asym_id 
_struct_conn.pdbx_ptnr3_label_alt_id 
_struct_conn.pdbx_ptnr3_PDB_ins_code 
_struct_conn.details 
_struct_conn.pdbx_dist_value 
_struct_conn.pdbx_value_order 
_struct_conn.pdbx_role 
metalc1  metalc ? ? A G  4  O6 ? ? ? 1_555 B MG  .  MG ? ? A G  6   A MG  201 1_555 ? ? ? ? ? ? ?             2.368 ? ? 
metalc2  metalc ? ? B MG .  MG ? ? ? 1_555 D HOH .  O  ? ? A MG 201 A HOH 202 1_555 ? ? ? ? ? ? ?             2.128 ? ? 
metalc3  metalc ? ? B MG .  MG ? ? ? 1_555 D HOH .  O  ? ? A MG 201 A HOH 203 1_555 ? ? ? ? ? ? ?             2.269 ? ? 
metalc4  metalc ? ? B MG .  MG ? ? ? 1_555 D HOH .  O  ? ? A MG 201 A HOH 204 1_555 ? ? ? ? ? ? ?             2.088 ? ? 
metalc5  metalc ? ? B MG .  MG ? ? ? 1_555 D HOH .  O  ? ? A MG 201 A HOH 205 1_555 ? ? ? ? ? ? ?             2.302 ? ? 
metalc6  metalc ? ? B MG .  MG ? ? ? 1_555 D HOH .  O  ? ? A MG 201 A HOH 206 1_555 ? ? ? ? ? ? ?             2.241 ? ? 
metalc7  metalc ? ? C MG .  MG ? ? ? 1_555 D HOH .  O  ? ? A MG 207 A HOH 208 1_555 ? ? ? ? ? ? ?             2.101 ? ? 
metalc8  metalc ? ? C MG .  MG ? ? ? 1_555 D HOH .  O  ? ? A MG 207 A HOH 209 1_555 ? ? ? ? ? ? ?             2.094 ? ? 
metalc9  metalc ? ? C MG .  MG ? ? ? 1_555 D HOH .  O  ? ? A MG 207 A HOH 210 1_555 ? ? ? ? ? ? ?             2.160 ? ? 
metalc10 metalc ? ? C MG .  MG ? ? ? 1_555 D HOH .  O  ? ? A MG 207 A HOH 211 1_555 ? ? ? ? ? ? ?             2.098 ? ? 
metalc11 metalc ? ? C MG .  MG ? ? ? 1_555 D HOH .  O  ? ? A MG 207 A HOH 212 1_555 ? ? ? ? ? ? ?             2.189 ? ? 
metalc12 metalc ? ? C MG .  MG ? ? ? 1_555 D HOH .  O  ? ? A MG 207 A HOH 213 1_555 ? ? ? ? ? ? ?             2.177 ? ? 
metalc13 metalc ? ? C MG .  MG ? ? ? 1_555 D HOH .  O  ? ? A MG 207 A HOH 584 1_555 ? ? ? ? ? ? ?             3.124 ? ? 
hydrog1  hydrog ? ? A G  1  N1 ? ? ? 1_555 A C   14 N3 ? ? A G  3   A C   16  1_555 ? ? ? ? ? ? WATSON-CRICK  ?     ? ? 
hydrog2  hydrog ? ? A G  1  N2 ? ? ? 1_555 A C   14 O2 ? ? A G  3   A C   16  1_555 ? ? ? ? ? ? WATSON-CRICK  ?     ? ? 
hydrog3  hydrog ? ? A G  1  O6 ? ? ? 1_555 A C   14 N4 ? ? A G  3   A C   16  1_555 ? ? ? ? ? ? WATSON-CRICK  ?     ? ? 
hydrog4  hydrog ? ? A G  1  N2 ? ? ? 1_555 A A   18 N3 ? ? A G  3   A A   20  1_555 ? ? ? ? ? ? 'G-A MISPAIR' ?     ? ? 
hydrog5  hydrog ? ? A C  2  N3 ? ? ? 1_555 A G   13 N1 ? ? A C  4   A G   15  1_555 ? ? ? ? ? ? WATSON-CRICK  ?     ? ? 
hydrog6  hydrog ? ? A C  2  N4 ? ? ? 1_555 A G   13 O6 ? ? A C  4   A G   15  1_555 ? ? ? ? ? ? WATSON-CRICK  ?     ? ? 
hydrog7  hydrog ? ? A C  2  O2 ? ? ? 1_555 A G   13 N2 ? ? A C  4   A G   15  1_555 ? ? ? ? ? ? WATSON-CRICK  ?     ? ? 
hydrog8  hydrog ? ? A G  3  N1 ? ? ? 1_555 A C   12 N3 ? ? A G  5   A C   14  1_555 ? ? ? ? ? ? WATSON-CRICK  ?     ? ? 
hydrog9  hydrog ? ? A G  3  N2 ? ? ? 1_555 A C   12 O2 ? ? A G  5   A C   14  1_555 ? ? ? ? ? ? WATSON-CRICK  ?     ? ? 
hydrog10 hydrog ? ? A G  3  O6 ? ? ? 1_555 A C   12 N4 ? ? A G  5   A C   14  1_555 ? ? ? ? ? ? WATSON-CRICK  ?     ? ? 
hydrog11 hydrog ? ? A G  4  N1 ? ? ? 1_555 A C   11 N3 ? ? A G  6   A C   13  1_555 ? ? ? ? ? ? WATSON-CRICK  ?     ? ? 
hydrog12 hydrog ? ? A G  4  N2 ? ? ? 1_555 A C   11 O2 ? ? A G  6   A C   13  1_555 ? ? ? ? ? ? WATSON-CRICK  ?     ? ? 
hydrog13 hydrog ? ? A G  4  O6 ? ? ? 1_555 A C   11 N4 ? ? A G  6   A C   13  1_555 ? ? ? ? ? ? WATSON-CRICK  ?     ? ? 
hydrog14 hydrog ? ? A G  4  N2 ? ? ? 1_555 A A   22 N1 ? ? A G  6   A A   24  1_555 ? ? ? ? ? ? TYPE_10_PAIR  ?     ? ? 
hydrog15 hydrog ? ? A G  4  N3 ? ? ? 1_555 A A   22 N6 ? ? A G  6   A A   24  1_555 ? ? ? ? ? ? TYPE_10_PAIR  ?     ? ? 
hydrog16 hydrog ? ? A C  5  N4 ? ? ? 1_555 A G   9  N7 ? ? A C  7   A G   11  1_555 ? ? ? ? ? ? 'C-G PAIR'    ?     ? ? 
hydrog17 hydrog ? ? A C  5  O2 ? ? ? 1_555 A C   24 N4 ? ? A C  7   A C   26  1_555 ? ? ? ? ? ? 'C-C MISPAIR' ?     ? ? 
hydrog18 hydrog ? ? A C  7  N3 ? ? ? 1_555 A G   26 N1 ? ? A C  9   A G   28  1_555 ? ? ? ? ? ? WATSON-CRICK  ?     ? ? 
hydrog19 hydrog ? ? A C  7  N4 ? ? ? 1_555 A G   26 O6 ? ? A C  9   A G   28  1_555 ? ? ? ? ? ? WATSON-CRICK  ?     ? ? 
hydrog20 hydrog ? ? A C  7  O2 ? ? ? 1_555 A G   26 N2 ? ? A C  9   A G   28  1_555 ? ? ? ? ? ? WATSON-CRICK  ?     ? ? 
hydrog21 hydrog ? ? A C  8  N3 ? ? ? 1_555 A G   25 N1 ? ? A C  10  A G   27  1_555 ? ? ? ? ? ? WATSON-CRICK  ?     ? ? 
hydrog22 hydrog ? ? A C  8  N4 ? ? ? 1_555 A G   25 O6 ? ? A C  10  A G   27  1_555 ? ? ? ? ? ? WATSON-CRICK  ?     ? ? 
hydrog23 hydrog ? ? A C  8  O2 ? ? ? 1_555 A G   25 N2 ? ? A C  10  A G   27  1_555 ? ? ? ? ? ? WATSON-CRICK  ?     ? ? 
hydrog24 hydrog ? ? A G  9  N1 ? ? ? 1_555 A C   24 N3 ? ? A G  11  A C   26  1_555 ? ? ? ? ? ? WATSON-CRICK  ?     ? ? 
hydrog25 hydrog ? ? A G  9  N2 ? ? ? 1_555 A C   24 O2 ? ? A G  11  A C   26  1_555 ? ? ? ? ? ? WATSON-CRICK  ?     ? ? 
hydrog26 hydrog ? ? A G  9  O6 ? ? ? 1_555 A C   24 N4 ? ? A G  11  A C   26  1_555 ? ? ? ? ? ? WATSON-CRICK  ?     ? ? 
hydrog27 hydrog ? ? A C  11 O2 ? ? ? 1_555 A A   23 N6 ? ? A C  13  A A   25  1_555 ? ? ? ? ? ? 'C-A MISPAIR' ?     ? ? 
hydrog28 hydrog ? ? A C  12 O2 ? ? ? 1_555 A A   21 N6 ? ? A C  14  A A   23  1_555 ? ? ? ? ? ? 'C-A MISPAIR' ?     ? ? 
# 
loop_
_struct_conn_type.id 
_struct_conn_type.criteria 
_struct_conn_type.reference 
metalc ? ? 
hydrog ? ? 
# 
loop_
_struct_site.id 
_struct_site.pdbx_evidence_code 
_struct_site.pdbx_auth_asym_id 
_struct_site.pdbx_auth_comp_id 
_struct_site.pdbx_auth_seq_id 
_struct_site.pdbx_auth_ins_code 
_struct_site.pdbx_num_residues 
_struct_site.details 
AC1 Software A MG 201 ? 6 'BINDING SITE FOR RESIDUE MG A 201' 
AC2 Software A MG 207 ? 6 'BINDING SITE FOR RESIDUE MG A 207' 
# 
loop_
_struct_site_gen.id 
_struct_site_gen.site_id 
_struct_site_gen.pdbx_num_res 
_struct_site_gen.label_comp_id 
_struct_site_gen.label_asym_id 
_struct_site_gen.label_seq_id 
_struct_site_gen.pdbx_auth_ins_code 
_struct_site_gen.auth_comp_id 
_struct_site_gen.auth_asym_id 
_struct_site_gen.auth_seq_id 
_struct_site_gen.label_atom_id 
_struct_site_gen.label_alt_id 
_struct_site_gen.symmetry 
_struct_site_gen.details 
1  AC1 6 G   A 4 ? G   A 6   . ? 1_555 ? 
2  AC1 6 HOH D . ? HOH A 202 . ? 1_555 ? 
3  AC1 6 HOH D . ? HOH A 203 . ? 1_555 ? 
4  AC1 6 HOH D . ? HOH A 204 . ? 1_555 ? 
5  AC1 6 HOH D . ? HOH A 205 . ? 1_555 ? 
6  AC1 6 HOH D . ? HOH A 206 . ? 1_555 ? 
7  AC2 6 HOH D . ? HOH A 208 . ? 1_555 ? 
8  AC2 6 HOH D . ? HOH A 209 . ? 1_555 ? 
9  AC2 6 HOH D . ? HOH A 210 . ? 1_555 ? 
10 AC2 6 HOH D . ? HOH A 211 . ? 1_555 ? 
11 AC2 6 HOH D . ? HOH A 212 . ? 1_555 ? 
12 AC2 6 HOH D . ? HOH A 213 . ? 1_555 ? 
# 
_atom_sites.entry_id                    2A43 
_atom_sites.fract_transf_matrix[1][1]   -0.01754457 
_atom_sites.fract_transf_matrix[1][2]   -0.00811367 
_atom_sites.fract_transf_matrix[1][3]   -0.00982630 
_atom_sites.fract_transf_matrix[2][1]   -0.00064328 
_atom_sites.fract_transf_matrix[2][2]   -0.00138915 
_atom_sites.fract_transf_matrix[2][3]   -0.02163090 
_atom_sites.fract_transf_matrix[3][1]   0.00722666 
_atom_sites.fract_transf_matrix[3][2]   -0.01666221 
_atom_sites.fract_transf_matrix[3][3]   0.00085514 
_atom_sites.fract_transf_vector[1]      0.344471 
_atom_sites.fract_transf_vector[2]      0.895447 
_atom_sites.fract_transf_vector[3]      0.410665 
# 
loop_
_atom_type.symbol 
C  
MG 
N  
O  
P  
# 
loop_
_atom_site.group_PDB 
_atom_site.id 
_atom_site.type_symbol 
_atom_site.label_atom_id 
_atom_site.label_alt_id 
_atom_site.label_comp_id 
_atom_site.label_asym_id 
_atom_site.label_entity_id 
_atom_site.label_seq_id 
_atom_site.pdbx_PDB_ins_code 
_atom_site.Cartn_x 
_atom_site.Cartn_y 
_atom_site.Cartn_z 
_atom_site.occupancy 
_atom_site.B_iso_or_equiv 
_atom_site.pdbx_formal_charge 
_atom_site.auth_seq_id 
_atom_site.auth_comp_id 
_atom_site.auth_asym_id 
_atom_site.auth_atom_id 
_atom_site.pdbx_PDB_model_num 
ATOM   1   O  "O5'" . G   A 1 1  ? -1.811  -8.900  10.495  1.00 18.14  ? 3   G   A "O5'" 1 
ATOM   2   C  "C5'" . G   A 1 1  ? -2.934  -8.879  11.378  1.00 18.35  ? 3   G   A "C5'" 1 
ATOM   3   C  "C4'" . G   A 1 1  ? -3.523  -7.471  11.487  1.00 16.16  ? 3   G   A "C4'" 1 
ATOM   4   O  "O4'" . G   A 1 1  ? -2.525  -6.536  11.951  1.00 15.05  ? 3   G   A "O4'" 1 
ATOM   5   C  "C3'" . G   A 1 1  ? -4.044  -6.823  10.220  1.00 16.66  ? 3   G   A "C3'" 1 
ATOM   6   O  "O3'" . G   A 1 1  ? -5.303  -7.341  9.864   1.00 16.36  ? 3   G   A "O3'" 1 
ATOM   7   C  "C2'" . G   A 1 1  ? -4.152  -5.346  10.647  1.00 14.74  ? 3   G   A "C2'" 1 
ATOM   8   O  "O2'" . G   A 1 1  ? -5.173  -5.156  11.604  1.00 17.65  ? 3   G   A "O2'" 1 
ATOM   9   C  "C1'" . G   A 1 1  ? -2.787  -5.268  11.350  1.00 15.10  ? 3   G   A "C1'" 1 
ATOM   10  N  N9    . G   A 1 1  ? -1.642  -4.929  10.520  1.00 14.05  ? 3   G   A N9    1 
ATOM   11  C  C8    . G   A 1 1  ? -0.643  -5.742  10.018  1.00 14.22  ? 3   G   A C8    1 
ATOM   12  N  N7    . G   A 1 1  ? 0.209   -5.095  9.274   1.00 14.01  ? 3   G   A N7    1 
ATOM   13  C  C5    . G   A 1 1  ? -0.214  -3.800  9.319   1.00 13.66  ? 3   G   A C5    1 
ATOM   14  C  C6    . G   A 1 1  ? 0.301   -2.610  8.746   1.00 13.03  ? 3   G   A C6    1 
ATOM   15  O  O6    . G   A 1 1  ? 1.340   -2.476  8.085   1.00 14.34  ? 3   G   A O6    1 
ATOM   16  N  N1    . G   A 1 1  ? -0.505  -1.512  9.003   1.00 13.70  ? 3   G   A N1    1 
ATOM   17  C  C2    . G   A 1 1  ? -1.641  -1.521  9.749   1.00 12.46  ? 3   G   A C2    1 
ATOM   18  N  N2    . G   A 1 1  ? -2.323  -0.342  9.885   1.00 13.73  ? 3   G   A N2    1 
ATOM   19  N  N3    . G   A 1 1  ? -2.129  -2.598  10.302  1.00 13.21  ? 3   G   A N3    1 
ATOM   20  C  C4    . G   A 1 1  ? -1.371  -3.697  10.054  1.00 13.01  ? 3   G   A C4    1 
ATOM   21  P  P     . C   A 1 2  ? -5.678  -7.423  8.311   1.00 17.23  ? 4   C   A P     1 
ATOM   22  O  OP1   . C   A 1 2  ? -6.845  -8.304  8.211   1.00 20.84  ? 4   C   A OP1   1 
ATOM   23  O  OP2   . C   A 1 2  ? -4.504  -7.726  7.475   1.00 18.84  ? 4   C   A OP2   1 
ATOM   24  O  "O5'" . C   A 1 2  ? -6.045  -5.890  7.957   1.00 16.58  ? 4   C   A "O5'" 1 
ATOM   25  C  "C5'" . C   A 1 2  ? -7.167  -5.232  8.551   1.00 18.28  ? 4   C   A "C5'" 1 
ATOM   26  C  "C4'" . C   A 1 2  ? -7.191  -3.754  8.216   1.00 18.10  ? 4   C   A "C4'" 1 
ATOM   27  O  "O4'" . C   A 1 2  ? -6.012  -3.091  8.748   1.00 16.57  ? 4   C   A "O4'" 1 
ATOM   28  C  "C3'" . C   A 1 2  ? -7.072  -3.448  6.719   1.00 15.60  ? 4   C   A "C3'" 1 
ATOM   29  O  "O3'" . C   A 1 2  ? -8.340  -3.674  6.124   1.00 21.19  ? 4   C   A "O3'" 1 
ATOM   30  C  "C2'" . C   A 1 2  ? -6.680  -1.975  6.782   1.00 15.89  ? 4   C   A "C2'" 1 
ATOM   31  O  "O2'" . C   A 1 2  ? -7.734  -1.176  7.247   1.00 18.75  ? 4   C   A "O2'" 1 
ATOM   32  C  "C1'" . C   A 1 2  ? -5.599  -2.080  7.864   1.00 15.27  ? 4   C   A "C1'" 1 
ATOM   33  N  N1    . C   A 1 2  ? -4.292  -2.437  7.291   1.00 13.64  ? 4   C   A N1    1 
ATOM   34  C  C2    . C   A 1 2  ? -3.556  -1.380  6.752   1.00 12.24  ? 4   C   A C2    1 
ATOM   35  O  O2    . C   A 1 2  ? -4.034  -0.233  6.789   1.00 14.09  ? 4   C   A O2    1 
ATOM   36  N  N3    . C   A 1 2  ? -2.346  -1.642  6.262   1.00 12.69  ? 4   C   A N3    1 
ATOM   37  C  C4    . C   A 1 2  ? -1.893  -2.905  6.191   1.00 13.06  ? 4   C   A C4    1 
ATOM   38  N  N4    . C   A 1 2  ? -0.708  -3.087  5.650   1.00 13.75  ? 4   C   A N4    1 
ATOM   39  C  C5    . C   A 1 2  ? -2.589  -4.005  6.748   1.00 13.75  ? 4   C   A C5    1 
ATOM   40  C  C6    . C   A 1 2  ? -3.798  -3.694  7.274   1.00 13.64  ? 4   C   A C6    1 
ATOM   41  P  P     . G   A 1 3  ? -8.388  -4.052  4.575   1.00 22.90  ? 5   G   A P     1 
ATOM   42  O  OP1   . G   A 1 3  ? -9.829  -4.271  4.238   1.00 26.59  ? 5   G   A OP1   1 
ATOM   43  O  OP2   . G   A 1 3  ? -7.405  -5.131  4.224   1.00 25.55  ? 5   G   A OP2   1 
ATOM   44  O  "O5'" . G   A 1 3  ? -7.884  -2.760  3.830   1.00 19.78  ? 5   G   A "O5'" 1 
ATOM   45  C  "C5'" . G   A 1 3  ? -8.712  -1.583  3.874   1.00 17.88  ? 5   G   A "C5'" 1 
ATOM   46  C  "C4'" . G   A 1 3  ? -7.916  -0.464  3.292   1.00 16.58  ? 5   G   A "C4'" 1 
ATOM   47  O  "O4'" . G   A 1 3  ? -6.717  -0.229  4.109   1.00 15.60  ? 5   G   A "O4'" 1 
ATOM   48  C  "C3'" . G   A 1 3  ? -7.377  -0.561  1.898   1.00 16.18  ? 5   G   A "C3'" 1 
ATOM   49  O  "O3'" . G   A 1 3  ? -8.437  -0.376  0.965   1.00 17.94  ? 5   G   A "O3'" 1 
ATOM   50  C  "C2'" . G   A 1 3  ? -6.377  0.597   1.909   1.00 14.84  ? 5   G   A "C2'" 1 
ATOM   51  O  "O2'" . G   A 1 3  ? -7.035  1.841   1.904   1.00 15.96  ? 5   G   A "O2'" 1 
ATOM   52  C  "C1'" . G   A 1 3  ? -5.740  0.358   3.284   1.00 14.55  ? 5   G   A "C1'" 1 
ATOM   53  N  N9    . G   A 1 3  ? -4.593  -0.555  3.174   1.00 13.35  ? 5   G   A N9    1 
ATOM   54  C  C8    . G   A 1 3  ? -4.522  -1.890  3.540   1.00 13.31  ? 5   G   A C8    1 
ATOM   55  N  N7    . G   A 1 3  ? -3.357  -2.380  3.285   1.00 13.16  ? 5   G   A N7    1 
ATOM   56  C  C5    . G   A 1 3  ? -2.641  -1.362  2.687   1.00 13.05  ? 5   G   A C5    1 
ATOM   57  C  C6    . G   A 1 3  ? -1.297  -1.333  2.181   1.00 12.32  ? 5   G   A C6    1 
ATOM   58  O  O6    . G   A 1 3  ? -0.498  -2.259  2.185   1.00 13.43  ? 5   G   A O6    1 
ATOM   59  N  N1    . G   A 1 3  ? -0.967  -0.095  1.657   1.00 13.50  ? 5   G   A N1    1 
ATOM   60  C  C2    . G   A 1 3  ? -1.797  0.982   1.614   1.00 12.94  ? 5   G   A C2    1 
ATOM   61  N  N2    . G   A 1 3  ? -1.311  2.086   1.033   1.00 14.08  ? 5   G   A N2    1 
ATOM   62  N  N3    . G   A 1 3  ? -3.039  0.978   2.092   1.00 13.30  ? 5   G   A N3    1 
ATOM   63  C  C4    . G   A 1 3  ? -3.397  -0.215  2.609   1.00 13.71  ? 5   G   A C4    1 
ATOM   64  P  P     . G   A 1 4  ? -8.210  -0.932  -0.511  1.00 20.05  ? 6   G   A P     1 
ATOM   65  O  OP1   . G   A 1 4  ? -9.421  -0.574  -1.286  1.00 21.66  ? 6   G   A OP1   1 
ATOM   66  O  OP2   . G   A 1 4  ? -7.727  -2.335  -0.436  1.00 24.02  ? 6   G   A OP2   1 
ATOM   67  O  "O5'" . G   A 1 4  ? -7.010  -0.090  -1.113  1.00 17.87  ? 6   G   A "O5'" 1 
ATOM   68  C  "C5'" . G   A 1 4  ? -7.166  1.315   -1.361  1.00 18.54  ? 6   G   A "C5'" 1 
ATOM   69  C  "C4'" . G   A 1 4  ? -5.903  1.817   -1.989  1.00 17.76  ? 6   G   A "C4'" 1 
ATOM   70  O  "O4'" . G   A 1 4  ? -4.770  1.661   -1.107  1.00 16.03  ? 6   G   A "O4'" 1 
ATOM   71  C  "C3'" . G   A 1 4  ? -5.485  1.056   -3.232  1.00 17.82  ? 6   G   A "C3'" 1 
ATOM   72  O  "O3'" . G   A 1 4  ? -6.306  1.461   -4.335  1.00 20.39  ? 6   G   A "O3'" 1 
ATOM   73  C  "C2'" . G   A 1 4  ? -4.034  1.491   -3.391  1.00 16.82  ? 6   G   A "C2'" 1 
ATOM   74  O  "O2'" . G   A 1 4  ? -3.904  2.829   -3.845  1.00 19.86  ? 6   G   A "O2'" 1 
ATOM   75  C  "C1'" . G   A 1 4  ? -3.630  1.385   -1.919  1.00 15.24  ? 6   G   A "C1'" 1 
ATOM   76  N  N9    . G   A 1 4  ? -3.062  0.109   -1.537  1.00 13.99  ? 6   G   A N9    1 
ATOM   77  C  C8    . G   A 1 4  ? -3.711  -0.972  -0.972  1.00 15.43  ? 6   G   A C8    1 
ATOM   78  N  N7    . G   A 1 4  ? -2.970  -2.000  -0.762  1.00 14.02  ? 6   G   A N7    1 
ATOM   79  C  C5    . G   A 1 4  ? -1.736  -1.569  -1.181  1.00 12.65  ? 6   G   A C5    1 
ATOM   80  C  C6    . G   A 1 4  ? -0.507  -2.254  -1.137  1.00 13.41  ? 6   G   A C6    1 
ATOM   81  O  O6    . G   A 1 4  ? -0.243  -3.410  -0.844  1.00 14.19  ? 6   G   A O6    1 
ATOM   82  N  N1    . G   A 1 4  ? 0.507   -1.493  -1.725  1.00 13.11  ? 6   G   A N1    1 
ATOM   83  C  C2    . G   A 1 4  ? 0.385   -0.231  -2.197  1.00 13.05  ? 6   G   A C2    1 
ATOM   84  N  N2    . G   A 1 4  ? 1.450   0.379   -2.715  1.00 14.32  ? 6   G   A N2    1 
ATOM   85  N  N3    . G   A 1 4  ? -0.772  0.436   -2.220  1.00 13.37  ? 6   G   A N3    1 
ATOM   86  C  C4    . G   A 1 4  ? -1.757  -0.302  -1.699  1.00 13.51  ? 6   G   A C4    1 
ATOM   87  P  P     . C   A 1 5  ? -6.469  0.453   -5.566  1.00 21.26  ? 7   C   A P     1 
ATOM   88  O  OP1   . C   A 1 5  ? -7.353  1.209   -6.506  1.00 29.24  ? 7   C   A OP1   1 
ATOM   89  O  OP2   . C   A 1 5  ? -6.751  -0.924  -5.136  1.00 23.14  ? 7   C   A OP2   1 
ATOM   90  O  "O5'" . C   A 1 5  ? -4.966  0.472   -6.077  1.00 20.73  ? 7   C   A "O5'" 1 
ATOM   91  C  "C5'" . C   A 1 5  ? -4.408  -0.660  -6.808  1.00 20.50  ? 7   C   A "C5'" 1 
ATOM   92  C  "C4'" . C   A 1 5  ? -3.053  -0.194  -7.214  1.00 17.71  ? 7   C   A "C4'" 1 
ATOM   93  O  "O4'" . C   A 1 5  ? -2.246  0.061   -6.032  1.00 16.82  ? 7   C   A "O4'" 1 
ATOM   94  C  "C3'" . C   A 1 5  ? -2.215  -1.188  -8.030  1.00 18.78  ? 7   C   A "C3'" 1 
ATOM   95  O  "O3'" . C   A 1 5  ? -2.620  -1.179  -9.403  1.00 19.72  ? 7   C   A "O3'" 1 
ATOM   96  C  "C2'" . C   A 1 5  ? -0.854  -0.533  -7.857  1.00 18.49  ? 7   C   A "C2'" 1 
ATOM   97  O  "O2'" . C   A 1 5  ? -0.710  0.625   -8.648  1.00 21.33  ? 7   C   A "O2'" 1 
ATOM   98  C  "C1'" . C   A 1 5  ? -0.879  -0.117  -6.370  1.00 16.38  ? 7   C   A "C1'" 1 
ATOM   99  N  N1    . C   A 1 5  ? -0.322  -1.259  -5.619  1.00 15.69  ? 7   C   A N1    1 
ATOM   100 C  C2    . C   A 1 5  ? 1.048   -1.424  -5.681  1.00 14.67  ? 7   C   A C2    1 
ATOM   101 O  O2    . C   A 1 5  ? 1.722   -0.613  -6.295  1.00 16.51  ? 7   C   A O2    1 
ATOM   102 N  N3    . C   A 1 5  ? 1.631   -2.468  -5.055  1.00 15.12  ? 7   C   A N3    1 
ATOM   103 C  C4    . C   A 1 5  ? 0.929   -3.337  -4.309  1.00 12.34  ? 7   C   A C4    1 
ATOM   104 N  N4    . C   A 1 5  ? 1.528   -4.395  -3.785  1.00 14.25  ? 7   C   A N4    1 
ATOM   105 C  C5    . C   A 1 5  ? -0.477  -3.127  -4.258  1.00 13.48  ? 7   C   A C5    1 
ATOM   106 C  C6    . C   A 1 5  ? -1.055  -2.064  -4.825  1.00 15.55  ? 7   C   A C6    1 
ATOM   107 P  P     . A   A 1 6  ? -2.387  -2.538  -10.248 1.00 21.23  ? 8   A   A P     1 
ATOM   108 O  OP1   . A   A 1 6  ? -1.027  -3.052  -9.971  1.00 20.04  ? 8   A   A OP1   1 
ATOM   109 O  OP2   . A   A 1 6  ? -2.793  -2.225  -11.630 1.00 24.09  ? 8   A   A OP2   1 
ATOM   110 O  "O5'" . A   A 1 6  ? -3.387  -3.590  -9.579  1.00 21.50  ? 8   A   A "O5'" 1 
ATOM   111 C  "C5'" . A   A 1 6  ? -4.802  -3.335  -9.691  1.00 23.87  ? 8   A   A "C5'" 1 
ATOM   112 C  "C4'" . A   A 1 6  ? -5.555  -4.629  -9.850  1.00 24.29  ? 8   A   A "C4'" 1 
ATOM   113 O  "O4'" . A   A 1 6  ? -5.448  -5.101  -11.205 1.00 26.92  ? 8   A   A "O4'" 1 
ATOM   114 C  "C3'" . A   A 1 6  ? -5.120  -5.797  -8.997  1.00 23.90  ? 8   A   A "C3'" 1 
ATOM   115 O  "O3'" . A   A 1 6  ? -5.833  -5.787  -7.793  1.00 24.10  ? 8   A   A "O3'" 1 
ATOM   116 C  "C2'" . A   A 1 6  ? -5.574  -7.025  -9.793  1.00 22.77  ? 8   A   A "C2'" 1 
ATOM   117 O  "O2'" . A   A 1 6  ? -6.984  -7.223  -9.774  1.00 29.78  ? 8   A   A "O2'" 1 
ATOM   118 C  "C1'" . A   A 1 6  ? -5.197  -6.489  -11.162 1.00 23.81  ? 8   A   A "C1'" 1 
ATOM   119 N  N9    . A   A 1 6  ? -3.867  -6.738  -11.666 1.00 21.84  ? 8   A   A N9    1 
ATOM   120 C  C8    . A   A 1 6  ? -3.033  -5.804  -12.254 1.00 21.64  ? 8   A   A C8    1 
ATOM   121 N  N7    . A   A 1 6  ? -1.902  -6.318  -12.651 1.00 21.73  ? 8   A   A N7    1 
ATOM   122 C  C5    . A   A 1 6  ? -1.991  -7.667  -12.335 1.00 19.86  ? 8   A   A C5    1 
ATOM   123 C  C6    . A   A 1 6  ? -1.086  -8.728  -12.510 1.00 18.05  ? 8   A   A C6    1 
ATOM   124 N  N6    . A   A 1 6  ? 0.095   -8.594  -13.083 1.00 22.08  ? 8   A   A N6    1 
ATOM   125 N  N1    . A   A 1 6  ? -1.471  -9.941  -12.092 1.00 19.94  ? 8   A   A N1    1 
ATOM   126 C  C2    . A   A 1 6  ? -2.704  -10.019 -11.530 1.00 21.58  ? 8   A   A C2    1 
ATOM   127 N  N3    . A   A 1 6  ? -3.648  -9.112  -11.282 1.00 20.10  ? 8   A   A N3    1 
ATOM   128 C  C4    . A   A 1 6  ? -3.199  -7.940  -11.747 1.00 18.96  ? 8   A   A C4    1 
ATOM   129 P  P     . C   A 1 7  ? -5.054  -5.984  -6.431  1.00 22.25  ? 9   C   A P     1 
ATOM   130 O  OP1   . C   A 1 7  ? -6.127  -6.238  -5.415  1.00 26.37  ? 9   C   A OP1   1 
ATOM   131 O  OP2   . C   A 1 7  ? -4.088  -4.857  -6.285  1.00 22.58  ? 9   C   A OP2   1 
ATOM   132 O  "O5'" . C   A 1 7  ? -4.161  -7.296  -6.604  1.00 20.06  ? 9   C   A "O5'" 1 
ATOM   133 C  "C5'" . C   A 1 7  ? -4.719  -8.604  -6.554  1.00 22.64  ? 9   C   A "C5'" 1 
ATOM   134 C  "C4'" . C   A 1 7  ? -3.608  -9.609  -6.693  1.00 22.16  ? 9   C   A "C4'" 1 
ATOM   135 O  "O4'" . C   A 1 7  ? -3.183  -9.635  -8.082  1.00 22.53  ? 9   C   A "O4'" 1 
ATOM   136 C  "C3'" . C   A 1 7  ? -2.318  -9.354  -5.926  1.00 19.02  ? 9   C   A "C3'" 1 
ATOM   137 O  "O3'" . C   A 1 7  ? -2.486  -9.804  -4.587  1.00 19.44  ? 9   C   A "O3'" 1 
ATOM   138 C  "C2'" . C   A 1 7  ? -1.306  -10.195 -6.704  1.00 18.98  ? 9   C   A "C2'" 1 
ATOM   139 O  "O2'" . C   A 1 7  ? -1.471  -11.582 -6.489  1.00 23.07  ? 9   C   A "O2'" 1 
ATOM   140 C  "C1'" . C   A 1 7  ? -1.775  -9.882  -8.101  1.00 21.22  ? 9   C   A "C1'" 1 
ATOM   141 N  N1    . C   A 1 7  ? -1.166  -8.680  -8.692  1.00 20.09  ? 9   C   A N1    1 
ATOM   142 C  C2    . C   A 1 7  ? 0.148   -8.767  -9.167  1.00 19.23  ? 9   C   A C2    1 
ATOM   143 O  O2    . C   A 1 7  ? 0.710   -9.851  -9.051  1.00 19.50  ? 9   C   A O2    1 
ATOM   144 N  N3    . C   A 1 7  ? 0.765   -7.699  -9.715  1.00 19.61  ? 9   C   A N3    1 
ATOM   145 C  C4    . C   A 1 7  ? 0.036   -6.585  -9.800  1.00 19.29  ? 9   C   A C4    1 
ATOM   146 N  N4    . C   A 1 7  ? 0.576   -5.524  -10.402 1.00 21.56  ? 9   C   A N4    1 
ATOM   147 C  C5    . C   A 1 7  ? -1.287  -6.473  -9.301  1.00 20.25  ? 9   C   A C5    1 
ATOM   148 C  C6    . C   A 1 7  ? -1.819  -7.503  -8.657  1.00 19.73  ? 9   C   A C6    1 
ATOM   149 P  P     . C   A 1 8  ? -1.689  -9.033  -3.425  1.00 17.99  ? 10  C   A P     1 
ATOM   150 O  OP1   . C   A 1 8  ? -2.193  -9.605  -2.180  1.00 21.19  ? 10  C   A OP1   1 
ATOM   151 O  OP2   . C   A 1 8  ? -1.651  -7.561  -3.687  1.00 17.77  ? 10  C   A OP2   1 
ATOM   152 O  "O5'" . C   A 1 8  ? -0.186  -9.514  -3.690  1.00 17.74  ? 10  C   A "O5'" 1 
ATOM   153 C  "C5'" . C   A 1 8  ? 0.273   -10.859 -3.453  1.00 18.07  ? 10  C   A "C5'" 1 
ATOM   154 C  "C4'" . C   A 1 8  ? 1.703   -10.966 -3.865  1.00 18.42  ? 10  C   A "C4'" 1 
ATOM   155 O  "O4'" . C   A 1 8  ? 1.898   -10.757 -5.274  1.00 17.90  ? 10  C   A "O4'" 1 
ATOM   156 C  "C3'" . C   A 1 8  ? 2.661   -10.010 -3.214  1.00 17.52  ? 10  C   A "C3'" 1 
ATOM   157 O  "O3'" . C   A 1 8  ? 2.900   -10.370 -1.872  1.00 17.25  ? 10  C   A "O3'" 1 
ATOM   158 C  "C2'" . C   A 1 8  ? 3.866   -10.113 -4.157  1.00 17.06  ? 10  C   A "C2'" 1 
ATOM   159 O  "O2'" . C   A 1 8  ? 4.558   -11.345 -3.993  1.00 19.70  ? 10  C   A "O2'" 1 
ATOM   160 C  "C1'" . C   A 1 8  ? 3.148   -10.118 -5.497  1.00 17.57  ? 10  C   A "C1'" 1 
ATOM   161 N  N1    . C   A 1 8  ? 2.918   -8.760  -6.019  1.00 15.98  ? 10  C   A N1    1 
ATOM   162 C  C2    . C   A 1 8  ? 4.014   -8.100  -6.578  1.00 16.95  ? 10  C   A C2    1 
ATOM   163 O  O2    . C   A 1 8  ? 5.103   -8.664  -6.574  1.00 17.11  ? 10  C   A O2    1 
ATOM   164 N  N3    . C   A 1 8  ? 3.812   -6.888  -7.125  1.00 17.01  ? 10  C   A N3    1 
ATOM   165 C  C4    . C   A 1 8  ? 2.642   -6.258  -7.003  1.00 16.60  ? 10  C   A C4    1 
ATOM   166 N  N4    . C   A 1 8  ? 2.524   -5.038  -7.546  1.00 17.23  ? 10  C   A N4    1 
ATOM   167 C  C5    . C   A 1 8  ? 1.509   -6.899  -6.384  1.00 16.29  ? 10  C   A C5    1 
ATOM   168 C  C6    . C   A 1 8  ? 1.706   -8.143  -5.953  1.00 17.07  ? 10  C   A C6    1 
ATOM   169 P  P     . G   A 1 9  ? 3.230   -9.234  -0.831  1.00 18.38  ? 11  G   A P     1 
ATOM   170 O  OP1   . G   A 1 9  ? 3.379   -9.947  0.473   1.00 20.89  ? 11  G   A OP1   1 
ATOM   171 O  OP2   . G   A 1 9  ? 2.246   -8.096  -0.938  1.00 18.04  ? 11  G   A OP2   1 
ATOM   172 O  "O5'" . G   A 1 9  ? 4.609   -8.622  -1.264  1.00 16.92  ? 11  G   A "O5'" 1 
ATOM   173 C  "C5'" . G   A 1 9  ? 5.771   -9.484  -1.216  1.00 19.57  ? 11  G   A "C5'" 1 
ATOM   174 C  "C4'" . G   A 1 9  ? 6.887   -8.810  -1.932  1.00 16.65  ? 11  G   A "C4'" 1 
ATOM   175 O  "O4'" . G   A 1 9  ? 6.521   -8.438  -3.264  1.00 16.32  ? 11  G   A "O4'" 1 
ATOM   176 C  "C3'" . G   A 1 9  ? 7.326   -7.477  -1.344  1.00 16.91  ? 11  G   A "C3'" 1 
ATOM   177 O  "O3'" . G   A 1 9  ? 8.100   -7.737  -0.228  1.00 17.76  ? 11  G   A "O3'" 1 
ATOM   178 C  "C2'" . G   A 1 9  ? 8.109   -6.880  -2.500  1.00 15.95  ? 11  G   A "C2'" 1 
ATOM   179 O  "O2'" . G   A 1 9  ? 9.378   -7.462  -2.613  1.00 18.61  ? 11  G   A "O2'" 1 
ATOM   180 C  "C1'" . G   A 1 9  ? 7.193   -7.265  -3.668  1.00 15.33  ? 11  G   A "C1'" 1 
ATOM   181 N  N9    . G   A 1 9  ? 6.186   -6.252  -4.022  1.00 15.65  ? 11  G   A N9    1 
ATOM   182 C  C8    . G   A 1 9  ? 4.844   -6.229  -3.710  1.00 14.88  ? 11  G   A C8    1 
ATOM   183 N  N7    . G   A 1 9  ? 4.257   -5.136  -4.208  1.00 13.64  ? 11  G   A N7    1 
ATOM   184 C  C5    . G   A 1 9  ? 5.257   -4.449  -4.843  1.00 14.16  ? 11  G   A C5    1 
ATOM   185 C  C6    . G   A 1 9  ? 5.209   -3.219  -5.526  1.00 14.76  ? 11  G   A C6    1 
ATOM   186 O  O6    . G   A 1 9  ? 4.244   -2.469  -5.762  1.00 15.90  ? 11  G   A O6    1 
ATOM   187 N  N1    . G   A 1 9  ? 6.452   -2.856  -6.002  1.00 15.74  ? 11  G   A N1    1 
ATOM   188 C  C2    . G   A 1 9  ? 7.603   -3.567  -5.854  1.00 17.55  ? 11  G   A C2    1 
ATOM   189 N  N2    . G   A 1 9  ? 8.704   -3.041  -6.388  1.00 20.70  ? 11  G   A N2    1 
ATOM   190 N  N3    . G   A 1 9  ? 7.648   -4.748  -5.191  1.00 16.22  ? 11  G   A N3    1 
ATOM   191 C  C4    . G   A 1 9  ? 6.444   -5.117  -4.734  1.00 14.44  ? 11  G   A C4    1 
ATOM   192 P  P     . U   A 1 10 ? 8.210   -6.694  0.979   1.00 18.53  ? 12  U   A P     1 
ATOM   193 O  OP1   . U   A 1 10 ? 8.638   -7.476  2.158   1.00 20.39  ? 12  U   A OP1   1 
ATOM   194 O  OP2   . U   A 1 10 ? 6.957   -5.913  1.113   1.00 19.77  ? 12  U   A OP2   1 
ATOM   195 O  "O5'" . U   A 1 10 ? 9.418   -5.780  0.485   1.00 22.88  ? 12  U   A "O5'" 1 
ATOM   196 C  "C5'" . U   A 1 10 ? 10.528  -5.458  1.333   1.00 20.91  ? 12  U   A "C5'" 1 
ATOM   197 C  "C4'" . U   A 1 10 ? 11.728  -6.029  0.639   1.00 21.79  ? 12  U   A "C4'" 1 
ATOM   198 O  "O4'" . U   A 1 10 ? 11.661  -7.469  0.798   1.00 23.15  ? 12  U   A "O4'" 1 
ATOM   199 C  "C3'" . U   A 1 10 ? 11.779  -5.926  -0.882  1.00 21.53  ? 12  U   A "C3'" 1 
ATOM   200 O  "O3'" . U   A 1 10 ? 12.325  -4.657  -1.182  1.00 23.27  ? 12  U   A "O3'" 1 
ATOM   201 C  "C2'" . U   A 1 10 ? 12.780  -7.035  -1.251  1.00 24.79  ? 12  U   A "C2'" 1 
ATOM   202 O  "O2'" . U   A 1 10 ? 14.128  -6.588  -1.294  1.00 30.12  ? 12  U   A "O2'" 1 
ATOM   203 C  "C1'" . U   A 1 10 ? 12.622  -8.015  -0.091  1.00 23.31  ? 12  U   A "C1'" 1 
ATOM   204 N  N1    . U   A 1 10 ? 12.129  -9.350  -0.464  1.00 23.96  ? 12  U   A N1    1 
ATOM   205 C  C2    . U   A 1 10 ? 13.042  -10.391 -0.558  1.00 21.66  ? 12  U   A C2    1 
ATOM   206 O  O2    . U   A 1 10 ? 14.237  -10.254 -0.353  1.00 24.89  ? 12  U   A O2    1 
ATOM   207 N  N3    . U   A 1 10 ? 12.507  -11.607 -0.903  1.00 21.71  ? 12  U   A N3    1 
ATOM   208 C  C4    . U   A 1 10 ? 11.156  -11.856 -1.153  1.00 19.53  ? 12  U   A C4    1 
ATOM   209 O  O4    . U   A 1 10 ? 10.834  -12.978 -1.507  1.00 23.43  ? 12  U   A O4    1 
ATOM   210 C  C5    . U   A 1 10 ? 10.279  -10.745 -1.002  1.00 19.74  ? 12  U   A C5    1 
ATOM   211 C  C6    . U   A 1 10 ? 10.803  -9.546  -0.731  1.00 23.85  ? 12  U   A C6    1 
ATOM   212 P  P     . C   A 1 11 ? 11.816  -3.865  -2.472  1.00 20.55  ? 13  C   A P     1 
ATOM   213 O  OP1   . C   A 1 11 ? 12.057  -4.723  -3.691  1.00 21.50  ? 13  C   A OP1   1 
ATOM   214 O  OP2   . C   A 1 11 ? 12.380  -2.487  -2.435  1.00 23.82  ? 13  C   A OP2   1 
ATOM   215 O  "O5'" . C   A 1 11 ? 10.249  -3.770  -2.305  1.00 18.21  ? 13  C   A "O5'" 1 
ATOM   216 C  "C5'" . C   A 1 11 ? 9.630   -2.867  -1.368  1.00 17.10  ? 13  C   A "C5'" 1 
ATOM   217 C  "C4'" . C   A 1 11 ? 8.812   -1.899  -2.177  1.00 15.89  ? 13  C   A "C4'" 1 
ATOM   218 O  "O4'" . C   A 1 11 ? 7.707   -2.587  -2.795  1.00 16.51  ? 13  C   A "O4'" 1 
ATOM   219 C  "C3'" . C   A 1 11 ? 8.114   -0.841  -1.340  1.00 14.99  ? 13  C   A "C3'" 1 
ATOM   220 O  "O3'" . C   A 1 11 ? 9.033   0.199   -1.067  1.00 17.69  ? 13  C   A "O3'" 1 
ATOM   221 C  "C2'" . C   A 1 11 ? 6.964   -0.415  -2.223  1.00 15.24  ? 13  C   A "C2'" 1 
ATOM   222 O  "O2'" . C   A 1 11 ? 7.448   0.423   -3.272  1.00 17.72  ? 13  C   A "O2'" 1 
ATOM   223 C  "C1'" . C   A 1 11 ? 6.551   -1.736  -2.805  1.00 15.68  ? 13  C   A "C1'" 1 
ATOM   224 N  N1    . C   A 1 11 ? 5.491   -2.451  -2.112  1.00 14.87  ? 13  C   A N1    1 
ATOM   225 C  C2    . C   A 1 11 ? 4.186   -1.975  -2.202  1.00 14.29  ? 13  C   A C2    1 
ATOM   226 O  O2    . C   A 1 11 ? 4.024   -0.916  -2.834  1.00 14.36  ? 13  C   A O2    1 
ATOM   227 N  N3    . C   A 1 11 ? 3.208   -2.611  -1.582  1.00 13.34  ? 13  C   A N3    1 
ATOM   228 C  C4    . C   A 1 11 ? 3.453   -3.754  -0.927  1.00 13.90  ? 13  C   A C4    1 
ATOM   229 N  N4    . C   A 1 11 ? 2.408   -4.360  -0.354  1.00 14.53  ? 13  C   A N4    1 
ATOM   230 C  C5    . C   A 1 11 ? 4.769   -4.206  -0.709  1.00 14.60  ? 13  C   A C5    1 
ATOM   231 C  C6    . C   A 1 11 ? 5.751   -3.563  -1.333  1.00 15.98  ? 13  C   A C6    1 
ATOM   232 P  P     . C   A 1 12 ? 8.772   1.165   0.191   1.00 18.28  ? 14  C   A P     1 
ATOM   233 O  OP1   . C   A 1 12 ? 9.944   2.089   0.118   1.00 19.97  ? 14  C   A OP1   1 
ATOM   234 O  OP2   . C   A 1 12 ? 8.512   0.374   1.400   1.00 18.13  ? 14  C   A OP2   1 
ATOM   235 O  "O5'" . C   A 1 12 ? 7.420   1.887   -0.109  1.00 17.08  ? 14  C   A "O5'" 1 
ATOM   236 C  "C5'" . C   A 1 12 ? 7.331   2.934   -1.063  1.00 18.39  ? 14  C   A "C5'" 1 
ATOM   237 C  "C4'" . C   A 1 12 ? 5.927   3.515   -1.075  1.00 16.60  ? 14  C   A "C4'" 1 
ATOM   238 O  "O4'" . C   A 1 12 ? 4.949   2.584   -1.582  1.00 15.61  ? 14  C   A "O4'" 1 
ATOM   239 C  "C3'" . C   A 1 12 ? 5.369   3.887   0.272   1.00 14.91  ? 14  C   A "C3'" 1 
ATOM   240 O  "O3'" . C   A 1 12 ? 5.913   5.128   0.701   1.00 17.57  ? 14  C   A "O3'" 1 
ATOM   241 C  "C2'" . C   A 1 12 ? 3.889   4.076   -0.063  1.00 15.14  ? 14  C   A "C2'" 1 
ATOM   242 O  "O2'" . C   A 1 12 ? 3.708   5.209   -0.922  1.00 17.41  ? 14  C   A "O2'" 1 
ATOM   243 C  "C1'" . C   A 1 12 ? 3.725   2.812   -0.895  1.00 13.58  ? 14  C   A "C1'" 1 
ATOM   244 N  N1    . C   A 1 12 ? 3.404   1.595   -0.153  1.00 13.20  ? 14  C   A N1    1 
ATOM   245 C  C2    . C   A 1 12 ? 2.063   1.410   0.216   1.00 13.01  ? 14  C   A C2    1 
ATOM   246 O  O2    . C   A 1 12 ? 1.262   2.317   -0.032  1.00 13.73  ? 14  C   A O2    1 
ATOM   247 N  N3    . C   A 1 12 ? 1.739   0.287   0.842   1.00 12.74  ? 14  C   A N3    1 
ATOM   248 C  C4    . C   A 1 12 ? 2.627   -0.637  1.210   1.00 12.89  ? 14  C   A C4    1 
ATOM   249 N  N4    . C   A 1 12 ? 2.259   -1.793  1.759   1.00 14.80  ? 14  C   A N4    1 
ATOM   250 C  C5    . C   A 1 12 ? 4.014   -0.388  0.906   1.00 12.67  ? 14  C   A C5    1 
ATOM   251 C  C6    . C   A 1 12 ? 4.364   0.707   0.276   1.00 14.76  ? 14  C   A C6    1 
ATOM   252 P  P     . G   A 1 13 ? 6.076   5.418   2.254   1.00 18.53  ? 15  G   A P     1 
ATOM   253 O  OP1   . G   A 1 13 ? 6.761   6.735   2.276   1.00 22.15  ? 15  G   A OP1   1 
ATOM   254 O  OP2   . G   A 1 13 ? 6.649   4.240   2.982   1.00 19.74  ? 15  G   A OP2   1 
ATOM   255 O  "O5'" . G   A 1 13 ? 4.566   5.565   2.746   1.00 17.01  ? 15  G   A "O5'" 1 
ATOM   256 C  "C5'" . G   A 1 13 ? 3.782   6.680   2.224   1.00 17.27  ? 15  G   A "C5'" 1 
ATOM   257 C  "C4'" . G   A 1 13 ? 2.358   6.508   2.693   1.00 16.04  ? 15  G   A "C4'" 1 
ATOM   258 O  "O4'" . G   A 1 13 ? 1.775   5.307   2.095   1.00 15.00  ? 15  G   A "O4'" 1 
ATOM   259 C  "C3'" . G   A 1 13 ? 2.188   6.258   4.171   1.00 16.21  ? 15  G   A "C3'" 1 
ATOM   260 O  "O3'" . G   A 1 13 ? 2.269   7.452   4.932   1.00 16.40  ? 15  G   A "O3'" 1 
ATOM   261 C  "C2'" . G   A 1 13 ? 0.767   5.719   4.190   1.00 14.58  ? 15  G   A "C2'" 1 
ATOM   262 O  "O2'" . G   A 1 13 ? -0.139  6.760   3.943   1.00 15.49  ? 15  G   A "O2'" 1 
ATOM   263 C  "C1'" . G   A 1 13 ? 0.822   4.799   2.996   1.00 13.66  ? 15  G   A "C1'" 1 
ATOM   264 N  N9    . G   A 1 13 ? 1.238   3.429   3.368   1.00 13.21  ? 15  G   A N9    1 
ATOM   265 C  C8    . G   A 1 13 ? 2.429   2.783   3.264   1.00 13.59  ? 15  G   A C8    1 
ATOM   266 N  N7    . G   A 1 13 ? 2.434   1.569   3.739   1.00 12.62  ? 15  G   A N7    1 
ATOM   267 C  C5    . G   A 1 13 ? 1.104   1.389   4.182   1.00 12.18  ? 15  G   A C5    1 
ATOM   268 C  C6    . G   A 1 13 ? 0.480   0.287   4.755   1.00 12.51  ? 15  G   A C6    1 
ATOM   269 O  O6    . G   A 1 13 ? 0.957   -0.848  4.983   1.00 13.71  ? 15  G   A O6    1 
ATOM   270 N  N1    . G   A 1 13 ? -0.854  0.502   5.094   1.00 12.35  ? 15  G   A N1    1 
ATOM   271 C  C2    . G   A 1 13 ? -1.487  1.703   4.847   1.00 12.58  ? 15  G   A C2    1 
ATOM   272 N  N2    . G   A 1 13 ? -2.762  1.731   5.256   1.00 12.91  ? 15  G   A N2    1 
ATOM   273 N  N3    . G   A 1 13 ? -0.913  2.734   4.276   1.00 13.66  ? 15  G   A N3    1 
ATOM   274 C  C4    . G   A 1 13 ? 0.378   2.531   3.967   1.00 13.11  ? 15  G   A C4    1 
ATOM   275 P  P     . C   A 1 14 ? 2.793   7.419   6.422   1.00 18.22  ? 16  C   A P     1 
ATOM   276 O  OP1   . C   A 1 14 ? 3.140   8.785   6.770   1.00 19.96  ? 16  C   A OP1   1 
ATOM   277 O  OP2   . C   A 1 14 ? 3.854   6.357   6.593   1.00 19.55  ? 16  C   A OP2   1 
ATOM   278 O  "O5'" . C   A 1 14 ? 1.566   6.877   7.277   1.00 16.87  ? 16  C   A "O5'" 1 
ATOM   279 C  "C5'" . C   A 1 14 ? 0.328   7.594   7.207   1.00 17.21  ? 16  C   A "C5'" 1 
ATOM   280 C  "C4'" . C   A 1 14 ? -0.798  6.703   7.617   1.00 16.15  ? 16  C   A "C4'" 1 
ATOM   281 O  "O4'" . C   A 1 14 ? -0.732  5.505   6.781   1.00 14.75  ? 16  C   A "O4'" 1 
ATOM   282 C  "C3'" . C   A 1 14 ? -0.797  6.119   9.041   1.00 17.01  ? 16  C   A "C3'" 1 
ATOM   283 O  "O3'" . C   A 1 14 ? -1.428  7.086   9.900   1.00 18.11  ? 16  C   A "O3'" 1 
ATOM   284 C  "C2'" . C   A 1 14 ? -1.742  4.918   8.830   1.00 15.52  ? 16  C   A "C2'" 1 
ATOM   285 O  "O2'" . C   A 1 14 ? -3.068  5.359   8.601   1.00 16.37  ? 16  C   A "O2'" 1 
ATOM   286 C  "C1'" . C   A 1 14 ? -1.167  4.389   7.553   1.00 14.46  ? 16  C   A "C1'" 1 
ATOM   287 N  N1    . C   A 1 14 ? -0.115  3.380   7.610   1.00 12.92  ? 16  C   A N1    1 
ATOM   288 C  C2    . C   A 1 14 ? -0.477  2.085   8.014   1.00 12.42  ? 16  C   A C2    1 
ATOM   289 O  O2    . C   A 1 14 ? -1.675  1.901   8.305   1.00 13.44  ? 16  C   A O2    1 
ATOM   290 N  N3    . C   A 1 14 ? 0.415   1.075   8.074   1.00 12.55  ? 16  C   A N3    1 
ATOM   291 C  C4    . C   A 1 14 ? 1.674   1.303   7.732   1.00 11.78  ? 16  C   A C4    1 
ATOM   292 N  N4    . C   A 1 14 ? 2.551   0.284   7.688   1.00 14.41  ? 16  C   A N4    1 
ATOM   293 C  C5    . C   A 1 14 ? 2.129   2.622   7.417   1.00 14.70  ? 16  C   A C5    1 
ATOM   294 C  C6    . C   A 1 14 ? 1.196   3.606   7.405   1.00 14.45  ? 16  C   A C6    1 
ATOM   295 P  P     . U   A 1 15 ? -1.063  7.125   11.451  1.00 19.81  ? 17  U   A P     1 
ATOM   296 O  OP1   . U   A 1 15 ? -1.631  8.376   11.983  1.00 23.37  ? 17  U   A OP1   1 
ATOM   297 O  OP2   . U   A 1 15 ? 0.366   6.801   11.673  1.00 20.68  ? 17  U   A OP2   1 
ATOM   298 O  "O5'" . U   A 1 15 ? -1.911  5.882   12.043  1.00 18.41  ? 17  U   A "O5'" 1 
ATOM   299 C  "C5'" . U   A 1 15 ? -3.320  5.749   11.822  1.00 18.28  ? 17  U   A "C5'" 1 
ATOM   300 C  "C4'" . U   A 1 15 ? -3.807  4.417   12.377  1.00 17.82  ? 17  U   A "C4'" 1 
ATOM   301 O  "O4'" . U   A 1 15 ? -3.084  3.337   11.727  1.00 17.10  ? 17  U   A "O4'" 1 
ATOM   302 C  "C3'" . U   A 1 15 ? -3.601  4.223   13.869  1.00 18.71  ? 17  U   A "C3'" 1 
ATOM   303 O  "O3'" . U   A 1 15 ? -4.662  3.384   14.297  1.00 22.48  ? 17  U   A "O3'" 1 
ATOM   304 C  "C2'" . U   A 1 15 ? -2.316  3.414   13.942  1.00 16.88  ? 17  U   A "C2'" 1 
ATOM   305 O  "O2'" . U   A 1 15 ? -2.177  2.676   15.137  1.00 17.75  ? 17  U   A "O2'" 1 
ATOM   306 C  "C1'" . U   A 1 15 ? -2.464  2.488   12.720  1.00 14.05  ? 17  U   A "C1'" 1 
ATOM   307 N  N1    . U   A 1 15 ? -1.127  2.102   12.226  1.00 13.81  ? 17  U   A N1    1 
ATOM   308 C  C2    . U   A 1 15 ? -0.742  0.785   12.362  1.00 14.31  ? 17  U   A C2    1 
ATOM   309 O  O2    . U   A 1 15 ? -1.423  -0.054  12.898  1.00 15.50  ? 17  U   A O2    1 
ATOM   310 N  N3    . U   A 1 15 ? 0.522   0.521   11.850  1.00 13.01  ? 17  U   A N3    1 
ATOM   311 C  C4    . U   A 1 15 ? 1.394   1.390   11.277  1.00 12.64  ? 17  U   A C4    1 
ATOM   312 O  O4    . U   A 1 15 ? 2.479   1.000   10.839  1.00 14.42  ? 17  U   A O4    1 
ATOM   313 C  C5    . U   A 1 15 ? 0.936   2.733   11.186  1.00 13.48  ? 17  U   A C5    1 
ATOM   314 C  C6    . U   A 1 15 ? -0.257  3.031   11.702  1.00 13.81  ? 17  U   A C6    1 
ATOM   315 P  P     . C   A 1 16 ? -5.809  3.949   15.225  1.00 32.00  ? 18  C   A P     1 
ATOM   316 O  OP1   . C   A 1 16 ? -6.060  5.330   14.787  1.00 39.77  ? 18  C   A OP1   1 
ATOM   317 O  OP2   . C   A 1 16 ? -5.457  3.730   16.651  1.00 43.96  ? 18  C   A OP2   1 
ATOM   318 O  "O5'" . C   A 1 16 ? -7.003  2.988   14.822  1.00 32.39  ? 18  C   A "O5'" 1 
ATOM   319 C  "C5'" . C   A 1 16 ? -7.716  2.972   13.593  1.00 29.91  ? 18  C   A "C5'" 1 
ATOM   320 C  "C4'" . C   A 1 16 ? -8.918  2.016   13.643  1.00 30.16  ? 18  C   A "C4'" 1 
ATOM   321 O  "O4'" . C   A 1 16 ? -8.355  0.664   13.497  1.00 38.80  ? 18  C   A "O4'" 1 
ATOM   322 C  "C3'" . C   A 1 16 ? -9.610  1.984   14.998  1.00 28.04  ? 18  C   A "C3'" 1 
ATOM   323 O  "O3'" . C   A 1 16 ? -11.026 1.864   14.835  1.00 27.39  ? 18  C   A "O3'" 1 
ATOM   324 C  "C2'" . C   A 1 16 ? -8.977  0.792   15.710  1.00 29.71  ? 18  C   A "C2'" 1 
ATOM   325 O  "O2'" . C   A 1 16 ? -9.829  0.285   16.707  1.00 35.76  ? 18  C   A "O2'" 1 
ATOM   326 C  "C1'" . C   A 1 16 ? -8.908  -0.168  14.516  1.00 41.14  ? 18  C   A "C1'" 1 
ATOM   327 N  N1    . C   A 1 16 ? -7.973  -1.288  14.647  1.00 42.19  ? 18  C   A N1    1 
ATOM   328 C  C2    . C   A 1 16 ? -8.469  -2.591  14.685  1.00 41.45  ? 18  C   A C2    1 
ATOM   329 O  O2    . C   A 1 16 ? -9.703  -2.694  14.635  1.00 44.75  ? 18  C   A O2    1 
ATOM   330 N  N3    . C   A 1 16 ? -7.599  -3.632  14.744  1.00 40.61  ? 18  C   A N3    1 
ATOM   331 C  C4    . C   A 1 16 ? -6.296  -3.418  14.903  1.00 36.12  ? 18  C   A C4    1 
ATOM   332 N  N4    . C   A 1 16 ? -5.488  -4.489  14.941  1.00 31.35  ? 18  C   A N4    1 
ATOM   333 C  C5    . C   A 1 16 ? -5.778  -2.088  14.893  1.00 31.61  ? 18  C   A C5    1 
ATOM   334 C  C6    . C   A 1 16 ? -6.628  -1.082  14.764  1.00 37.19  ? 18  C   A C6    1 
ATOM   335 P  P     . A   A 1 17 ? -11.981 3.038   15.284  1.00 21.32  ? 19  A   A P     1 
ATOM   336 O  OP1   . A   A 1 17 ? -11.389 3.806   16.416  1.00 22.72  ? 19  A   A OP1   1 
ATOM   337 O  OP2   . A   A 1 17 ? -13.332 2.454   15.393  1.00 25.92  ? 19  A   A OP2   1 
ATOM   338 O  "O5'" . A   A 1 17 ? -11.875 3.978   14.018  1.00 19.15  ? 19  A   A "O5'" 1 
ATOM   339 C  "C5'" . A   A 1 17 ? -12.609 3.769   12.811  1.00 19.05  ? 19  A   A "C5'" 1 
ATOM   340 C  "C4'" . A   A 1 17 ? -12.346 4.849   11.794  1.00 16.05  ? 19  A   A "C4'" 1 
ATOM   341 O  "O4'" . A   A 1 17 ? -12.858 6.125   12.271  1.00 16.77  ? 19  A   A "O4'" 1 
ATOM   342 C  "C3'" . A   A 1 17 ? -10.863 5.103   11.553  1.00 14.84  ? 19  A   A "C3'" 1 
ATOM   343 O  "O3'" . A   A 1 17 ? -10.663 5.649   10.258  1.00 15.04  ? 19  A   A "O3'" 1 
ATOM   344 C  "C2'" . A   A 1 17 ? -10.542 6.200   12.544  1.00 14.61  ? 19  A   A "C2'" 1 
ATOM   345 O  "O2'" . A   A 1 17 ? -9.365  6.943   12.313  1.00 14.58  ? 19  A   A "O2'" 1 
ATOM   346 C  "C1'" . A   A 1 17 ? -11.780 7.063   12.449  1.00 15.02  ? 19  A   A "C1'" 1 
ATOM   347 N  N9    . A   A 1 17 ? -12.130 7.857   13.612  1.00 14.74  ? 19  A   A N9    1 
ATOM   348 C  C8    . A   A 1 17 ? -11.815 7.607   14.941  1.00 14.84  ? 19  A   A C8    1 
ATOM   349 N  N7    . A   A 1 17 ? -12.332 8.520   15.738  1.00 15.46  ? 19  A   A N7    1 
ATOM   350 C  C5    . A   A 1 17 ? -12.927 9.432   14.895  1.00 13.55  ? 19  A   A C5    1 
ATOM   351 C  C6    . A   A 1 17 ? -13.633 10.624  15.167  1.00 13.87  ? 19  A   A C6    1 
ATOM   352 N  N6    . A   A 1 17 ? -13.802 11.102  16.406  1.00 14.44  ? 19  A   A N6    1 
ATOM   353 N  N1    . A   A 1 17 ? -14.123 11.316  14.105  1.00 13.42  ? 19  A   A N1    1 
ATOM   354 C  C2    . A   A 1 17 ? -13.949 10.824  12.889  1.00 13.62  ? 19  A   A C2    1 
ATOM   355 N  N3    . A   A 1 17 ? -13.305 9.697   12.530  1.00 13.46  ? 19  A   A N3    1 
ATOM   356 C  C4    . A   A 1 17 ? -12.828 9.051   13.594  1.00 13.53  ? 19  A   A C4    1 
ATOM   357 P  P     . A   A 1 18 ? -10.274 4.663   9.073   1.00 17.21  ? 20  A   A P     1 
ATOM   358 O  OP1   . A   A 1 18 ? -10.181 5.540   7.869   1.00 18.30  ? 20  A   A OP1   1 
ATOM   359 O  OP2   . A   A 1 18 ? -11.105 3.434   9.096   1.00 19.10  ? 20  A   A OP2   1 
ATOM   360 O  "O5'" . A   A 1 18 ? -8.828  4.128   9.456   1.00 16.19  ? 20  A   A "O5'" 1 
ATOM   361 C  "C5'" . A   A 1 18 ? -7.773  5.046   9.671   1.00 15.34  ? 20  A   A "C5'" 1 
ATOM   362 C  "C4'" . A   A 1 18 ? -6.460  4.349   9.397   1.00 14.12  ? 20  A   A "C4'" 1 
ATOM   363 O  "O4'" . A   A 1 18 ? -6.319  3.327   10.409  1.00 15.29  ? 20  A   A "O4'" 1 
ATOM   364 C  "C3'" . A   A 1 18 ? -6.363  3.550   8.091   1.00 14.35  ? 20  A   A "C3'" 1 
ATOM   365 O  "O3'" . A   A 1 18 ? -5.838  4.436   7.103   1.00 14.87  ? 20  A   A "O3'" 1 
ATOM   366 C  "C2'" . A   A 1 18 ? -5.378  2.445   8.448   1.00 15.04  ? 20  A   A "C2'" 1 
ATOM   367 O  "O2'" . A   A 1 18 ? -4.057  2.967   8.343   1.00 16.57  ? 20  A   A "O2'" 1 
ATOM   368 C  "C1'" . A   A 1 18 ? -5.688  2.174   9.907   1.00 15.87  ? 20  A   A "C1'" 1 
ATOM   369 N  N9    . A   A 1 18 ? -6.583  1.059   10.182  1.00 14.86  ? 20  A   A N9    1 
ATOM   370 C  C8    . A   A 1 18 ? -7.945  0.986   9.968   1.00 18.71  ? 20  A   A C8    1 
ATOM   371 N  N7    . A   A 1 18 ? -8.441  -0.175  10.366  1.00 18.58  ? 20  A   A N7    1 
ATOM   372 C  C5    . A   A 1 18 ? -7.362  -0.888  10.831  1.00 16.18  ? 20  A   A C5    1 
ATOM   373 C  C6    . A   A 1 18 ? -7.275  -2.192  11.373  1.00 18.46  ? 20  A   A C6    1 
ATOM   374 N  N6    . A   A 1 18 ? -8.291  -3.016  11.500  1.00 20.02  ? 20  A   A N6    1 
ATOM   375 N  N1    . A   A 1 18 ? -6.071  -2.579  11.766  1.00 16.47  ? 20  A   A N1    1 
ATOM   376 C  C2    . A   A 1 18 ? -5.069  -1.736  11.614  1.00 16.78  ? 20  A   A C2    1 
ATOM   377 N  N3    . A   A 1 18 ? -4.974  -0.523  11.142  1.00 14.48  ? 20  A   A N3    1 
ATOM   378 C  C4    . A   A 1 18 ? -6.203  -0.141  10.727  1.00 14.26  ? 20  A   A C4    1 
ATOM   379 P  P     . A   A 1 19 ? -6.007  4.213   5.533   1.00 15.61  ? 21  A   A P     1 
ATOM   380 O  OP1   . A   A 1 19 ? -7.150  3.295   5.254   1.00 17.46  ? 21  A   A OP1   1 
ATOM   381 O  OP2   . A   A 1 19 ? -4.690  3.955   4.926   1.00 16.21  ? 21  A   A OP2   1 
ATOM   382 O  "O5'" . A   A 1 19 ? -6.340  5.693   5.084   1.00 16.58  ? 21  A   A "O5'" 1 
ATOM   383 C  "C5'" . A   A 1 19 ? -7.580  6.262   5.529   1.00 18.36  ? 21  A   A "C5'" 1 
ATOM   384 C  "C4'" . A   A 1 19 ? -7.500  7.762   5.380   1.00 16.87  ? 21  A   A "C4'" 1 
ATOM   385 O  "O4'" . A   A 1 19 ? -6.407  8.281   6.186   1.00 17.86  ? 21  A   A "O4'" 1 
ATOM   386 C  "C3'" . A   A 1 19 ? -7.135  8.233   3.975   1.00 17.58  ? 21  A   A "C3'" 1 
ATOM   387 O  "O3'" . A   A 1 19 ? -8.362  8.255   3.197   1.00 20.92  ? 21  A   A "O3'" 1 
ATOM   388 C  "C2'" . A   A 1 19 ? -6.719  9.683   4.275   1.00 18.10  ? 21  A   A "C2'" 1 
ATOM   389 O  "O2'" . A   A 1 19 ? -7.842  10.490  4.608   1.00 19.48  ? 21  A   A "O2'" 1 
ATOM   390 C  "C1'" . A   A 1 19 ? -5.868  9.399   5.511   1.00 18.28  ? 21  A   A "C1'" 1 
ATOM   391 N  N9    . A   A 1 19 ? -4.469  9.122   5.213   1.00 16.74  ? 21  A   A N9    1 
ATOM   392 C  C8    . A   A 1 19 ? -3.740  7.972   5.280   1.00 16.78  ? 21  A   A C8    1 
ATOM   393 N  N7    . A   A 1 19 ? -2.470  8.103   4.942   1.00 16.58  ? 21  A   A N7    1 
ATOM   394 C  C5    . A   A 1 19 ? -2.379  9.442   4.626   1.00 16.75  ? 21  A   A C5    1 
ATOM   395 C  C6    . A   A 1 19 ? -1.280  10.187  4.194   1.00 16.55  ? 21  A   A C6    1 
ATOM   396 N  N6    . A   A 1 19 ? -0.071  9.684   4.054   1.00 17.37  ? 21  A   A N6    1 
ATOM   397 N  N1    . A   A 1 19 ? -1.481  11.498  3.978   1.00 18.23  ? 21  A   A N1    1 
ATOM   398 C  C2    . A   A 1 19 ? -2.718  11.965  4.183   1.00 18.18  ? 21  A   A C2    1 
ATOM   399 N  N3    . A   A 1 19 ? -3.852  11.376  4.565   1.00 17.94  ? 21  A   A N3    1 
ATOM   400 C  C4    . A   A 1 19 ? -3.576  10.083  4.808   1.00 17.07  ? 21  A   A C4    1 
ATOM   401 P  P     . C   A 1 20 ? -8.214  8.118   1.620   1.00 21.36  ? 22  C   A P     1 
ATOM   402 O  OP1   . C   A 1 20 ? -9.585  8.057   1.082   1.00 24.76  ? 22  C   A OP1   1 
ATOM   403 O  OP2   . C   A 1 20 ? -7.286  6.997   1.268   1.00 22.41  ? 22  C   A OP2   1 
ATOM   404 O  "O5'" . C   A 1 20 ? -7.458  9.428   1.185   1.00 19.23  ? 22  C   A "O5'" 1 
ATOM   405 C  "C5'" . C   A 1 20 ? -8.037  10.717  1.376   1.00 20.48  ? 22  C   A "C5'" 1 
ATOM   406 C  "C4'" . C   A 1 20 ? -7.062  11.716  0.859   1.00 19.90  ? 22  C   A "C4'" 1 
ATOM   407 O  "O4'" . C   A 1 20 ? -5.904  11.693  1.734   1.00 19.18  ? 22  C   A "O4'" 1 
ATOM   408 C  "C3'" . C   A 1 20 ? -6.454  11.508  -0.505  1.00 20.34  ? 22  C   A "C3'" 1 
ATOM   409 O  "O3'" . C   A 1 20 ? -7.390  11.987  -1.472  1.00 20.41  ? 22  C   A "O3'" 1 
ATOM   410 C  "C2'" . C   A 1 20 ? -5.206  12.413  -0.431  1.00 18.59  ? 22  C   A "C2'" 1 
ATOM   411 O  "O2'" . C   A 1 20 ? -5.503  13.807  -0.530  1.00 22.80  ? 22  C   A "O2'" 1 
ATOM   412 C  "C1'" . C   A 1 20 ? -4.762  12.044  0.966   1.00 18.49  ? 22  C   A "C1'" 1 
ATOM   413 N  N1    . C   A 1 20 ? -3.788  10.932  1.002   1.00 18.85  ? 22  C   A N1    1 
ATOM   414 C  C2    . C   A 1 20 ? -2.458  11.244  0.713   1.00 21.14  ? 22  C   A C2    1 
ATOM   415 O  O2    . C   A 1 20 ? -2.206  12.429  0.447   1.00 22.43  ? 22  C   A O2    1 
ATOM   416 N  N3    . C   A 1 20 ? -1.545  10.250  0.681   1.00 19.75  ? 22  C   A N3    1 
ATOM   417 C  C4    . C   A 1 20 ? -1.886  9.004   1.096   1.00 17.35  ? 22  C   A C4    1 
ATOM   418 N  N4    . C   A 1 20 ? -0.940  8.058   1.107   1.00 18.92  ? 22  C   A N4    1 
ATOM   419 C  C5    . C   A 1 20 ? -3.249  8.644   1.270   1.00 18.40  ? 22  C   A C5    1 
ATOM   420 C  C6    . C   A 1 20 ? -4.152  9.660   1.269   1.00 17.37  ? 22  C   A C6    1 
ATOM   421 P  P     . A   A 1 21 ? -7.358  11.211  -2.891  1.00 19.86  ? 23  A   A P     1 
ATOM   422 O  OP1   . A   A 1 21 ? -8.364  11.926  -3.710  1.00 23.60  ? 23  A   A OP1   1 
ATOM   423 O  OP2   . A   A 1 21 ? -7.536  9.764   -2.659  1.00 20.56  ? 23  A   A OP2   1 
ATOM   424 O  "O5'" . A   A 1 21 ? -5.913  11.520  -3.412  1.00 19.03  ? 23  A   A "O5'" 1 
ATOM   425 C  "C5'" . A   A 1 21 ? -5.146  10.547  -4.129  1.00 17.40  ? 23  A   A "C5'" 1 
ATOM   426 C  "C4'" . A   A 1 21 ? -3.689  10.946  -3.968  1.00 19.13  ? 23  A   A "C4'" 1 
ATOM   427 O  "O4'" . A   A 1 21 ? -3.194  10.501  -2.643  1.00 17.06  ? 23  A   A "O4'" 1 
ATOM   428 C  "C3'" . A   A 1 21 ? -2.775  10.173  -4.917  1.00 18.58  ? 23  A   A "C3'" 1 
ATOM   429 O  "O3'" . A   A 1 21 ? -2.816  10.807  -6.193  1.00 18.93  ? 23  A   A "O3'" 1 
ATOM   430 C  "C2'" . A   A 1 21 ? -1.453  10.335  -4.207  1.00 18.25  ? 23  A   A "C2'" 1 
ATOM   431 O  "O2'" . A   A 1 21 ? -0.892  11.633  -4.294  1.00 19.61  ? 23  A   A "O2'" 1 
ATOM   432 C  "C1'" . A   A 1 21 ? -1.886  10.071  -2.774  1.00 16.74  ? 23  A   A "C1'" 1 
ATOM   433 N  N9    . A   A 1 21 ? -1.804  8.671   -2.368  1.00 15.75  ? 23  A   A N9    1 
ATOM   434 C  C8    . A   A 1 21 ? -2.827  7.818   -2.091  1.00 15.80  ? 23  A   A C8    1 
ATOM   435 N  N7    . A   A 1 21 ? -2.436  6.608   -1.727  1.00 15.64  ? 23  A   A N7    1 
ATOM   436 C  C5    . A   A 1 21 ? -1.062  6.707   -1.753  1.00 15.90  ? 23  A   A C5    1 
ATOM   437 C  C6    . A   A 1 21 ? -0.031  5.827   -1.441  1.00 14.54  ? 23  A   A C6    1 
ATOM   438 N  N6    . A   A 1 21 ? -0.245  4.577   -1.048  1.00 17.26  ? 23  A   A N6    1 
ATOM   439 N  N1    . A   A 1 21 ? 1.242   6.241   -1.577  1.00 16.46  ? 23  A   A N1    1 
ATOM   440 C  C2    . A   A 1 21 ? 1.482   7.498   -1.962  1.00 17.22  ? 23  A   A C2    1 
ATOM   441 N  N3    . A   A 1 21 ? 0.594   8.424   -2.277  1.00 16.80  ? 23  A   A N3    1 
ATOM   442 C  C4    . A   A 1 21 ? -0.656  7.972   -2.146  1.00 15.96  ? 23  A   A C4    1 
ATOM   443 P  P     . A   A 1 22 ? -2.622  9.896   -7.496  1.00 19.64  ? 24  A   A P     1 
ATOM   444 O  OP1   . A   A 1 22 ? -2.835  10.819  -8.617  1.00 23.77  ? 24  A   A OP1   1 
ATOM   445 O  OP2   . A   A 1 22 ? -3.410  8.646   -7.383  1.00 20.07  ? 24  A   A OP2   1 
ATOM   446 O  "O5'" . A   A 1 22 ? -1.122  9.377   -7.397  1.00 20.28  ? 24  A   A "O5'" 1 
ATOM   447 C  "C5'" . A   A 1 22 ? -0.073  10.301  -7.479  1.00 21.08  ? 24  A   A "C5'" 1 
ATOM   448 C  "C4'" . A   A 1 22 ? 1.241   9.614   -7.220  1.00 20.57  ? 24  A   A "C4'" 1 
ATOM   449 O  "O4'" . A   A 1 22 ? 1.184   9.101   -5.858  1.00 19.13  ? 24  A   A "O4'" 1 
ATOM   450 C  "C3'" . A   A 1 22 ? 1.584   8.385   -8.029  1.00 20.90  ? 24  A   A "C3'" 1 
ATOM   451 O  "O3'" . A   A 1 22 ? 2.265   8.858   -9.189  1.00 26.37  ? 24  A   A "O3'" 1 
ATOM   452 C  "C2'" . A   A 1 22 ? 2.568   7.686   -7.094  1.00 19.23  ? 24  A   A "C2'" 1 
ATOM   453 O  "O2'" . A   A 1 22 ? 3.807   8.332   -6.970  1.00 24.52  ? 24  A   A "O2'" 1 
ATOM   454 C  "C1'" . A   A 1 22 ? 1.882   7.862   -5.756  1.00 18.90  ? 24  A   A "C1'" 1 
ATOM   455 N  N9    . A   A 1 22 ? 0.905   6.848   -5.438  1.00 18.11  ? 24  A   A N9    1 
ATOM   456 C  C8    . A   A 1 22 ? -0.482  6.887   -5.563  1.00 18.24  ? 24  A   A C8    1 
ATOM   457 N  N7    . A   A 1 22 ? -1.002  5.742   -5.147  1.00 16.84  ? 24  A   A N7    1 
ATOM   458 C  C5    . A   A 1 22 ? 0.059   4.967   -4.702  1.00 14.69  ? 24  A   A C5    1 
ATOM   459 C  C6    . A   A 1 22 ? 0.140   3.647   -4.179  1.00 15.76  ? 24  A   A C6    1 
ATOM   460 N  N6    . A   A 1 22 ? -0.918  2.887   -3.950  1.00 17.19  ? 24  A   A N6    1 
ATOM   461 N  N1    . A   A 1 22 ? 1.354   3.178   -3.865  1.00 15.75  ? 24  A   A N1    1 
ATOM   462 C  C2    . A   A 1 22 ? 2.409   3.955   -4.091  1.00 17.47  ? 24  A   A C2    1 
ATOM   463 N  N3    . A   A 1 22 ? 2.494   5.188   -4.602  1.00 16.69  ? 24  A   A N3    1 
ATOM   464 C  C4    . A   A 1 22 ? 1.246   5.626   -4.900  1.00 16.49  ? 24  A   A C4    1 
ATOM   465 P  P     . A   A 1 23 ? 1.823   8.135   -10.539 1.00 31.68  ? 25  A   A P     1 
ATOM   466 O  OP1   . A   A 1 23 ? 2.753   8.594   -11.598 1.00 46.11  ? 25  A   A OP1   1 
ATOM   467 O  OP2   . A   A 1 23 ? 0.376   8.353   -10.721 1.00 45.01  ? 25  A   A OP2   1 
ATOM   468 O  "O5'" . A   A 1 23 ? 2.123   6.630   -10.264 1.00 41.85  ? 25  A   A "O5'" 1 
ATOM   469 C  "C5'" . A   A 1 23 ? 3.220   6.077   -11.035 1.00 50.23  ? 25  A   A "C5'" 1 
ATOM   470 C  "C4'" . A   A 1 23 ? 4.583   6.291   -10.427 1.00 40.49  ? 25  A   A "C4'" 1 
ATOM   471 O  "O4'" . A   A 1 23 ? 4.572   6.371   -8.975  1.00 30.75  ? 25  A   A "O4'" 1 
ATOM   472 C  "C3'" . A   A 1 23 ? 5.523   5.098   -10.733 1.00 33.76  ? 25  A   A "C3'" 1 
ATOM   473 O  "O3'" . A   A 1 23 ? 6.325   5.410   -11.868 1.00 36.71  ? 25  A   A "O3'" 1 
ATOM   474 C  "C2'" . A   A 1 23 ? 6.524   5.132   -9.587  1.00 33.06  ? 25  A   A "C2'" 1 
ATOM   475 O  "O2'" . A   A 1 23 ? 7.476   6.160   -9.727  1.00 40.46  ? 25  A   A "O2'" 1 
ATOM   476 C  "C1'" . A   A 1 23 ? 5.587   5.527   -8.487  1.00 29.92  ? 25  A   A "C1'" 1 
ATOM   477 N  N9    . A   A 1 23 ? 4.980   4.380   -7.825  1.00 24.38  ? 25  A   A N9    1 
ATOM   478 C  C8    . A   A 1 23 ? 3.731   3.898   -8.091  1.00 23.85  ? 25  A   A C8    1 
ATOM   479 N  N7    . A   A 1 23 ? 3.398   2.896   -7.321  1.00 20.28  ? 25  A   A N7    1 
ATOM   480 C  C5    . A   A 1 23 ? 4.553   2.723   -6.534  1.00 20.15  ? 25  A   A C5    1 
ATOM   481 C  C6    . A   A 1 23 ? 4.866   1.789   -5.532  1.00 18.36  ? 25  A   A C6    1 
ATOM   482 N  N6    . A   A 1 23 ? 3.994   0.861   -5.145  1.00 17.05  ? 25  A   A N6    1 
ATOM   483 N  N1    . A   A 1 23 ? 6.068   1.856   -4.940  1.00 20.39  ? 25  A   A N1    1 
ATOM   484 C  C2    . A   A 1 23 ? 6.908   2.820   -5.346  1.00 23.70  ? 25  A   A C2    1 
ATOM   485 N  N3    . A   A 1 23 ? 6.755   3.767   -6.293  1.00 23.90  ? 25  A   A N3    1 
ATOM   486 C  C4    . A   A 1 23 ? 5.531   3.638   -6.835  1.00 21.58  ? 25  A   A C4    1 
ATOM   487 P  P     . C   A 1 24 ? 6.710   4.167   -12.839 1.00 37.24  ? 26  C   A P     1 
ATOM   488 O  OP1   . C   A 1 24 ? 7.441   4.819   -13.973 1.00 47.46  ? 26  C   A OP1   1 
ATOM   489 O  OP2   . C   A 1 24 ? 5.478   3.354   -13.016 1.00 42.31  ? 26  C   A OP2   1 
ATOM   490 O  "O5'" . C   A 1 24 ? 7.773   3.284   -12.040 1.00 38.50  ? 26  C   A "O5'" 1 
ATOM   491 C  "C5'" . C   A 1 24 ? 9.110   3.808   -11.824 1.00 37.42  ? 26  C   A "C5'" 1 
ATOM   492 C  "C4'" . C   A 1 24 ? 9.782   2.907   -10.824 1.00 35.68  ? 26  C   A "C4'" 1 
ATOM   493 O  "O4'" . C   A 1 24 ? 9.083   2.887   -9.546  1.00 33.69  ? 26  C   A "O4'" 1 
ATOM   494 C  "C3'" . C   A 1 24 ? 9.815   1.419   -11.206 1.00 32.59  ? 26  C   A "C3'" 1 
ATOM   495 O  "O3'" . C   A 1 24 ? 10.774  1.161   -12.219 1.00 38.79  ? 26  C   A "O3'" 1 
ATOM   496 C  "C2'" . C   A 1 24 ? 10.160  0.803   -9.856  1.00 30.02  ? 26  C   A "C2'" 1 
ATOM   497 O  "O2'" . C   A 1 24 ? 11.523  1.013   -9.508  1.00 38.38  ? 26  C   A "O2'" 1 
ATOM   498 C  "C1'" . C   A 1 24 ? 9.233   1.610   -8.957  1.00 27.62  ? 26  C   A "C1'" 1 
ATOM   499 N  N1    . C   A 1 24 ? 7.893   1.047   -8.789  1.00 25.13  ? 26  C   A N1    1 
ATOM   500 C  C2    . C   A 1 24 ? 7.716   0.066   -7.808  1.00 22.18  ? 26  C   A C2    1 
ATOM   501 O  O2    . C   A 1 24 ? 8.694   -0.295  -7.107  1.00 23.47  ? 26  C   A O2    1 
ATOM   502 N  N3    . C   A 1 24 ? 6.492   -0.463  -7.635  1.00 19.18  ? 26  C   A N3    1 
ATOM   503 C  C4    . C   A 1 24 ? 5.452   -0.132  -8.386  1.00 19.93  ? 26  C   A C4    1 
ATOM   504 N  N4    . C   A 1 24 ? 4.281   -0.685  -8.039  1.00 18.97  ? 26  C   A N4    1 
ATOM   505 C  C5    . C   A 1 24 ? 5.578   0.899   -9.376  1.00 24.33  ? 26  C   A C5    1 
ATOM   506 C  C6    . C   A 1 24 ? 6.808   1.462   -9.531  1.00 25.18  ? 26  C   A C6    1 
ATOM   507 P  P     . G   A 1 25 ? 10.532  -0.057  -13.216 1.00 38.65  ? 27  G   A P     1 
ATOM   508 O  OP1   . G   A 1 25 ? 11.499  0.057   -14.327 1.00 46.40  ? 27  G   A OP1   1 
ATOM   509 O  OP2   . G   A 1 25 ? 9.091   -0.216  -13.567 1.00 42.31  ? 27  G   A OP2   1 
ATOM   510 O  "O5'" . G   A 1 25 ? 10.884  -1.325  -12.325 1.00 35.58  ? 27  G   A "O5'" 1 
ATOM   511 C  "C5'" . G   A 1 25 ? 12.194  -1.604  -11.816 1.00 34.52  ? 27  G   A "C5'" 1 
ATOM   512 C  "C4'" . G   A 1 25 ? 12.118  -2.843  -10.951 1.00 31.45  ? 27  G   A "C4'" 1 
ATOM   513 O  "O4'" . G   A 1 25 ? 11.142  -2.592  -9.888  1.00 28.55  ? 27  G   A "O4'" 1 
ATOM   514 C  "C3'" . G   A 1 25 ? 11.523  -4.097  -11.605 1.00 31.01  ? 27  G   A "C3'" 1 
ATOM   515 O  "O3'" . G   A 1 25 ? 12.453  -4.746  -12.451 1.00 34.42  ? 27  G   A "O3'" 1 
ATOM   516 C  "C2'" . G   A 1 25 ? 11.150  -4.940  -10.397 1.00 25.10  ? 27  G   A "C2'" 1 
ATOM   517 O  "O2'" . G   A 1 25 ? 12.232  -5.513  -9.691  1.00 27.07  ? 27  G   A "O2'" 1 
ATOM   518 C  "C1'" . G   A 1 25 ? 10.527  -3.845  -9.584  1.00 25.13  ? 27  G   A "C1'" 1 
ATOM   519 N  N9    . G   A 1 25 ? 9.103   -3.637  -9.642  1.00 23.22  ? 27  G   A N9    1 
ATOM   520 C  C8    . G   A 1 25 ? 8.481   -2.570  -10.243 1.00 25.42  ? 27  G   A C8    1 
ATOM   521 N  N7    . G   A 1 25 ? 7.173   -2.673  -10.136 1.00 24.19  ? 27  G   A N7    1 
ATOM   522 C  C5    . G   A 1 25 ? 6.970   -3.837  -9.403  1.00 20.67  ? 27  G   A C5    1 
ATOM   523 C  C6    . G   A 1 25 ? 5.756   -4.438  -8.950  1.00 20.97  ? 27  G   A C6    1 
ATOM   524 O  O6    . G   A 1 25 ? 4.589   -4.083  -9.120  1.00 20.49  ? 27  G   A O6    1 
ATOM   525 N  N1    . G   A 1 25 ? 6.015   -5.626  -8.289  1.00 18.21  ? 27  G   A N1    1 
ATOM   526 C  C2    . G   A 1 25 ? 7.265   -6.143  -8.050  1.00 18.59  ? 27  G   A C2    1 
ATOM   527 N  N2    . G   A 1 25 ? 7.308   -7.303  -7.395  1.00 17.77  ? 27  G   A N2    1 
ATOM   528 N  N3    . G   A 1 25 ? 8.397   -5.607  -8.444  1.00 19.95  ? 27  G   A N3    1 
ATOM   529 C  C4    . G   A 1 25 ? 8.144   -4.451  -9.097  1.00 21.86  ? 27  G   A C4    1 
ATOM   530 P  P     . G   A 1 26 ? 11.861  -5.630  -13.635 1.00 39.65  ? 28  G   A P     1 
ATOM   531 O  OP1   . G   A 1 26 ? 13.078  -6.287  -14.206 1.00 46.70  ? 28  G   A OP1   1 
ATOM   532 O  OP2   . G   A 1 26 ? 10.988  -4.884  -14.553 1.00 44.02  ? 28  G   A OP2   1 
ATOM   533 O  "O5'" . G   A 1 26 ? 10.996  -6.760  -12.926 1.00 33.19  ? 28  G   A "O5'" 1 
ATOM   534 C  "C5'" . G   A 1 26 ? 11.609  -7.851  -12.207 1.00 31.91  ? 28  G   A "C5'" 1 
ATOM   535 C  "C4'" . G   A 1 26 ? 10.583  -8.804  -11.659 1.00 27.77  ? 28  G   A "C4'" 1 
ATOM   536 O  "O4'" . G   A 1 26 ? 9.712   -8.085  -10.736 1.00 26.39  ? 28  G   A "O4'" 1 
ATOM   537 C  "C3'" . G   A 1 26 ? 9.561   -9.360  -12.644 1.00 29.91  ? 28  G   A "C3'" 1 
ATOM   538 O  "O3'" . G   A 1 26 ? 10.049  -10.420 -13.456 1.00 34.16  ? 28  G   A "O3'" 1 
ATOM   539 C  "C2'" . G   A 1 26 ? 8.536   -9.911  -11.646 1.00 27.21  ? 28  G   A "C2'" 1 
ATOM   540 O  "O2'" . G   A 1 26 ? 8.999   -11.117 -11.069 1.00 29.33  ? 28  G   A "O2'" 1 
ATOM   541 C  "C1'" . G   A 1 26 ? 8.455   -8.739  -10.642 1.00 24.35  ? 28  G   A "C1'" 1 
ATOM   542 N  N9    . G   A 1 26 ? 7.391   -7.794  -11.027 1.00 23.69  ? 28  G   A N9    1 
ATOM   543 C  C8    . G   A 1 26 ? 7.497   -6.654  -11.775 1.00 25.10  ? 28  G   A C8    1 
ATOM   544 N  N7    . G   A 1 26 ? 6.353   -6.056  -11.953 1.00 27.10  ? 28  G   A N7    1 
ATOM   545 C  C5    . G   A 1 26 ? 5.435   -6.876  -11.312 1.00 23.86  ? 28  G   A C5    1 
ATOM   546 C  C6    . G   A 1 26 ? 4.040   -6.769  -11.155 1.00 24.50  ? 28  G   A C6    1 
ATOM   547 O  O6    . G   A 1 26 ? 3.290   -5.881  -11.597 1.00 26.59  ? 28  G   A O6    1 
ATOM   548 N  N1    . G   A 1 26 ? 3.523   -7.813  -10.421 1.00 23.23  ? 28  G   A N1    1 
ATOM   549 C  C2    . G   A 1 26 ? 4.234   -8.868  -9.884  1.00 21.30  ? 28  G   A C2    1 
ATOM   550 N  N2    . G   A 1 26 ? 3.573   -9.808  -9.194  1.00 23.14  ? 28  G   A N2    1 
ATOM   551 N  N3    . G   A 1 26 ? 5.537   -8.978  -10.018 1.00 21.30  ? 28  G   A N3    1 
ATOM   552 C  C4    . G   A 1 26 ? 6.058   -7.949  -10.727 1.00 22.78  ? 28  G   A C4    1 
HETATM 553 MG MG    . MG  B 2 .  ? -1.412  -5.446  -0.537  1.00 18.82  ? 201 MG  A MG    1 
HETATM 554 MG MG    . MG  C 2 .  ? -6.063  6.054   -3.206  1.00 32.65  ? 207 MG  A MG    1 
HETATM 555 O  O     . HOH D 3 .  ? -2.312  -7.342  -0.179  1.00 29.08  ? 202 HOH A O     1 
HETATM 556 O  O     . HOH D 3 .  ? 0.125   -6.371  -1.927  1.00 17.53  ? 203 HOH A O     1 
HETATM 557 O  O     . HOH D 3 .  ? -0.468  -5.288  1.319   1.00 34.67  ? 204 HOH A O     1 
HETATM 558 O  O     . HOH D 3 .  ? -3.257  -4.436  0.398   1.00 19.89  ? 205 HOH A O     1 
HETATM 559 O  O     . HOH D 3 .  ? -2.705  -5.393  -2.366  1.00 20.63  ? 206 HOH A O     1 
HETATM 560 O  O     . HOH D 3 .  ? -6.201  4.598   -4.714  1.00 52.81  ? 208 HOH A O     1 
HETATM 561 O  O     . HOH D 3 .  ? -7.655  5.092   -2.243  1.00 46.26  ? 209 HOH A O     1 
HETATM 562 O  O     . HOH D 3 .  ? -7.389  7.329   -4.338  1.00 39.31  ? 210 HOH A O     1 
HETATM 563 O  O     . HOH D 3 .  ? -4.462  6.976   -4.200  0.40 42.26  ? 211 HOH A O     1 
HETATM 564 O  O     . HOH D 3 .  ? -4.565  4.906   -2.095  1.00 24.04  ? 212 HOH A O     1 
HETATM 565 O  O     . HOH D 3 .  ? -6.097  7.591   -1.664  1.00 20.08  ? 213 HOH A O     1 
HETATM 566 O  O     . HOH D 3 .  ? -9.556  2.697   1.523   1.00 37.78  ? 501 HOH A O     1 
HETATM 567 O  O     . HOH D 3 .  ? -1.543  -5.693  -5.838  1.00 19.73  ? 502 HOH A O     1 
HETATM 568 O  O     . HOH D 3 .  ? -2.392  5.076   3.939   1.00 16.77  ? 503 HOH A O     1 
HETATM 569 O  O     . HOH D 3 .  ? -4.663  7.639   8.542   1.00 22.22  ? 504 HOH A O     1 
HETATM 570 O  O     . HOH D 3 .  ? -8.271  1.154   6.419   1.00 19.10  ? 505 HOH A O     1 
HETATM 571 O  O     . HOH D 3 .  ? -3.883  -3.280  -4.041  1.00 19.93  ? 506 HOH A O     1 
HETATM 572 O  O     . HOH D 3 .  ? -4.837  3.261   2.268   1.00 18.57  ? 507 HOH A O     1 
HETATM 573 O  O     . HOH D 3 .  ? 1.673   11.033  -2.884  1.00 30.63  ? 508 HOH A O     1 
HETATM 574 O  O     . HOH D 3 .  ? 10.813  -6.602  -7.522  1.00 21.91  ? 509 HOH A O     1 
HETATM 575 O  O     . HOH D 3 .  ? 6.719   1.515   3.191   1.00 21.25  ? 510 HOH A O     1 
HETATM 576 O  O     . HOH D 3 .  ? -13.755 8.820   9.900   1.00 25.24  ? 511 HOH A O     1 
HETATM 577 O  O     . HOH D 3 .  ? 3.225   -2.285  5.178   1.00 31.73  ? 512 HOH A O     1 
HETATM 578 O  O     . HOH D 3 .  ? 9.304   -2.187  2.225   1.00 28.69  ? 513 HOH A O     1 
HETATM 579 O  O     . HOH D 3 .  ? -1.090  13.878  -5.694  0.50 37.62  ? 514 HOH A O     1 
HETATM 580 O  O     . HOH D 3 .  ? 4.742   0.162   4.302   1.00 18.92  ? 515 HOH A O     1 
HETATM 581 O  O     . HOH D 3 .  ? 10.620  -8.959  3.341   1.00 32.60  ? 516 HOH A O     1 
HETATM 582 O  O     . HOH D 3 .  ? -2.247  5.177   1.222   1.00 21.09  ? 517 HOH A O     1 
HETATM 583 O  O     . HOH D 3 .  ? 16.289  -3.676  -3.053  1.00 107.63 ? 518 HOH A O     1 
HETATM 584 O  O     . HOH D 3 .  ? -2.856  -5.135  3.402   1.00 20.17  ? 519 HOH A O     1 
HETATM 585 O  O     . HOH D 3 .  ? 1.859   -6.523  7.741   1.00 27.19  ? 520 HOH A O     1 
HETATM 586 O  O     . HOH D 3 .  ? -5.969  8.013   -6.910  1.00 33.95  ? 521 HOH A O     1 
HETATM 587 O  O     . HOH D 3 .  ? 4.504   -3.320  2.910   1.00 29.96  ? 522 HOH A O     1 
HETATM 588 O  O     . HOH D 3 .  ? 5.196   4.155   5.676   1.00 24.95  ? 523 HOH A O     1 
HETATM 589 O  O     . HOH D 3 .  ? 4.531   2.585   10.055  1.00 28.10  ? 524 HOH A O     1 
HETATM 590 O  O     . HOH D 3 .  ? -6.065  -11.019 7.042   1.00 27.24  ? 525 HOH A O     1 
HETATM 591 O  O     . HOH D 3 .  ? 0.603   -12.712 -7.878  1.00 36.81  ? 526 HOH A O     1 
HETATM 592 O  O     . HOH D 3 .  ? -4.062  0.288   -12.067 1.00 52.56  ? 527 HOH A O     1 
HETATM 593 O  O     . HOH D 3 .  ? -2.684  -1.102  15.152  1.00 37.46  ? 528 HOH A O     1 
HETATM 594 O  O     . HOH D 3 .  ? -8.269  6.990   15.057  1.00 42.21  ? 529 HOH A O     1 
HETATM 595 O  O     . HOH D 3 .  ? -0.090  -3.807  -7.416  1.00 16.38  ? 530 HOH A O     1 
HETATM 596 O  O     . HOH D 3 .  ? 10.151  -6.083  -4.887  1.00 19.18  ? 531 HOH A O     1 
HETATM 597 O  O     . HOH D 3 .  ? -6.237  -2.419  -3.279  0.70 27.27  ? 532 HOH A O     1 
HETATM 598 O  O     . HOH D 3 .  ? -8.583  -5.270  -11.791 1.00 29.17  ? 533 HOH A O     1 
HETATM 599 O  O     . HOH D 3 .  ? -4.939  -6.434  4.917   1.00 28.23  ? 534 HOH A O     1 
HETATM 600 O  O     . HOH D 3 .  ? -2.283  13.182  -8.788  1.00 46.74  ? 535 HOH A O     1 
HETATM 601 O  O     . HOH D 3 .  ? 5.353   -4.860  9.251   1.00 34.21  ? 536 HOH A O     1 
HETATM 602 O  O     . HOH D 3 .  ? -2.082  -7.438  6.287   1.00 40.18  ? 537 HOH A O     1 
HETATM 603 O  O     . HOH D 3 .  ? 0.380   -3.693  -16.669 1.00 41.76  ? 538 HOH A O     1 
HETATM 604 O  O     . HOH D 3 .  ? 4.075   5.220   9.072   1.00 26.68  ? 539 HOH A O     1 
HETATM 605 O  O     . HOH D 3 .  ? 11.684  -3.280  -6.192  1.00 28.35  ? 540 HOH A O     1 
HETATM 606 O  O     . HOH D 3 .  ? 0.063   -5.915  5.346   1.00 29.07  ? 541 HOH A O     1 
HETATM 607 O  O     . HOH D 3 .  ? -9.088  3.791   3.596   1.00 42.94  ? 542 HOH A O     1 
HETATM 608 O  O     . HOH D 3 .  ? 3.427   -3.076  -11.229 1.00 28.62  ? 543 HOH A O     1 
HETATM 609 O  O     . HOH D 3 .  ? 0.113   5.047   -8.544  1.00 33.00  ? 544 HOH A O     1 
HETATM 610 O  O     . HOH D 3 .  ? 6.993   -3.272  1.740   1.00 42.13  ? 545 HOH A O     1 
HETATM 611 O  O     . HOH D 3 .  ? 5.223   1.026   6.733   1.00 37.32  ? 546 HOH A O     1 
HETATM 612 O  O     . HOH D 3 .  ? -10.420 -1.717  7.821   0.60 22.11  ? 547 HOH A O     1 
HETATM 613 O  O     . HOH D 3 .  ? -10.795 1.413   7.281   1.00 27.66  ? 548 HOH A O     1 
HETATM 614 O  O     . HOH D 3 .  ? 2.089   9.284   0.870   1.00 29.72  ? 549 HOH A O     1 
HETATM 615 O  O     . HOH D 3 .  ? 5.926   -1.147  -11.935 1.00 38.23  ? 550 HOH A O     1 
HETATM 616 O  O     . HOH D 3 .  ? 0.701   2.484   -7.661  1.00 34.64  ? 551 HOH A O     1 
HETATM 617 O  O     . HOH D 3 .  ? 2.053   0.578   -9.519  1.00 36.37  ? 552 HOH A O     1 
HETATM 618 O  O     . HOH D 3 .  ? -1.108  10.596  -11.001 1.00 42.36  ? 553 HOH A O     1 
HETATM 619 O  O     . HOH D 3 .  ? 8.431   -13.689 -2.552  1.00 28.49  ? 554 HOH A O     1 
HETATM 620 O  O     . HOH D 3 .  ? -11.763 -2.616  15.949  0.50 58.90  ? 555 HOH A O     1 
HETATM 621 O  O     . HOH D 3 .  ? -2.418  -10.047 8.339   1.00 30.43  ? 556 HOH A O     1 
HETATM 622 O  O     . HOH D 3 .  ? -10.840 1.696   -0.986  1.00 60.12  ? 557 HOH A O     1 
HETATM 623 O  O     . HOH D 3 .  ? 14.740  -5.945  -10.860 1.00 46.64  ? 558 HOH A O     1 
HETATM 624 O  O     . HOH D 3 .  ? 2.222   3.624   14.699  1.00 33.33  ? 559 HOH A O     1 
HETATM 625 O  O     . HOH D 3 .  ? 0.156   -9.849  6.227   1.00 77.38  ? 560 HOH A O     1 
HETATM 626 O  O     . HOH D 3 .  ? -6.091  4.507   -9.806  1.00 65.92  ? 561 HOH A O     1 
HETATM 627 O  O     . HOH D 3 .  ? 4.506   9.886   5.136   1.00 58.87  ? 562 HOH A O     1 
HETATM 628 O  O     . HOH D 3 .  ? -13.423 1.010   1.320   0.60 52.22  ? 563 HOH A O     1 
HETATM 629 O  O     . HOH D 3 .  ? 9.799   0.644   -4.426  1.00 31.11  ? 564 HOH A O     1 
HETATM 630 O  O     . HOH D 3 .  ? 0.887   11.613  -0.052  1.00 39.06  ? 565 HOH A O     1 
HETATM 631 O  O     . HOH D 3 .  ? 2.336   -6.785  1.332   1.00 26.64  ? 566 HOH A O     1 
HETATM 632 O  O     . HOH D 3 .  ? 4.981   6.396   -4.830  1.00 32.33  ? 567 HOH A O     1 
HETATM 633 O  O     . HOH D 3 .  ? -9.809  8.762   -1.605  1.00 30.69  ? 568 HOH A O     1 
HETATM 634 O  O     . HOH D 3 .  ? -5.033  5.377   0.577   1.00 30.95  ? 569 HOH A O     1 
HETATM 635 O  O     . HOH D 3 .  ? 4.792   -3.962  -13.380 0.50 65.20  ? 570 HOH A O     1 
HETATM 636 O  O     . HOH D 3 .  ? -10.745 4.544   5.505   1.00 40.86  ? 571 HOH A O     1 
HETATM 637 O  O     . HOH D 3 .  ? 4.925   -6.933  2.508   1.00 43.78  ? 572 HOH A O     1 
HETATM 638 O  O     . HOH D 3 .  ? 1.454   -1.785  -10.646 1.00 34.63  ? 573 HOH A O     1 
HETATM 639 O  O     . HOH D 3 .  ? -3.256  3.331   17.308  1.00 64.05  ? 574 HOH A O     1 
HETATM 640 O  O     . HOH D 3 .  ? 0.243   13.411  3.342   1.00 37.77  ? 575 HOH A O     1 
HETATM 641 O  O     . HOH D 3 .  ? -5.802  -7.325  -2.704  1.00 40.07  ? 576 HOH A O     1 
HETATM 642 O  O     . HOH D 3 .  ? 0.820   5.778   14.264  1.00 34.10  ? 577 HOH A O     1 
HETATM 643 O  O     . HOH D 3 .  ? 13.349  1.673   -11.579 1.00 61.48  ? 578 HOH A O     1 
HETATM 644 O  O     . HOH D 3 .  ? 7.547   -10.047 2.698   1.00 39.24  ? 579 HOH A O     1 
HETATM 645 O  O     . HOH D 3 .  ? -4.679  -10.822 4.746   1.00 39.80  ? 580 HOH A O     1 
HETATM 646 O  O     . HOH D 3 .  ? 3.331   -3.786  7.456   1.00 31.79  ? 581 HOH A O     1 
HETATM 647 O  O     . HOH D 3 .  ? -1.346  14.710  1.344   0.40 24.46  ? 582 HOH A O     1 
HETATM 648 O  O     . HOH D 3 .  ? -13.679 3.199   8.616   1.00 36.95  ? 583 HOH A O     1 
HETATM 649 O  O     . HOH D 3 .  ? -3.573  6.583   -5.016  0.60 25.14  ? 584 HOH A O     1 
HETATM 650 O  O     . HOH D 3 .  ? -8.225  -8.055  -6.009  1.00 58.63  ? 585 HOH A O     1 
HETATM 651 O  O     . HOH D 3 .  ? 5.202   7.349   -1.573  1.00 34.29  ? 586 HOH A O     1 
HETATM 652 O  O     . HOH D 3 .  ? -8.275  -8.475  6.236   1.00 33.91  ? 587 HOH A O     1 
HETATM 653 O  O     . HOH D 3 .  ? 1.782   11.327  6.187   1.00 57.89  ? 588 HOH A O     1 
HETATM 654 O  O     . HOH D 3 .  ? -0.693  -10.321 0.113   1.00 52.00  ? 589 HOH A O     1 
HETATM 655 O  O     . HOH D 3 .  ? 2.755   2.706   -11.182 1.00 39.17  ? 590 HOH A O     1 
HETATM 656 O  O     . HOH D 3 .  ? 5.952   -2.781  10.027  1.00 42.92  ? 591 HOH A O     1 
HETATM 657 O  O     . HOH D 3 .  ? -3.231  -12.836 -4.334  1.00 49.86  ? 592 HOH A O     1 
HETATM 658 O  O     . HOH D 3 .  ? 16.478  -11.060 -1.974  0.60 30.18  ? 593 HOH A O     1 
HETATM 659 O  O     . HOH D 3 .  ? 8.953   5.347   -6.994  1.00 47.05  ? 594 HOH A O     1 
HETATM 660 O  O     . HOH D 3 .  ? 4.665   -9.795  2.751   1.00 46.01  ? 595 HOH A O     1 
HETATM 661 O  O     . HOH D 3 .  ? 12.688  -1.458  0.710   1.00 55.27  ? 596 HOH A O     1 
HETATM 662 O  O     . HOH D 3 .  ? 14.568  -5.658  -3.916  1.00 32.93  ? 597 HOH A O     1 
HETATM 663 O  O     . HOH D 3 .  ? -10.950 -2.682  10.587  1.00 49.05  ? 598 HOH A O     1 
HETATM 664 O  O     . HOH D 3 .  ? 2.758   6.694   11.079  1.00 43.40  ? 599 HOH A O     1 
HETATM 665 O  O     . HOH D 3 .  ? -3.974  8.956   -12.505 1.00 50.04  ? 600 HOH A O     1 
HETATM 666 O  O     . HOH D 3 .  ? -8.815  -5.834  -7.781  1.00 56.06  ? 601 HOH A O     1 
HETATM 667 O  O     . HOH D 3 .  ? -2.667  6.456   -8.690  1.00 51.27  ? 602 HOH A O     1 
HETATM 668 O  O     . HOH D 3 .  ? 4.001   -13.852 -3.090  0.25 17.91  ? 603 HOH A O     1 
HETATM 669 O  O     . HOH D 3 .  ? -14.146 1.904   18.061  1.00 39.74  ? 604 HOH A O     1 
HETATM 670 O  O     . HOH D 3 .  ? 6.841   -12.067 -10.152 1.00 53.02  ? 605 HOH A O     1 
HETATM 671 O  O     . HOH D 3 .  ? -1.112  -2.432  -13.721 1.00 30.42  ? 606 HOH A O     1 
HETATM 672 O  O     . HOH D 3 .  ? -0.605  -4.908  -14.471 1.00 35.69  ? 607 HOH A O     1 
HETATM 673 O  O     . HOH D 3 .  ? -1.164  0.857   -11.431 0.50 40.16  ? 608 HOH A O     1 
HETATM 674 O  O     . HOH D 3 .  ? 10.860  1.019   3.259   1.00 52.44  ? 609 HOH A O     1 
HETATM 675 O  O     . HOH D 3 .  ? 15.088  -9.062  -4.701  0.50 43.79  ? 610 HOH A O     1 
HETATM 676 O  O     . HOH D 3 .  ? -6.232  12.801  4.935   1.00 22.75  ? 611 HOH A O     1 
HETATM 677 O  O     . HOH D 3 .  ? -0.922  -4.515  -19.031 1.00 42.41  ? 612 HOH A O     1 
HETATM 678 O  O     . HOH D 3 .  ? 13.222  -11.119 -4.326  1.00 38.95  ? 613 HOH A O     1 
HETATM 679 O  O     . HOH D 3 .  ? 4.062   9.566   -0.432  1.00 38.77  ? 614 HOH A O     1 
HETATM 680 O  O     . HOH D 3 .  ? 7.851   -13.268 -4.828  1.00 41.86  ? 615 HOH A O     1 
HETATM 681 O  O     . HOH D 3 .  ? -10.998 -0.105  9.535   1.00 51.93  ? 616 HOH A O     1 
HETATM 682 O  O     . HOH D 3 .  ? 16.710  -8.044  -1.410  1.00 53.06  ? 617 HOH A O     1 
HETATM 683 O  O     . HOH D 3 .  ? 4.094   -5.982  6.305   1.00 43.75  ? 618 HOH A O     1 
HETATM 684 O  O     . HOH D 3 .  ? 10.886  4.005   -2.388  1.00 44.22  ? 619 HOH A O     1 
HETATM 685 O  O     . HOH D 3 .  ? 8.039   -6.441  4.772   1.00 40.67  ? 620 HOH A O     1 
HETATM 686 O  O     . HOH D 3 .  ? 10.467  4.262   1.548   1.00 52.53  ? 621 HOH A O     1 
HETATM 687 O  O     . HOH D 3 .  ? -4.667  -9.193  -1.588  1.00 41.70  ? 622 HOH A O     1 
HETATM 688 O  O     . HOH D 3 .  ? -2.890  -3.750  15.474  1.00 37.11  ? 623 HOH A O     1 
HETATM 689 O  O     . HOH D 3 .  ? -5.906  2.147   -8.800  1.00 48.29  ? 624 HOH A O     1 
HETATM 690 O  O     . HOH D 3 .  ? 2.390   10.818  3.150   1.00 39.08  ? 625 HOH A O     1 
HETATM 691 O  O     . HOH D 3 .  ? -4.075  0.723   16.788  1.00 36.17  ? 626 HOH A O     1 
HETATM 692 O  O     . HOH D 3 .  ? 6.105   2.294   -16.759 1.00 54.29  ? 627 HOH A O     1 
HETATM 693 O  O     . HOH D 3 .  ? -2.508  5.484   17.550  0.50 29.93  ? 628 HOH A O     1 
HETATM 694 O  O     . HOH D 3 .  ? 6.393   9.446   -8.483  0.50 46.55  ? 629 HOH A O     1 
HETATM 695 O  O     . HOH D 3 .  ? -0.413  -13.408 -0.958  0.50 39.23  ? 630 HOH A O     1 
HETATM 696 O  O     . HOH D 3 .  ? -10.075 2.827   18.474  1.00 39.09  ? 631 HOH A O     1 
HETATM 697 O  O     . HOH D 3 .  ? -3.994  4.014   -6.298  1.00 59.04  ? 632 HOH A O     1 
HETATM 698 O  O     . HOH D 3 .  ? 0.871   -6.503  3.078   1.00 40.87  ? 633 HOH A O     1 
HETATM 699 O  O     . HOH D 3 .  ? 8.748   1.315   5.250   1.00 43.58  ? 634 HOH A O     1 
HETATM 700 O  O     . HOH D 3 .  ? -12.429 0.021   18.668  0.50 44.78  ? 635 HOH A O     1 
HETATM 701 O  O     . HOH D 3 .  ? -11.392 -8.086  5.924   0.40 27.71  ? 636 HOH A O     1 
HETATM 702 O  O     . HOH D 3 .  ? -1.951  7.182   -11.399 1.00 50.25  ? 637 HOH A O     1 
HETATM 703 O  O     . HOH D 3 .  ? -2.145  2.136   -10.482 0.50 34.89  ? 638 HOH A O     1 
HETATM 704 O  O     . HOH D 3 .  ? 2.993   9.823   9.747   1.00 45.43  ? 639 HOH A O     1 
HETATM 705 O  O     . HOH D 3 .  ? -4.703  -5.923  -0.958  1.00 21.75  ? 640 HOH A O     1 
HETATM 706 O  O     . HOH D 3 .  ? 6.007   -4.630  5.215   1.00 51.31  ? 641 HOH A O     1 
HETATM 707 O  O     . HOH D 3 .  ? -0.839  1.426   17.793  1.00 52.65  ? 642 HOH A O     1 
HETATM 708 O  O     . HOH D 3 .  ? 13.732  -8.304  3.216   1.00 42.50  ? 643 HOH A O     1 
HETATM 709 O  O     . HOH D 3 .  ? 7.474   -2.609  5.723   0.50 48.78  ? 644 HOH A O     1 
HETATM 710 O  O     . HOH D 3 .  ? 6.909   8.087   4.628   1.00 60.35  ? 645 HOH A O     1 
HETATM 711 O  O     . HOH D 3 .  ? -7.833  -4.188  -5.004  1.00 57.17  ? 646 HOH A O     1 
HETATM 712 O  O     . HOH D 3 .  ? 7.434   -4.334  7.672   1.00 51.09  ? 647 HOH A O     1 
HETATM 713 O  O     . HOH D 3 .  ? 6.876   6.256   -16.076 1.00 53.93  ? 648 HOH A O     1 
HETATM 714 O  O     . HOH D 3 .  ? 5.629   -2.205  7.633   1.00 47.92  ? 649 HOH A O     1 
HETATM 715 O  O     . HOH D 3 .  ? -2.686  8.975   14.106  1.00 45.88  ? 650 HOH A O     1 
HETATM 716 O  O     . HOH D 3 .  ? 6.213   0.850   -13.085 0.50 37.59  ? 651 HOH A O     1 
HETATM 717 O  O     . HOH D 3 .  ? -6.538  6.973   -10.323 1.00 55.34  ? 652 HOH A O     1 
HETATM 718 O  O     . HOH D 3 .  ? -11.394 10.055  1.992   1.00 41.88  ? 653 HOH A O     1 
HETATM 719 O  O     . HOH D 3 .  ? -14.763 -6.740  5.858   1.00 51.23  ? 654 HOH A O     1 
HETATM 720 O  O     . HOH D 3 .  ? -11.819 -2.195  5.566   1.00 49.45  ? 655 HOH A O     1 
HETATM 721 O  O     . HOH D 3 .  ? 6.552   8.637   0.570   1.00 43.43  ? 656 HOH A O     1 
HETATM 722 O  O     . HOH D 3 .  ? -6.869  6.452   12.875  1.00 36.12  ? 657 HOH A O     1 
HETATM 723 O  O     . HOH D 3 .  ? -12.910 -8.818  7.627   0.60 47.60  ? 658 HOH A O     1 
HETATM 724 O  O     . HOH D 3 .  ? -7.750  -5.936  12.239  1.00 31.38  ? 659 HOH A O     1 
HETATM 725 O  O     . HOH D 3 .  ? -6.018  8.395   -14.186 1.00 42.54  ? 660 HOH A O     1 
HETATM 726 O  O     . HOH D 3 .  ? -1.183  11.233  7.470   1.00 48.03  ? 661 HOH A O     1 
HETATM 727 O  O     . HOH D 3 .  ? 11.989  0.236   -3.256  1.00 40.63  ? 662 HOH A O     1 
HETATM 728 O  O     . HOH D 3 .  ? -10.607 10.015  5.001   1.00 40.69  ? 663 HOH A O     1 
HETATM 729 O  O     . HOH D 3 .  ? 7.928   -11.822 -14.575 1.00 49.27  ? 664 HOH A O     1 
HETATM 730 O  O     . HOH D 3 .  ? 9.098   4.199   4.099   1.00 43.64  ? 665 HOH A O     1 
HETATM 731 O  O     . HOH D 3 .  ? 16.194  -9.742  -4.107  0.50 31.68  ? 666 HOH A O     1 
HETATM 732 O  O     . HOH D 3 .  ? 7.851   7.425   -0.883  0.50 47.12  ? 667 HOH A O     1 
HETATM 733 O  O     . HOH D 3 .  ? 1.979   12.197  -10.877 0.50 40.64  ? 668 HOH A O     1 
HETATM 734 O  O     . HOH D 3 .  ? -5.144  -12.348 2.663   0.50 41.87  ? 669 HOH A O     1 
HETATM 735 O  O     . HOH D 3 .  ? 7.361   -6.986  7.664   1.00 58.51  ? 670 HOH A O     1 
HETATM 736 O  O     . HOH D 3 .  ? 6.704   -9.288  6.057   1.00 55.62  ? 671 HOH A O     1 
HETATM 737 O  O     . HOH D 3 .  ? -6.986  5.136   -7.156  1.00 59.50  ? 672 HOH A O     1 
HETATM 738 O  O     . HOH D 3 .  ? -6.228  -11.477 -4.354  1.00 61.59  ? 673 HOH A O     1 
HETATM 739 O  O     . HOH D 3 .  ? 8.968   7.504   -12.128 0.50 49.97  ? 674 HOH A O     1 
HETATM 740 O  O     . HOH D 3 .  ? -5.911  -4.009  -1.667  0.50 28.18  ? 675 HOH A O     1 
HETATM 741 O  O     . HOH D 3 .  ? 15.346  -3.852  -0.158  1.00 57.53  ? 676 HOH A O     1 
HETATM 742 O  O     . HOH D 3 .  ? -9.112  3.404   -5.420  1.00 56.92  ? 677 HOH A O     1 
HETATM 743 O  O     . HOH D 3 .  ? 15.887  -1.478  -3.770  1.00 55.46  ? 678 HOH A O     1 
HETATM 744 O  O     . HOH D 3 .  ? -8.187  4.698   0.017   1.00 45.15  ? 679 HOH A O     1 
HETATM 745 O  O     . HOH D 3 .  ? -9.472  5.428   16.449  1.00 46.95  ? 680 HOH A O     1 
HETATM 746 O  O     . HOH D 3 .  ? -3.729  7.246   -15.847 1.00 51.72  ? 681 HOH A O     1 
HETATM 747 O  O     . HOH D 3 .  ? 1.471   -5.676  -13.851 1.00 59.57  ? 682 HOH A O     1 
HETATM 748 O  O     . HOH D 3 .  ? 10.959  -10.841 -4.464  0.50 36.81  ? 684 HOH A O     1 
HETATM 749 O  O     . HOH D 3 .  ? 6.152   -12.695 -8.056  1.00 56.40  ? 685 HOH A O     1 
HETATM 750 O  O     . HOH D 3 .  ? 3.592   -14.015 -4.041  0.25 28.09  ? 686 HOH A O     1 
HETATM 751 O  O     . HOH D 3 .  ? -5.682  -10.510 -9.854  1.00 31.65  ? 687 HOH A O     1 
HETATM 752 O  O     . HOH D 3 .  ? 4.027   4.331   13.080  1.00 57.82  ? 688 HOH A O     1 
HETATM 753 O  O     . HOH D 3 .  ? -7.358  2.870   18.550  1.00 49.88  ? 689 HOH A O     1 
HETATM 754 O  O     . HOH D 3 .  ? -10.008 10.037  -5.182  0.50 34.99  ? 690 HOH A O     1 
HETATM 755 O  O     . HOH D 3 .  ? 0.435   1.873   15.224  1.00 25.31  ? 691 HOH A O     1 
# 
loop_
_atom_site_anisotrop.id 
_atom_site_anisotrop.type_symbol 
_atom_site_anisotrop.pdbx_label_atom_id 
_atom_site_anisotrop.pdbx_label_alt_id 
_atom_site_anisotrop.pdbx_label_comp_id 
_atom_site_anisotrop.pdbx_label_asym_id 
_atom_site_anisotrop.pdbx_label_seq_id 
_atom_site_anisotrop.pdbx_PDB_ins_code 
_atom_site_anisotrop.U[1][1] 
_atom_site_anisotrop.U[2][2] 
_atom_site_anisotrop.U[3][3] 
_atom_site_anisotrop.U[1][2] 
_atom_site_anisotrop.U[1][3] 
_atom_site_anisotrop.U[2][3] 
_atom_site_anisotrop.pdbx_auth_seq_id 
_atom_site_anisotrop.pdbx_auth_comp_id 
_atom_site_anisotrop.pdbx_auth_asym_id 
_atom_site_anisotrop.pdbx_auth_atom_id 
1   O  "O5'" . G   A 1  ? 0.2163 0.1012 0.3719 0.0564  -0.0283 -0.0100 3   G   A "O5'" 
2   C  "C5'" . G   A 1  ? 0.2242 0.1122 0.3607 0.0650  -0.0298 -0.0242 3   G   A "C5'" 
3   C  "C4'" . G   A 1  ? 0.2474 0.0976 0.2689 0.0470  -0.0186 -0.0136 3   G   A "C4'" 
4   O  "O4'" . G   A 1  ? 0.2193 0.0976 0.2550 0.0533  -0.0183 0.0169  3   G   A "O4'" 
5   C  "C3'" . G   A 1  ? 0.2023 0.1237 0.3069 0.0659  -0.0370 -0.0189 3   G   A "C3'" 
6   O  "O3'" . G   A 1  ? 0.2018 0.1458 0.2740 0.0365  -0.0019 0.0263  3   G   A "O3'" 
7   C  "C2'" . G   A 1  ? 0.2122 0.1293 0.2184 0.0823  -0.0025 -0.0004 3   G   A "C2'" 
8   O  "O2'" . G   A 1  ? 0.2672 0.1512 0.2519 0.0855  0.0486  0.0467  3   G   A "O2'" 
9   C  "C1'" . G   A 1  ? 0.2426 0.1055 0.2258 0.0441  -0.0212 0.0128  3   G   A "C1'" 
10  N  N9    . G   A 1  ? 0.2162 0.0838 0.2337 0.0513  -0.0431 0.0138  3   G   A N9    
11  C  C8    . G   A 1  ? 0.1998 0.0725 0.2681 0.0226  -0.0422 -0.0304 3   G   A C8    
12  N  N7    . G   A 1  ? 0.1945 0.0827 0.2550 0.0342  -0.0532 -0.0110 3   G   A N7    
13  C  C5    . G   A 1  ? 0.1851 0.0955 0.2384 0.0500  -0.0614 0.0194  3   G   A C5    
14  C  C6    . G   A 1  ? 0.2352 0.0925 0.1672 0.0485  -0.0382 0.0053  3   G   A C6    
15  O  O6    . G   A 1  ? 0.2033 0.1275 0.2141 0.0348  -0.0407 -0.0131 3   G   A O6    
16  N  N1    . G   A 1  ? 0.2159 0.1020 0.2024 0.0573  -0.0526 0.0058  3   G   A N1    
17  C  C2    . G   A 1  ? 0.1817 0.0808 0.2112 0.0413  -0.0795 -0.0068 3   G   A C2    
18  N  N2    . G   A 1  ? 0.2159 0.0870 0.2188 0.0575  -0.0590 0.0014  3   G   A N2    
19  N  N3    . G   A 1  ? 0.2230 0.0774 0.2013 0.0502  -0.0549 -0.0054 3   G   A N3    
20  C  C4    . G   A 1  ? 0.1741 0.0688 0.2512 0.0232  -0.0606 -0.0126 3   G   A C4    
21  P  P     . C   A 2  ? 0.2244 0.1503 0.2798 -0.0063 -0.0215 0.0189  4   C   A P     
22  O  OP1   . C   A 2  ? 0.2669 0.1968 0.3280 -0.0446 -0.0309 0.0313  4   C   A OP1   
23  O  OP2   . C   A 2  ? 0.2658 0.1808 0.2692 0.0090  0.0000  -0.0033 4   C   A OP2   
24  O  "O5'" . C   A 2  ? 0.2175 0.1761 0.2363 0.0054  -0.0076 0.0316  4   C   A "O5'" 
25  C  "C5'" . C   A 2  ? 0.2388 0.1735 0.2824 0.0279  0.0132  0.0681  4   C   A "C5'" 
26  C  "C4'" . C   A 2  ? 0.2453 0.1675 0.2751 0.0129  -0.0204 0.0517  4   C   A "C4'" 
27  O  "O4'" . C   A 2  ? 0.2230 0.1788 0.2279 0.0364  0.0022  0.0333  4   C   A "O4'" 
28  C  "C3'" . C   A 2  ? 0.1823 0.1428 0.2676 0.0452  -0.0311 0.0466  4   C   A "C3'" 
29  O  "O3'" . C   A 2  ? 0.2185 0.2322 0.3546 0.0192  -0.0837 0.0493  4   C   A "O3'" 
30  C  "C2'" . C   A 2  ? 0.2072 0.1515 0.2450 0.0449  -0.0108 0.0322  4   C   A "C2'" 
31  O  "O2'" . C   A 2  ? 0.2261 0.1610 0.3254 0.0740  -0.0006 0.0380  4   C   A "O2'" 
32  C  "C1'" . C   A 2  ? 0.2054 0.1449 0.2298 0.0443  -0.0027 0.0222  4   C   A "C1'" 
33  N  N1    . C   A 2  ? 0.2101 0.1084 0.1998 0.0506  -0.0067 0.0323  4   C   A N1    
34  C  C2    . C   A 2  ? 0.2163 0.0977 0.1513 0.0370  -0.0131 -0.0070 4   C   A C2    
35  O  O2    . C   A 2  ? 0.2354 0.1002 0.1997 0.0488  -0.0148 0.0050  4   C   A O2    
36  N  N3    . C   A 2  ? 0.2058 0.1187 0.1578 0.0317  -0.0144 -0.0236 4   C   A N3    
37  C  C4    . C   A 2  ? 0.2146 0.1162 0.1653 0.0397  -0.0205 -0.0140 4   C   A C4    
38  N  N4    . C   A 2  ? 0.1853 0.1130 0.2240 0.0439  -0.0500 -0.0147 4   C   A N4    
39  C  C5    . C   A 2  ? 0.1992 0.1189 0.2042 0.0474  -0.0480 0.0045  4   C   A C5    
40  C  C6    . C   A 2  ? 0.1933 0.1037 0.2212 0.0344  -0.0407 0.0214  4   C   A C6    
41  P  P     . G   A 3  ? 0.2831 0.2116 0.3754 0.0011  -0.1302 0.0157  5   G   A P     
42  O  OP1   . G   A 3  ? 0.2947 0.2788 0.4366 -0.0471 -0.1276 0.0120  5   G   A OP1   
43  O  OP2   . G   A 3  ? 0.3665 0.2003 0.4037 0.0338  -0.1638 -0.0337 5   G   A OP2   
44  O  "O5'" . G   A 3  ? 0.2305 0.2101 0.3109 0.0331  -0.0699 -0.0053 5   G   A "O5'" 
45  C  "C5'" . G   A 3  ? 0.1705 0.2347 0.2743 0.0349  -0.0609 0.0313  5   G   A "C5'" 
46  C  "C4'" . G   A 3  ? 0.1829 0.2136 0.2334 0.0401  -0.0301 -0.0112 5   G   A "C4'" 
47  O  "O4'" . G   A 3  ? 0.1698 0.2060 0.2170 0.0484  -0.0227 0.0030  5   G   A "O4'" 
48  C  "C3'" . G   A 3  ? 0.1753 0.2043 0.2353 0.0578  -0.0348 -0.0257 5   G   A "C3'" 
49  O  "O3'" . G   A 3  ? 0.1796 0.2642 0.2378 0.0441  -0.0430 -0.0129 5   G   A "O3'" 
50  C  "C2'" . G   A 3  ? 0.1779 0.1887 0.1973 0.0671  -0.0376 -0.0072 5   G   A "C2'" 
51  O  "O2'" . G   A 3  ? 0.2041 0.1973 0.2049 0.0843  -0.0375 0.0134  5   G   A "O2'" 
52  C  "C1'" . G   A 3  ? 0.1698 0.1852 0.1980 0.0681  -0.0289 0.0045  5   G   A "C1'" 
53  N  N9    . G   A 3  ? 0.1832 0.1472 0.1770 0.0554  -0.0224 0.0077  5   G   A N9    
54  C  C8    . G   A 3  ? 0.1721 0.1438 0.1897 0.0281  -0.0499 0.0090  5   G   A C8    
55  N  N7    . G   A 3  ? 0.2054 0.1277 0.1670 0.0392  -0.0247 -0.0032 5   G   A N7    
56  C  C5    . G   A 3  ? 0.1921 0.1396 0.1639 0.0606  -0.0146 0.0157  5   G   A C5    
57  C  C6    . G   A 3  ? 0.1863 0.1416 0.1402 0.0556  -0.0243 -0.0034 5   G   A C6    
58  O  O6    . G   A 3  ? 0.1972 0.1415 0.1717 0.0631  -0.0309 -0.0041 5   G   A O6    
59  N  N1    . G   A 3  ? 0.2050 0.1224 0.1856 0.0438  -0.0084 -0.0155 5   G   A N1    
60  C  C2    . G   A 3  ? 0.1801 0.1270 0.1845 0.0353  -0.0351 -0.0064 5   G   A C2    
61  N  N2    . G   A 3  ? 0.2223 0.1439 0.1688 0.0504  -0.0108 0.0209  5   G   A N2    
62  N  N3    . G   A 3  ? 0.1800 0.1313 0.1941 0.0306  -0.0407 -0.0012 5   G   A N3    
63  C  C4    . G   A 3  ? 0.1735 0.1192 0.2280 0.0444  -0.0210 -0.0036 5   G   A C4    
64  P  P     . G   A 4  ? 0.2504 0.2494 0.2620 0.0727  -0.0639 -0.0557 6   G   A P     
65  O  OP1   . G   A 4  ? 0.2588 0.3073 0.2571 0.0770  -0.0757 -0.0632 6   G   A OP1   
66  O  OP2   . G   A 4  ? 0.3117 0.2307 0.3703 0.0567  -0.1071 -0.0534 6   G   A OP2   
67  O  "O5'" . G   A 4  ? 0.2483 0.2374 0.1935 0.1026  -0.0481 -0.0435 6   G   A "O5'" 
68  C  "C5'" . G   A 4  ? 0.2255 0.2595 0.2193 0.1311  -0.0481 0.0107  6   G   A "C5'" 
69  C  "C4'" . G   A 4  ? 0.2363 0.2542 0.1842 0.1056  -0.0403 -0.0389 6   G   A "C4'" 
70  O  "O4'" . G   A 4  ? 0.2331 0.1928 0.1830 0.1092  -0.0282 -0.0184 6   G   A "O4'" 
71  C  "C3'" . G   A 4  ? 0.2547 0.2176 0.2050 0.1270  -0.0534 -0.0429 6   G   A "C3'" 
72  O  "O3'" . G   A 4  ? 0.3103 0.2807 0.1836 0.1162  -0.0647 -0.0357 6   G   A "O3'" 
73  C  "C2'" . G   A 4  ? 0.2697 0.1882 0.1812 0.1219  -0.0207 -0.0209 6   G   A "C2'" 
74  O  "O2'" . G   A 4  ? 0.3227 0.2147 0.2171 0.1187  -0.0393 0.0202  6   G   A "O2'" 
75  C  "C1'" . G   A 4  ? 0.2338 0.1527 0.1927 0.1082  -0.0269 -0.0140 6   G   A "C1'" 
76  N  N9    . G   A 4  ? 0.2191 0.1199 0.1928 0.0708  -0.0503 -0.0335 6   G   A N9    
77  C  C8    . G   A 4  ? 0.2062 0.1686 0.2116 0.0645  -0.0524 0.0102  6   G   A C8    
78  N  N7    . G   A 4  ? 0.1981 0.1250 0.2096 0.0442  -0.0595 -0.0284 6   G   A N7    
79  C  C5    . G   A 4  ? 0.2059 0.1104 0.1643 0.0562  -0.0494 -0.0310 6   G   A C5    
80  C  C6    . G   A 4  ? 0.2165 0.1152 0.1777 0.0745  -0.0125 0.0081  6   G   A C6    
81  O  O6    . G   A 4  ? 0.2096 0.0961 0.2333 0.0480  -0.0544 -0.0146 6   G   A O6    
82  N  N1    . G   A 4  ? 0.2346 0.1154 0.1481 0.0817  0.0040  -0.0030 6   G   A N1    
83  C  C2    . G   A 4  ? 0.2260 0.0920 0.1781 0.0616  -0.0186 -0.0241 6   G   A C2    
84  N  N2    . G   A 4  ? 0.2344 0.1194 0.1901 0.0640  -0.0287 0.0156  6   G   A N2    
85  N  N3    . G   A 4  ? 0.2387 0.1040 0.1650 0.0769  -0.0283 -0.0170 6   G   A N3    
86  C  C4    . G   A 4  ? 0.2056 0.1154 0.1924 0.0664  -0.0545 -0.0202 6   G   A C4    
87  P  P     . C   A 5  ? 0.2755 0.3198 0.2123 0.1157  -0.0629 -0.0638 7   C   A P     
88  O  OP1   . C   A 5  ? 0.3868 0.4648 0.2595 0.1778  -0.1579 -0.0785 7   C   A OP1   
89  O  OP2   . C   A 5  ? 0.2761 0.3241 0.2791 0.0476  -0.0241 -0.0873 7   C   A OP2   
90  O  "O5'" . C   A 5  ? 0.2973 0.2453 0.2452 0.0752  -0.0304 -0.0652 7   C   A "O5'" 
91  C  "C5'" . C   A 5  ? 0.2619 0.2506 0.2663 0.1311  -0.0892 -0.0690 7   C   A "C5'" 
92  C  "C4'" . C   A 5  ? 0.3019 0.2072 0.1638 0.1299  -0.0704 -0.0131 7   C   A "C4'" 
93  O  "O4'" . C   A 5  ? 0.2609 0.1861 0.1921 0.1033  -0.0593 -0.0218 7   C   A "O4'" 
94  C  "C3'" . C   A 5  ? 0.2976 0.2171 0.1989 0.1027  -0.0558 -0.0353 7   C   A "C3'" 
95  O  "O3'" . C   A 5  ? 0.3064 0.2653 0.1776 0.1666  -0.0433 -0.0247 7   C   A "O3'" 
96  C  "C2'" . C   A 5  ? 0.3142 0.2203 0.1680 0.0588  -0.0131 0.0187  7   C   A "C2'" 
97  O  "O2'" . C   A 5  ? 0.4004 0.1849 0.2251 0.1297  0.0172  0.0291  7   C   A "O2'" 
98  C  "C1'" . C   A 5  ? 0.2737 0.1633 0.1854 0.1057  -0.0361 -0.0171 7   C   A "C1'" 
99  N  N1    . C   A 5  ? 0.2471 0.1788 0.1703 0.1061  -0.0087 0.0019  7   C   A N1    
100 C  C2    . C   A 5  ? 0.2450 0.1266 0.1858 0.0765  -0.0069 0.0059  7   C   A C2    
101 O  O2    . C   A 5  ? 0.2898 0.1423 0.1954 0.0707  0.0154  0.0195  7   C   A O2    
102 N  N3    . C   A 5  ? 0.2243 0.1740 0.1762 0.0731  -0.0063 0.0341  7   C   A N3    
103 C  C4    . C   A 5  ? 0.1992 0.1362 0.1335 0.0510  -0.0433 -0.0015 7   C   A C4    
104 N  N4    . C   A 5  ? 0.2057 0.1619 0.1738 0.0852  -0.0039 0.0130  7   C   A N4    
105 C  C5    . C   A 5  ? 0.1953 0.1289 0.1881 0.0489  -0.0552 -0.0297 7   C   A C5    
106 C  C6    . C   A 5  ? 0.2100 0.2156 0.1653 0.0981  -0.0320 0.0108  7   C   A C6    
107 P  P     . A   A 6  ? 0.3372 0.2844 0.1851 0.1682  -0.0547 -0.0392 8   A   A P     
108 O  OP1   . A   A 6  ? 0.3415 0.2335 0.1866 0.1658  -0.0342 -0.0286 8   A   A OP1   
109 O  OP2   . A   A 6  ? 0.3894 0.3490 0.1770 0.1875  -0.0567 -0.0385 8   A   A OP2   
110 O  "O5'" . A   A 6  ? 0.3322 0.2772 0.2073 0.1609  -0.0460 -0.0509 8   A   A "O5'" 
111 C  "C5'" . A   A 6  ? 0.3297 0.2849 0.2925 0.1395  -0.0705 -0.1144 8   A   A "C5'" 
112 C  "C4'" . A   A 6  ? 0.3614 0.2598 0.3016 0.1624  -0.1101 -0.1445 8   A   A "C4'" 
113 O  "O4'" . A   A 6  ? 0.4510 0.2858 0.2862 0.1989  -0.1397 -0.1237 8   A   A "O4'" 
114 C  "C3'" . A   A 6  ? 0.3552 0.2752 0.2776 0.1303  -0.1234 -0.1296 8   A   A "C3'" 
115 O  "O3'" . A   A 6  ? 0.3196 0.2773 0.3187 0.1488  -0.0984 -0.1300 8   A   A "O3'" 
116 C  "C2'" . A   A 6  ? 0.2749 0.2645 0.3256 0.0984  -0.0619 -0.1347 8   A   A "C2'" 
117 O  "O2'" . A   A 6  ? 0.2731 0.3708 0.4877 0.0941  -0.0486 -0.1541 8   A   A "O2'" 
118 C  "C1'" . A   A 6  ? 0.3557 0.2574 0.2913 0.1175  -0.0771 -0.1489 8   A   A "C1'" 
119 N  N9    . A   A 6  ? 0.3476 0.2365 0.2457 0.1101  -0.0798 -0.0954 8   A   A N9    
120 C  C8    . A   A 6  ? 0.4005 0.2140 0.2077 0.1031  -0.0961 -0.0710 8   A   A C8    
121 N  N7    . A   A 6  ? 0.4000 0.2096 0.2162 0.0812  -0.0583 -0.0515 8   A   A N7    
122 C  C5    . A   A 6  ? 0.3039 0.2395 0.2113 0.1025  -0.0892 0.0039  8   A   A C5    
123 C  C6    . A   A 6  ? 0.2640 0.1999 0.2218 0.0506  -0.0919 -0.0415 8   A   A C6    
124 N  N6    . A   A 6  ? 0.2910 0.1899 0.3580 0.0367  -0.0375 -0.0494 8   A   A N6    
125 N  N1    . A   A 6  ? 0.3258 0.2050 0.2268 0.0302  -0.0464 -0.0542 8   A   A N1    
126 C  C2    . A   A 6  ? 0.3219 0.1928 0.3052 0.0289  -0.0365 -0.0635 8   A   A C2    
127 N  N3    . A   A 6  ? 0.3146 0.2330 0.2160 0.0502  -0.0860 -0.0770 8   A   A N3    
128 C  C4    . A   A 6  ? 0.2972 0.2059 0.2171 0.0743  -0.0902 -0.0932 8   A   A C4    
129 P  P     . C   A 7  ? 0.3010 0.2639 0.2803 0.1027  -0.0518 -0.1050 9   C   A P     
130 O  OP1   . C   A 7  ? 0.3192 0.3332 0.3495 0.1072  -0.0057 -0.1058 9   C   A OP1   
131 O  OP2   . C   A 7  ? 0.3358 0.2300 0.2921 0.0977  -0.0937 -0.0728 9   C   A OP2   
132 O  "O5'" . C   A 7  ? 0.2686 0.2325 0.2610 0.0764  -0.0528 -0.0718 9   C   A "O5'" 
133 C  "C5'" . C   A 7  ? 0.2541 0.2471 0.3589 0.0638  -0.1034 -0.0673 9   C   A "C5'" 
134 C  "C4'" . C   A 7  ? 0.2526 0.2293 0.3600 0.0522  -0.0926 -0.1216 9   C   A "C4'" 
135 O  "O4'" . C   A 7  ? 0.2817 0.2390 0.3351 0.0569  -0.1247 -0.1025 9   C   A "O4'" 
136 C  "C3'" . C   A 7  ? 0.2393 0.1948 0.2885 0.0441  -0.0709 -0.0637 9   C   A "C3'" 
137 O  "O3'" . C   A 7  ? 0.2736 0.1561 0.3089 0.0165  -0.0388 -0.0563 9   C   A "O3'" 
138 C  "C2'" . C   A 7  ? 0.2517 0.1897 0.2795 0.0427  -0.0753 -0.0623 9   C   A "C2'" 
139 O  "O2'" . C   A 7  ? 0.4020 0.1782 0.2965 0.0396  -0.0545 -0.0865 9   C   A "O2'" 
140 C  "C1'" . C   A 7  ? 0.2866 0.2404 0.2793 0.0620  -0.0936 -0.0783 9   C   A "C1'" 
141 N  N1    . C   A 7  ? 0.2950 0.2446 0.2236 0.1011  -0.0609 -0.0755 9   C   A N1    
142 C  C2    . C   A 7  ? 0.2699 0.2072 0.2535 0.0812  -0.0888 -0.1009 9   C   A C2    
143 O  O2    . C   A 7  ? 0.2929 0.2192 0.2290 0.1007  -0.0724 -0.0691 9   C   A O2    
144 N  N3    . C   A 7  ? 0.3104 0.2193 0.2154 0.0968  -0.0664 -0.0753 9   C   A N3    
145 C  C4    . C   A 7  ? 0.2835 0.2490 0.2004 0.1099  -0.0621 -0.0385 9   C   A C4    
146 N  N4    . C   A 7  ? 0.3049 0.2713 0.2429 0.1136  -0.0411 -0.0042 9   C   A N4    
147 C  C5    . C   A 7  ? 0.2770 0.2764 0.2158 0.0948  -0.0672 -0.0332 9   C   A C5    
148 C  C6    . C   A 7  ? 0.2806 0.2587 0.2105 0.1117  -0.0622 -0.0383 9   C   A C6    
149 P  P     . C   A 8  ? 0.2433 0.1807 0.2593 0.0328  -0.0207 -0.0486 10  C   A P     
150 O  OP1   . C   A 8  ? 0.2860 0.2279 0.2912 0.0023  0.0030  -0.0299 10  C   A OP1   
151 O  OP2   . C   A 8  ? 0.2738 0.1607 0.2408 0.0480  -0.0488 -0.0747 10  C   A OP2   
152 O  "O5'" . C   A 8  ? 0.2608 0.1495 0.2638 0.0430  -0.0231 -0.0189 10  C   A "O5'" 
153 C  "C5'" . C   A 8  ? 0.2634 0.1504 0.2730 0.0337  -0.0316 0.0014  10  C   A "C5'" 
154 C  "C4'" . C   A 8  ? 0.2603 0.1528 0.2869 0.0453  -0.0348 0.0148  10  C   A "C4'" 
155 O  "O4'" . C   A 8  ? 0.2742 0.1242 0.2816 0.0391  -0.0220 -0.0153 10  C   A "O4'" 
156 C  "C3'" . C   A 8  ? 0.2411 0.1583 0.2665 0.0640  -0.0396 0.0123  10  C   A "C3'" 
157 O  "O3'" . C   A 8  ? 0.2304 0.1476 0.2775 0.0519  -0.0322 0.0450  10  C   A "O3'" 
158 C  "C2'" . C   A 8  ? 0.2603 0.1157 0.2721 0.0521  -0.0239 0.0026  10  C   A "C2'" 
159 O  "O2'" . C   A 8  ? 0.2523 0.1403 0.3559 0.0736  -0.0266 0.0018  10  C   A "O2'" 
160 C  "C1'" . C   A 8  ? 0.2721 0.1217 0.2738 0.0443  -0.0235 -0.0122 10  C   A "C1'" 
161 N  N1    . C   A 8  ? 0.2398 0.1254 0.2421 0.0512  -0.0287 -0.0204 10  C   A N1    
162 C  C2    . C   A 8  ? 0.2614 0.1259 0.2567 0.0521  -0.0136 -0.0124 10  C   A C2    
163 O  O2    . C   A 8  ? 0.2601 0.1443 0.2458 0.0652  0.0182  -0.0043 10  C   A O2    
164 N  N3    . C   A 8  ? 0.2821 0.1226 0.2415 0.0639  -0.0115 -0.0178 10  C   A N3    
165 C  C4    . C   A 8  ? 0.2831 0.1485 0.1990 0.0743  -0.0177 -0.0247 10  C   A C4    
166 N  N4    . C   A 8  ? 0.2849 0.1727 0.1971 0.1015  0.0090  -0.0011 10  C   A N4    
167 C  C5    . C   A 8  ? 0.2772 0.1116 0.2304 0.0653  -0.0186 -0.0571 10  C   A C5    
168 C  C6    . C   A 8  ? 0.2525 0.1113 0.2849 0.0499  -0.0232 -0.0562 10  C   A C6    
169 P  P     . G   A 9  ? 0.2501 0.2109 0.2374 0.0371  -0.0181 0.0335  11  G   A P     
170 O  OP1   . G   A 9  ? 0.3057 0.2309 0.2570 -0.0037 -0.0107 0.0615  11  G   A OP1   
171 O  OP2   . G   A 9  ? 0.2510 0.2058 0.2284 0.0417  -0.0311 -0.0331 11  G   A OP2   
172 O  "O5'" . G   A 9  ? 0.2424 0.1851 0.2156 0.0380  -0.0245 0.0301  11  G   A "O5'" 
173 C  "C5'" . G   A 9  ? 0.2367 0.1922 0.3147 0.0385  -0.0613 0.0774  11  G   A "C5'" 
174 C  "C4'" . G   A 9  ? 0.2452 0.1339 0.2533 0.0760  -0.0211 0.0188  11  G   A "C4'" 
175 O  "O4'" . G   A 9  ? 0.2419 0.1180 0.2600 0.0596  -0.0368 0.0087  11  G   A "O4'" 
176 C  "C3'" . G   A 9  ? 0.2576 0.1419 0.2428 0.0646  -0.0326 0.0184  11  G   A "C3'" 
177 O  "O3'" . G   A 9  ? 0.2509 0.1638 0.2600 0.0927  -0.0391 0.0058  11  G   A "O3'" 
178 C  "C2'" . G   A 9  ? 0.2378 0.1313 0.2371 0.0591  -0.0152 -0.0309 11  G   A "C2'" 
179 O  "O2'" . G   A 9  ? 0.2306 0.1565 0.3198 0.0568  -0.0292 -0.0256 11  G   A "O2'" 
180 C  "C1'" . G   A 9  ? 0.2439 0.1057 0.2329 0.0638  -0.0202 -0.0123 11  G   A "C1'" 
181 N  N9    . G   A 9  ? 0.2252 0.0996 0.2700 0.0464  -0.0170 -0.0013 11  G   A N9    
182 C  C8    . G   A 9  ? 0.2095 0.1317 0.2240 0.0333  -0.0607 0.0136  11  G   A C8    
183 N  N7    . G   A 9  ? 0.2048 0.1224 0.1910 0.0259  -0.0506 0.0014  11  G   A N7    
184 C  C5    . G   A 9  ? 0.2155 0.1113 0.2113 0.0608  0.0099  -0.0098 11  G   A C5    
185 C  C6    . G   A 9  ? 0.2439 0.1096 0.2072 0.0576  0.0053  -0.0037 11  G   A C6    
186 O  O6    . G   A 9  ? 0.2404 0.1621 0.2017 0.0655  -0.0025 0.0310  11  G   A O6    
187 N  N1    . G   A 9  ? 0.2659 0.1089 0.2230 0.0750  0.0503  -0.0051 11  G   A N1    
188 C  C2    . G   A 9  ? 0.2698 0.1401 0.2568 0.0887  0.0768  0.0095  11  G   A C2    
189 N  N2    . G   A 9  ? 0.2981 0.1499 0.3384 0.1020  0.1329  0.0290  11  G   A N2    
190 N  N3    . G   A 9  ? 0.2316 0.1536 0.2310 0.0803  0.0341  0.0125  11  G   A N3    
191 C  C4    . G   A 9  ? 0.2303 0.0889 0.2296 0.0635  0.0101  -0.0242 11  G   A C4    
192 P  P     . U   A 10 ? 0.2483 0.1905 0.2651 0.0806  -0.0446 -0.0093 12  U   A P     
193 O  OP1   . U   A 10 ? 0.2627 0.2101 0.3018 0.0789  -0.1181 -0.0091 12  U   A OP1   
194 O  OP2   . U   A 10 ? 0.2604 0.2000 0.2910 0.1129  -0.0670 -0.0260 12  U   A OP2   
195 O  "O5'" . U   A 10 ? 0.2566 0.2682 0.3444 0.0222  -0.0804 0.0013  12  U   A "O5'" 
196 C  "C5'" . U   A 10 ? 0.2614 0.1662 0.3668 0.0875  -0.0861 -0.0552 12  U   A "C5'" 
197 C  "C4'" . U   A 10 ? 0.2739 0.1607 0.3932 0.1112  -0.0738 -0.0502 12  U   A "C4'" 
198 O  "O4'" . U   A 10 ? 0.2961 0.1735 0.4099 0.1011  -0.0140 -0.0226 12  U   A "O4'" 
199 C  "C3'" . U   A 10 ? 0.2697 0.1523 0.3961 0.0802  -0.0534 -0.0362 12  U   A "C3'" 
200 O  "O3'" . U   A 10 ? 0.2497 0.1865 0.4479 0.0465  -0.0628 -0.0303 12  U   A "O3'" 
201 C  "C2'" . U   A 10 ? 0.2995 0.2139 0.4286 0.1094  0.0042  -0.0301 12  U   A "C2'" 
202 O  "O2'" . U   A 10 ? 0.3024 0.1745 0.6676 0.1193  0.0211  0.0192  12  U   A "O2'" 
203 C  "C1'" . U   A 10 ? 0.2763 0.1681 0.4414 0.1198  -0.0311 -0.0385 12  U   A "C1'" 
204 N  N1    . U   A 10 ? 0.3039 0.1724 0.4342 0.1341  -0.0979 -0.0444 12  U   A N1    
205 C  C2    . U   A 10 ? 0.2855 0.1744 0.3629 0.1257  -0.0584 -0.0431 12  U   A C2    
206 O  O2    . U   A 10 ? 0.2793 0.1977 0.4686 0.1113  -0.0531 -0.0226 12  U   A O2    
207 N  N3    . U   A 10 ? 0.3013 0.1699 0.3535 0.1249  -0.0657 -0.0247 12  U   A N3    
208 C  C4    . U   A 10 ? 0.2920 0.1441 0.3058 0.1080  -0.0234 -0.0058 12  U   A C4    
209 O  O4    . U   A 10 ? 0.2935 0.1162 0.4807 0.1080  0.0038  -0.0063 12  U   A O4    
210 C  C5    . U   A 10 ? 0.2981 0.1440 0.3078 0.1154  0.0045  -0.0278 12  U   A C5    
211 C  C6    . U   A 10 ? 0.3018 0.1612 0.4429 0.1281  -0.0919 -0.0414 12  U   A C6    
212 P  P     . C   A 11 ? 0.2140 0.1622 0.4044 0.0469  0.0235  -0.0294 13  C   A P     
213 O  OP1   . C   A 11 ? 0.2127 0.1832 0.4209 0.0550  0.0780  -0.0421 13  C   A OP1   
214 O  OP2   . C   A 11 ? 0.2677 0.1763 0.4609 0.0188  0.0126  -0.0284 13  C   A OP2   
215 O  "O5'" . C   A 11 ? 0.2101 0.1564 0.3254 0.0716  0.0266  -0.0269 13  C   A "O5'" 
216 C  "C5'" . C   A 11 ? 0.2325 0.1602 0.2570 0.0668  -0.0165 -0.0327 13  C   A "C5'" 
217 C  "C4'" . C   A 11 ? 0.1939 0.1475 0.2625 0.0595  0.0161  -0.0171 13  C   A "C4'" 
218 O  "O4'" . C   A 11 ? 0.2138 0.1451 0.2682 0.0672  -0.0087 -0.0157 13  C   A "O4'" 
219 C  "C3'" . C   A 11 ? 0.1648 0.1599 0.2448 0.0441  0.0253  -0.0125 13  C   A "C3'" 
220 O  "O3'" . C   A 11 ? 0.2052 0.1460 0.3209 0.0247  0.0121  -0.0172 13  C   A "O3'" 
221 C  "C2'" . C   A 11 ? 0.2119 0.1075 0.2599 0.0509  0.0021  0.0170  13  C   A "C2'" 
222 O  "O2'" . C   A 11 ? 0.2482 0.1597 0.2655 0.0302  0.0355  0.0202  13  C   A "O2'" 
223 C  "C1'" . C   A 11 ? 0.2029 0.1266 0.2661 0.0520  0.0053  -0.0160 13  C   A "C1'" 
224 N  N1    . C   A 11 ? 0.2236 0.1019 0.2396 0.0555  0.0116  -0.0176 13  C   A N1    
225 C  C2    . C   A 11 ? 0.2189 0.1311 0.1929 0.0584  0.0154  -0.0026 13  C   A C2    
226 O  O2    . C   A 11 ? 0.2047 0.1501 0.1908 0.0408  -0.0118 0.0088  13  C   A O2    
227 N  N3    . C   A 11 ? 0.2107 0.1090 0.1871 0.0498  -0.0132 -0.0130 13  C   A N3    
228 C  C4    . C   A 11 ? 0.2135 0.1207 0.1939 0.0561  -0.0067 -0.0006 13  C   A C4    
229 N  N4    . C   A 11 ? 0.2029 0.1368 0.2124 0.0292  -0.0325 0.0042  13  C   A N4    
230 C  C5    . C   A 11 ? 0.2080 0.1272 0.2193 0.0690  0.0127  -0.0122 13  C   A C5    
231 C  C6    . C   A 11 ? 0.2264 0.1527 0.2280 0.0767  0.0265  0.0033  13  C   A C6    
232 P  P     . C   A 12 ? 0.2161 0.1486 0.3300 0.0414  -0.0234 -0.0216 14  C   A P     
233 O  OP1   . C   A 12 ? 0.2278 0.1515 0.3794 0.0283  -0.0527 -0.0191 14  C   A OP1   
234 O  OP2   . C   A 12 ? 0.2337 0.1527 0.3022 0.0567  -0.0325 -0.0277 14  C   A OP2   
235 O  "O5'" . C   A 12 ? 0.2234 0.1130 0.3127 0.0302  -0.0266 -0.0155 14  C   A "O5'" 
236 C  "C5'" . C   A 12 ? 0.2215 0.1319 0.3453 0.0401  0.0159  0.0168  14  C   A "C5'" 
237 C  "C4'" . C   A 12 ? 0.2216 0.1353 0.2738 0.0334  0.0054  0.0115  14  C   A "C4'" 
238 O  "O4'" . C   A 12 ? 0.2253 0.1229 0.2450 0.0442  0.0055  -0.0002 14  C   A "O4'" 
239 C  "C3'" . C   A 12 ? 0.2160 0.1117 0.2389 0.0258  -0.0131 0.0264  14  C   A "C3'" 
240 O  "O3'" . C   A 12 ? 0.2463 0.1284 0.2930 0.0171  -0.0092 0.0051  14  C   A "O3'" 
241 C  "C2'" . C   A 12 ? 0.2260 0.1023 0.2469 0.0586  -0.0239 -0.0050 14  C   A "C2'" 
242 O  "O2'" . C   A 12 ? 0.2512 0.1033 0.3069 0.0631  -0.0184 0.0154  14  C   A "O2'" 
243 C  "C1'" . C   A 12 ? 0.2098 0.0972 0.2090 0.0630  -0.0196 0.0132  14  C   A "C1'" 
244 N  N1    . C   A 12 ? 0.2173 0.0979 0.1866 0.0514  -0.0328 0.0040  14  C   A N1    
245 C  C2    . C   A 12 ? 0.2259 0.1003 0.1683 0.0513  -0.0194 -0.0035 14  C   A C2    
246 O  O2    . C   A 12 ? 0.2326 0.1040 0.1851 0.0559  -0.0289 0.0118  14  C   A O2    
247 N  N3    . C   A 12 ? 0.2229 0.0980 0.1632 0.0697  -0.0037 -0.0029 14  C   A N3    
248 C  C4    . C   A 12 ? 0.2141 0.1130 0.1627 0.0727  -0.0019 0.0019  14  C   A C4    
249 N  N4    . C   A 12 ? 0.2326 0.1187 0.2109 0.0403  -0.0434 0.0327  14  C   A N4    
250 C  C5    . C   A 12 ? 0.2111 0.0961 0.1742 0.0660  -0.0110 0.0033  14  C   A C5    
251 C  C6    . C   A 12 ? 0.2289 0.1027 0.2290 0.0440  -0.0522 0.0259  14  C   A C6    
252 P  P     . G   A 13 ? 0.2354 0.1476 0.3211 0.0348  -0.0337 -0.0306 15  G   A P     
253 O  OP1   . G   A 13 ? 0.2625 0.1859 0.3930 -0.0110 -0.0220 -0.0534 15  G   A OP1   
254 O  OP2   . G   A 13 ? 0.2356 0.1971 0.3174 0.0591  -0.0676 -0.0198 15  G   A OP2   
255 O  "O5'" . G   A 13 ? 0.2429 0.1255 0.2778 0.0411  -0.0273 -0.0243 15  G   A "O5'" 
256 C  "C5'" . G   A 13 ? 0.2442 0.1285 0.2834 0.0355  -0.0067 0.0095  15  G   A "C5'" 
257 C  "C4'" . G   A 13 ? 0.2434 0.1187 0.2473 0.0394  -0.0130 -0.0038 15  G   A "C4'" 
258 O  "O4'" . G   A 13 ? 0.2593 0.1153 0.1955 0.0337  -0.0093 0.0109  15  G   A "O4'" 
259 C  "C3'" . G   A 13 ? 0.2454 0.1336 0.2369 0.0155  -0.0294 -0.0122 15  G   A "C3'" 
260 O  "O3'" . G   A 13 ? 0.2367 0.1278 0.2585 0.0339  -0.0222 -0.0148 15  G   A "O3'" 
261 C  "C2'" . G   A 13 ? 0.2197 0.1064 0.2279 0.0585  -0.0077 -0.0381 15  G   A "C2'" 
262 O  "O2'" . G   A 13 ? 0.2669 0.1143 0.2073 0.0683  -0.0137 0.0010  15  G   A "O2'" 
263 C  "C1'" . G   A 13 ? 0.2417 0.1033 0.1738 0.0420  -0.0293 0.0011  15  G   A "C1'" 
264 N  N9    . G   A 13 ? 0.2126 0.0830 0.2061 0.0407  0.0002  -0.0243 15  G   A N9    
265 C  C8    . G   A 13 ? 0.2078 0.1116 0.1969 0.0417  -0.0067 -0.0130 15  G   A C8    
266 N  N7    . G   A 13 ? 0.1973 0.1314 0.1506 0.0460  -0.0165 0.0077  15  G   A N7    
267 C  C5    . G   A 13 ? 0.2048 0.1124 0.1454 0.0538  -0.0083 -0.0068 15  G   A C5    
268 C  C6    . G   A 13 ? 0.1867 0.1181 0.1703 0.0347  -0.0445 0.0007  15  G   A C6    
269 O  O6    . G   A 13 ? 0.2257 0.1089 0.1861 0.0423  -0.0200 -0.0013 15  G   A O6    
270 N  N1    . G   A 13 ? 0.2014 0.0978 0.1700 0.0322  -0.0298 -0.0080 15  G   A N1    
271 C  C2    . G   A 13 ? 0.2029 0.0897 0.1853 0.0345  -0.0175 -0.0366 15  G   A C2    
272 N  N2    . G   A 13 ? 0.2147 0.1233 0.1525 0.0492  -0.0025 -0.0023 15  G   A N2    
273 N  N3    . G   A 13 ? 0.1906 0.0925 0.2359 0.0368  -0.0257 -0.0058 15  G   A N3    
274 C  C4    . G   A 13 ? 0.1949 0.1017 0.2015 0.0360  -0.0298 -0.0105 15  G   A C4    
275 P  P     . C   A 14 ? 0.2865 0.1376 0.2682 0.0117  -0.0474 -0.0290 16  C   A P     
276 O  OP1   . C   A 14 ? 0.3013 0.1457 0.3115 -0.0108 -0.0438 -0.0239 16  C   A OP1   
277 O  OP2   . C   A 14 ? 0.2792 0.1776 0.2862 0.0304  -0.0612 0.0066  16  C   A OP2   
278 O  "O5'" . C   A 14 ? 0.2774 0.1229 0.2406 0.0196  -0.0652 -0.0045 16  C   A "O5'" 
279 C  "C5'" . C   A 14 ? 0.2965 0.1150 0.2424 0.0478  -0.0557 -0.0252 16  C   A "C5'" 
280 C  "C4'" . C   A 14 ? 0.2812 0.1343 0.1983 0.0693  -0.0297 -0.0258 16  C   A "C4'" 
281 O  "O4'" . C   A 14 ? 0.2698 0.1175 0.1730 0.0564  -0.0529 -0.0115 16  C   A "O4'" 
282 C  "C3'" . C   A 14 ? 0.2986 0.1605 0.1872 0.0885  -0.0422 -0.0260 16  C   A "C3'" 
283 O  "O3'" . C   A 14 ? 0.3328 0.1687 0.1864 0.1101  -0.0432 -0.0221 16  C   A "O3'" 
284 C  "C2'" . C   A 14 ? 0.2682 0.1543 0.1672 0.1029  -0.0388 -0.0014 16  C   A "C2'" 
285 O  "O2'" . C   A 14 ? 0.2784 0.1562 0.1872 0.1155  -0.0400 -0.0158 16  C   A "O2'" 
286 C  "C1'" . C   A 14 ? 0.2569 0.1309 0.1616 0.0913  -0.0415 0.0070  16  C   A "C1'" 
287 N  N1    . C   A 14 ? 0.2126 0.1061 0.1722 0.0545  -0.0472 -0.0169 16  C   A N1    
288 C  C2    . C   A 14 ? 0.2011 0.1148 0.1560 0.0620  -0.0201 -0.0076 16  C   A C2    
289 O  O2    . C   A 14 ? 0.1873 0.1271 0.1964 0.0765  -0.0251 -0.0002 16  C   A O2    
290 N  N3    . C   A 14 ? 0.1845 0.1095 0.1827 0.0551  -0.0291 -0.0131 16  C   A N3    
291 C  C4    . C   A 14 ? 0.1918 0.1227 0.1329 0.0472  -0.0231 -0.0135 16  C   A C4    
292 N  N4    . C   A 14 ? 0.2019 0.1485 0.1972 0.0588  0.0053  -0.0061 16  C   A N4    
293 C  C5    . C   A 14 ? 0.2058 0.1360 0.2167 0.0357  -0.0133 -0.0027 16  C   A C5    
294 C  C6    . C   A 14 ? 0.2108 0.1197 0.2185 0.0297  -0.0793 -0.0090 16  C   A C6    
295 P  P     . U   A 15 ? 0.4187 0.1420 0.1922 0.0895  -0.0686 -0.0295 17  U   A P     
296 O  OP1   . U   A 15 ? 0.4997 0.1563 0.2319 0.1093  -0.1018 -0.0665 17  U   A OP1   
297 O  OP2   . U   A 15 ? 0.3950 0.1672 0.2235 0.0537  -0.0920 -0.0252 17  U   A OP2   
298 O  "O5'" . U   A 15 ? 0.3502 0.1577 0.1915 0.1238  -0.0437 -0.0156 17  U   A "O5'" 
299 C  "C5'" . U   A 15 ? 0.3403 0.1699 0.1843 0.1586  -0.0448 -0.0162 17  U   A "C5'" 
300 C  "C4'" . U   A 15 ? 0.3097 0.1869 0.1804 0.1395  -0.0467 -0.0163 17  U   A "C4'" 
301 O  "O4'" . U   A 15 ? 0.2789 0.1810 0.1898 0.1343  -0.0633 -0.0266 17  U   A "O4'" 
302 C  "C3'" . U   A 15 ? 0.3229 0.2066 0.1816 0.1555  -0.0325 -0.0077 17  U   A "C3'" 
303 O  "O3'" . U   A 15 ? 0.3011 0.3004 0.2525 0.1640  0.0170  0.0347  17  U   A "O3'" 
304 C  "C2'" . U   A 15 ? 0.2867 0.1870 0.1676 0.1215  -0.0318 -0.0042 17  U   A "C2'" 
305 O  "O2'" . U   A 15 ? 0.2901 0.1912 0.1934 0.1275  -0.0215 0.0142  17  U   A "O2'" 
306 C  "C1'" . U   A 15 ? 0.2114 0.1315 0.1912 0.0661  -0.0064 0.0115  17  U   A "C1'" 
307 N  N1    . U   A 15 ? 0.1907 0.1269 0.2072 0.0569  -0.0312 -0.0191 17  U   A N1    
308 C  C2    . U   A 15 ? 0.1909 0.1410 0.2119 0.0608  -0.0431 0.0014  17  U   A C2    
309 O  O2    . U   A 15 ? 0.2257 0.1431 0.2203 0.0573  -0.0114 0.0075  17  U   A O2    
310 N  N3    . U   A 15 ? 0.1831 0.1135 0.1979 0.0553  -0.0503 -0.0052 17  U   A N3    
311 C  C4    . U   A 15 ? 0.1912 0.0971 0.1921 0.0437  -0.0564 -0.0205 17  U   A C4    
312 O  O4    . U   A 15 ? 0.2012 0.1178 0.2287 0.0652  -0.0223 -0.0100 17  U   A O4    
313 C  C5    . U   A 15 ? 0.2030 0.1087 0.2003 0.0665  -0.0267 -0.0001 17  U   A C5    
314 C  C6    . U   A 15 ? 0.1938 0.1434 0.1874 0.0504  -0.0309 -0.0153 17  U   A C6    
315 P  P     . C   A 16 ? 0.3039 0.7060 0.2058 0.2903  -0.0165 0.0307  18  C   A P     
316 O  OP1   . C   A 16 ? 0.5023 0.6048 0.4041 0.4177  -0.2054 -0.1858 18  C   A OP1   
317 O  OP2   . C   A 16 ? 0.3134 1.1568 0.2004 0.1722  -0.0169 0.0723  18  C   A OP2   
318 O  "O5'" . C   A 16 ? 0.2487 0.7680 0.2139 0.2770  -0.0024 0.0794  18  C   A "O5'" 
319 C  "C5'" . C   A 16 ? 0.3021 0.6101 0.2242 0.2635  -0.0218 0.0841  18  C   A "C5'" 
320 C  "C4'" . C   A 16 ? 0.4243 0.4228 0.2987 0.2588  -0.0347 -0.0138 18  C   A "C4'" 
321 O  "O4'" . C   A 16 ? 0.6763 0.5105 0.2872 0.4102  -0.1015 -0.0494 18  C   A "O4'" 
322 C  "C3'" . C   A 16 ? 0.3583 0.3605 0.3467 0.1759  -0.0079 0.0147  18  C   A "C3'" 
323 O  "O3'" . C   A 16 ? 0.3817 0.1814 0.4776 0.0644  -0.0511 0.0312  18  C   A "O3'" 
324 C  "C2'" . C   A 16 ? 0.4520 0.3348 0.3423 0.1858  -0.0132 0.0001  18  C   A "C2'" 
325 O  "O2'" . C   A 16 ? 0.5023 0.3214 0.5349 0.1783  0.0671  0.0812  18  C   A "O2'" 
326 C  "C1'" . C   A 16 ? 0.8023 0.4066 0.3543 0.3175  -0.1637 -0.0350 18  C   A "C1'" 
327 N  N1    . C   A 16 ? 0.7856 0.4182 0.3992 0.3287  -0.0692 -0.0597 18  C   A N1    
328 C  C2    . C   A 16 ? 0.7332 0.4400 0.4016 0.3170  -0.0925 0.1470  18  C   A C2    
329 O  O2    . C   A 16 ? 0.7296 0.4397 0.5309 0.3598  -0.2380 -0.0850 18  C   A O2    
330 N  N3    . C   A 16 ? 0.6230 0.4171 0.5030 0.2549  -0.0430 0.1251  18  C   A N3    
331 C  C4    . C   A 16 ? 0.6259 0.3537 0.3928 0.1912  0.0200  0.1039  18  C   A C4    
332 N  N4    . C   A 16 ? 0.4767 0.2425 0.4721 0.0712  0.1020  0.0958  18  C   A N4    
333 C  C5    . C   A 16 ? 0.7393 0.2783 0.1836 0.2508  0.0254  0.0141  18  C   A C5    
334 C  C6    . C   A 16 ? 0.7852 0.3822 0.2457 0.3183  -0.0666 -0.0232 18  C   A C6    
335 P  P     . A   A 17 ? 0.2433 0.1927 0.3741 0.0056  -0.0288 0.0687  19  A   A P     
336 O  OP1   . A   A 17 ? 0.2836 0.2254 0.3545 -0.0123 -0.0208 0.0471  19  A   A OP1   
337 O  OP2   . A   A 17 ? 0.2785 0.3062 0.4001 -0.0717 -0.0699 0.1601  19  A   A OP2   
338 O  "O5'" . A   A 17 ? 0.2025 0.1777 0.3474 0.0032  -0.0081 0.0509  19  A   A "O5'" 
339 C  "C5'" . A   A 17 ? 0.1824 0.1624 0.3792 -0.0177 -0.0316 0.0533  19  A   A "C5'" 
340 C  "C4'" . A   A 17 ? 0.1724 0.1240 0.3132 0.0505  -0.0040 0.0030  19  A   A "C4'" 
341 O  "O4'" . A   A 17 ? 0.1811 0.1378 0.3182 0.0488  0.0144  -0.0072 19  A   A "O4'" 
342 C  "C3'" . A   A 17 ? 0.1783 0.1239 0.2619 0.0462  0.0066  0.0151  19  A   A "C3'" 
343 O  "O3'" . A   A 17 ? 0.2168 0.1033 0.2516 0.0784  -0.0073 0.0187  19  A   A "O3'" 
344 C  "C2'" . A   A 17 ? 0.1843 0.1218 0.2489 0.0411  0.0075  0.0190  19  A   A "C2'" 
345 O  "O2'" . A   A 17 ? 0.1951 0.1276 0.2313 0.0363  0.0293  0.0000  19  A   A "O2'" 
346 C  "C1'" . A   A 17 ? 0.1894 0.1242 0.2573 0.0458  0.0069  0.0127  19  A   A "C1'" 
347 N  N9    . A   A 17 ? 0.1947 0.1247 0.2405 0.0508  0.0171  0.0342  19  A   A N9    
348 C  C8    . A   A 17 ? 0.1709 0.1497 0.2431 0.0586  0.0221  0.0409  19  A   A C8    
349 N  N7    . A   A 17 ? 0.1793 0.1659 0.2424 0.0702  0.0269  0.0372  19  A   A N7    
350 C  C5    . A   A 17 ? 0.1604 0.1011 0.2532 0.0205  0.0000  0.0204  19  A   A C5    
351 C  C6    . A   A 17 ? 0.1437 0.1229 0.2606 0.0327  0.0111  0.0080  19  A   A C6    
352 N  N6    . A   A 17 ? 0.1724 0.1166 0.2597 0.0128  0.0028  0.0042  19  A   A N6    
353 N  N1    . A   A 17 ? 0.1661 0.0806 0.2634 0.0187  -0.0091 -0.0064 19  A   A N1    
354 C  C2    . A   A 17 ? 0.1253 0.1278 0.2645 0.0497  -0.0110 -0.0123 19  A   A C2    
355 N  N3    . A   A 17 ? 0.1424 0.1179 0.2510 0.0504  0.0091  0.0111  19  A   A N3    
356 C  C4    . A   A 17 ? 0.1401 0.1282 0.2457 0.0446  0.0209  0.0278  19  A   A C4    
357 P  P     . A   A 18 ? 0.2437 0.1541 0.2561 0.0849  -0.0272 -0.0031 20  A   A P     
358 O  OP1   . A   A 18 ? 0.2346 0.2209 0.2399 0.0945  -0.0349 0.0080  20  A   A OP1   
359 O  OP2   . A   A 18 ? 0.2592 0.1560 0.3105 0.0717  -0.0454 -0.0422 20  A   A OP2   
360 O  "O5'" . A   A 18 ? 0.2368 0.1129 0.2658 0.0978  -0.0041 0.0067  20  A   A "O5'" 
361 C  "C5'" . A   A 18 ? 0.2335 0.1156 0.2337 0.0930  -0.0038 0.0373  20  A   A "C5'" 
362 C  "C4'" . A   A 18 ? 0.2327 0.1011 0.2028 0.0898  -0.0398 -0.0011 20  A   A "C4'" 
363 O  "O4'" . A   A 18 ? 0.2542 0.1256 0.2011 0.1098  -0.0289 0.0087  20  A   A "O4'" 
364 C  "C3'" . A   A 18 ? 0.2176 0.1305 0.1972 0.0784  -0.0363 0.0004  20  A   A "C3'" 
365 O  "O3'" . A   A 18 ? 0.2296 0.1210 0.2143 0.0941  -0.0231 0.0180  20  A   A "O3'" 
366 C  "C2'" . A   A 18 ? 0.2754 0.0853 0.2108 0.0816  -0.0249 0.0004  20  A   A "C2'" 
367 O  "O2'" . A   A 18 ? 0.2312 0.1368 0.2614 0.1112  -0.0271 0.0122  20  A   A "O2'" 
368 C  "C1'" . A   A 18 ? 0.2932 0.1049 0.2050 0.1014  -0.0209 0.0000  20  A   A "C1'" 
369 N  N9    . A   A 18 ? 0.2546 0.1246 0.1853 0.1099  -0.0137 0.0017  20  A   A N9    
370 C  C8    . A   A 18 ? 0.2572 0.1820 0.2716 0.1109  -0.0349 0.0074  20  A   A C8    
371 N  N7    . A   A 18 ? 0.2431 0.1831 0.2799 0.0956  -0.0204 -0.0212 20  A   A N7    
372 C  C5    . A   A 18 ? 0.2467 0.1567 0.2114 0.0733  0.0007  0.0088  20  A   A C5    
373 C  C6    . A   A 18 ? 0.2524 0.1902 0.2588 0.0639  0.0358  0.0582  20  A   A C6    
374 N  N6    . A   A 18 ? 0.2529 0.1787 0.3292 0.0674  0.0826  0.0286  20  A   A N6    
375 N  N1    . A   A 18 ? 0.2688 0.1474 0.2095 0.0762  0.0230  0.0263  20  A   A N1    
376 C  C2    . A   A 18 ? 0.2646 0.0935 0.2793 0.0876  -0.0367 -0.0010 20  A   A C2    
377 N  N3    . A   A 18 ? 0.2356 0.1090 0.2055 0.1058  0.0089  0.0091  20  A   A N3    
378 C  C4    . A   A 18 ? 0.2323 0.1084 0.2010 0.1060  0.0203  -0.0077 20  A   A C4    
379 P  P     . A   A 19 ? 0.2400 0.1440 0.2090 0.0788  -0.0191 0.0191  21  A   A P     
380 O  OP1   . A   A 19 ? 0.2550 0.2032 0.2054 0.0520  -0.0226 0.0208  21  A   A OP1   
381 O  OP2   . A   A 19 ? 0.2270 0.1600 0.2290 0.1102  -0.0258 -0.0011 21  A   A OP2   
382 O  "O5'" . A   A 19 ? 0.2612 0.1511 0.2178 0.1230  0.0009  0.0206  21  A   A "O5'" 
383 C  "C5'" . A   A 19 ? 0.2691 0.1705 0.2582 0.1033  0.0473  0.0280  21  A   A "C5'" 
384 C  "C4'" . A   A 19 ? 0.2543 0.1607 0.2261 0.1250  0.0101  0.0280  21  A   A "C4'" 
385 O  "O4'" . A   A 19 ? 0.2948 0.1809 0.2030 0.1107  -0.0092 0.0333  21  A   A "O4'" 
386 C  "C3'" . A   A 19 ? 0.2756 0.1813 0.2108 0.1087  -0.0085 0.0267  21  A   A "C3'" 
387 O  "O3'" . A   A 19 ? 0.3036 0.2094 0.2818 0.0951  -0.0547 0.0726  21  A   A "O3'" 
388 C  "C2'" . A   A 19 ? 0.3054 0.1712 0.2111 0.1148  -0.0083 0.0390  21  A   A "C2'" 
389 O  "O2'" . A   A 19 ? 0.3005 0.1748 0.2649 0.1210  -0.0209 0.0411  21  A   A "O2'" 
390 C  "C1'" . A   A 19 ? 0.2945 0.1638 0.2362 0.1073  -0.0245 0.0239  21  A   A "C1'" 
391 N  N9    . A   A 19 ? 0.3033 0.1497 0.1831 0.1028  -0.0101 0.0228  21  A   A N9    
392 C  C8    . A   A 19 ? 0.2858 0.1453 0.2065 0.0960  -0.0132 0.0423  21  A   A C8    
393 N  N7    . A   A 19 ? 0.2926 0.1266 0.2107 0.0735  0.0019  0.0013  21  A   A N7    
394 C  C5    . A   A 19 ? 0.2951 0.1261 0.2154 0.0697  -0.0381 -0.0015 21  A   A C5    
395 C  C6    . A   A 19 ? 0.3121 0.1195 0.1975 0.0645  -0.0228 -0.0111 21  A   A C6    
396 N  N6    . A   A 19 ? 0.3156 0.1222 0.2221 0.0653  -0.0035 0.0073  21  A   A N6    
397 N  N1    . A   A 19 ? 0.3122 0.1303 0.2503 0.0704  -0.0056 0.0025  21  A   A N1    
398 C  C2    . A   A 19 ? 0.3455 0.1447 0.2005 0.0929  0.0405  0.0113  21  A   A C2    
399 N  N3    . A   A 19 ? 0.3403 0.1495 0.1916 0.1076  0.0535  0.0208  21  A   A N3    
400 C  C4    . A   A 19 ? 0.3309 0.1302 0.1875 0.0887  0.0088  -0.0053 21  A   A C4    
401 P  P     . C   A 20 ? 0.3178 0.2072 0.2865 0.1078  -0.0821 0.0217  22  C   A P     
402 O  OP1   . C   A 20 ? 0.3222 0.2873 0.3312 0.1045  -0.0987 0.0176  22  C   A OP1   
403 O  OP2   . C   A 20 ? 0.3496 0.1887 0.3131 0.1143  -0.0932 0.0190  22  C   A OP2   
404 O  "O5'" . C   A 20 ? 0.3205 0.1922 0.2181 0.1303  -0.0404 0.0195  22  C   A "O5'" 
405 C  "C5'" . C   A 20 ? 0.3391 0.2022 0.2368 0.1509  -0.0118 0.0324  22  C   A "C5'" 
406 C  "C4'" . C   A 20 ? 0.3673 0.1921 0.1967 0.1468  -0.0234 0.0387  22  C   A "C4'" 
407 O  "O4'" . C   A 20 ? 0.3564 0.1945 0.1778 0.1367  -0.0094 0.0040  22  C   A "O4'" 
408 C  "C3'" . C   A 20 ? 0.3645 0.2148 0.1933 0.1259  -0.0294 0.0138  22  C   A "C3'" 
409 O  "O3'" . C   A 20 ? 0.3614 0.2267 0.1874 0.1301  -0.0118 0.0359  22  C   A "O3'" 
410 C  "C2'" . C   A 20 ? 0.3899 0.1645 0.1521 0.1318  -0.0227 -0.0062 22  C   A "C2'" 
411 O  "O2'" . C   A 20 ? 0.4795 0.1686 0.2184 0.1582  -0.0112 0.0159  22  C   A "O2'" 
412 C  "C1'" . C   A 20 ? 0.3665 0.1849 0.1510 0.1358  -0.0098 0.0000  22  C   A "C1'" 
413 N  N1    . C   A 20 ? 0.3257 0.2004 0.1902 0.1216  -0.0271 0.0196  22  C   A N1    
414 C  C2    . C   A 20 ? 0.3151 0.1984 0.2898 0.0964  -0.0803 0.0267  22  C   A C2    
415 O  O2    . C   A 20 ? 0.4017 0.2043 0.2463 0.0854  -0.0043 0.0297  22  C   A O2    
416 N  N3    . C   A 20 ? 0.3351 0.2229 0.1923 0.1199  0.0033  0.0293  22  C   A N3    
417 C  C4    . C   A 20 ? 0.2871 0.2162 0.1558 0.1288  -0.0036 0.0116  22  C   A C4    
418 N  N4    . C   A 20 ? 0.2715 0.2164 0.2309 0.1232  -0.0035 0.0121  22  C   A N4    
419 C  C5    . C   A 20 ? 0.2753 0.2222 0.2015 0.1466  -0.0153 0.0290  22  C   A C5    
420 C  C6    . C   A 20 ? 0.2849 0.1987 0.1766 0.1392  -0.0279 0.0256  22  C   A C6    
421 P  P     . A   A 21 ? 0.3405 0.2117 0.2024 0.1279  -0.0267 0.0233  23  A   A P     
422 O  OP1   . A   A 21 ? 0.3932 0.2708 0.2324 0.1478  -0.0711 0.0217  23  A   A OP1   
423 O  OP2   . A   A 21 ? 0.3325 0.2275 0.2210 0.0809  -0.0410 0.0358  23  A   A OP2   
424 O  "O5'" . A   A 21 ? 0.3643 0.1502 0.2085 0.1228  0.0016  0.0216  23  A   A "O5'" 
425 C  "C5'" . A   A 21 ? 0.3387 0.1299 0.1925 0.1107  -0.0329 0.0173  23  A   A "C5'" 
426 C  "C4'" . A   A 21 ? 0.3359 0.1773 0.2138 0.1252  -0.0632 -0.0064 23  A   A "C4'" 
427 O  "O4'" . A   A 21 ? 0.3158 0.1312 0.2010 0.1154  -0.0217 0.0157  23  A   A "O4'" 
428 C  "C3'" . A   A 21 ? 0.3370 0.1708 0.1984 0.0820  -0.0208 0.0135  23  A   A "C3'" 
429 O  "O3'" . A   A 21 ? 0.3877 0.1013 0.2300 0.0787  -0.0271 0.0303  23  A   A "O3'" 
430 C  "C2'" . A   A 21 ? 0.3147 0.1570 0.2220 0.0656  -0.0009 0.0465  23  A   A "C2'" 
431 O  "O2'" . A   A 21 ? 0.3469 0.1472 0.2509 0.0677  -0.0257 0.0492  23  A   A "O2'" 
432 C  "C1'" . A   A 21 ? 0.2910 0.1382 0.2071 0.0927  -0.0226 0.0316  23  A   A "C1'" 
433 N  N9    . A   A 21 ? 0.2815 0.1333 0.1837 0.1029  -0.0111 0.0226  23  A   A N9    
434 C  C8    . A   A 21 ? 0.2675 0.1389 0.1939 0.0992  -0.0358 0.0226  23  A   A C8    
435 N  N7    . A   A 21 ? 0.2429 0.1424 0.2087 0.1021  -0.0134 0.0245  23  A   A N7    
436 C  C5    . A   A 21 ? 0.2439 0.1236 0.2364 0.0893  -0.0228 0.0056  23  A   A C5    
437 C  C6    . A   A 21 ? 0.2401 0.1168 0.1954 0.1032  0.0153  -0.0083 23  A   A C6    
438 N  N6    . A   A 21 ? 0.2843 0.1419 0.2297 0.0865  0.0009  0.0420  23  A   A N6    
439 N  N1    . A   A 21 ? 0.2406 0.1498 0.2348 0.0845  -0.0340 0.0332  23  A   A N1    
440 C  C2    . A   A 21 ? 0.2685 0.1633 0.2225 0.0751  -0.0219 0.0450  23  A   A C2    
441 N  N3    . A   A 21 ? 0.2790 0.1306 0.2286 0.0786  -0.0107 0.0121  23  A   A N3    
442 C  C4    . A   A 21 ? 0.2704 0.1310 0.2050 0.0920  -0.0019 0.0194  23  A   A C4    
443 P  P     . A   A 22 ? 0.3738 0.1658 0.2066 0.1030  -0.0149 0.0238  24  A   A P     
444 O  OP1   . A   A 22 ? 0.4643 0.2134 0.2254 0.1609  -0.0191 0.0500  24  A   A OP1   
445 O  OP2   . A   A 22 ? 0.3700 0.1521 0.2405 0.1037  -0.0436 -0.0225 24  A   A OP2   
446 O  "O5'" . A   A 22 ? 0.3708 0.1503 0.2493 0.1015  -0.0110 0.0504  24  A   A "O5'" 
447 C  "C5'" . A   A 22 ? 0.3753 0.1488 0.2768 0.1060  0.0243  0.0842  24  A   A "C5'" 
448 C  "C4'" . A   A 22 ? 0.3700 0.1485 0.2631 0.1019  0.0132  0.0428  24  A   A "C4'" 
449 O  "O4'" . A   A 22 ? 0.3703 0.1081 0.2486 0.0806  0.0008  0.0278  24  A   A "O4'" 
450 C  "C3'" . A   A 22 ? 0.3949 0.1545 0.2447 0.1024  0.0190  0.0419  24  A   A "C3'" 
451 O  "O3'" . A   A 22 ? 0.4333 0.3078 0.2610 0.1379  0.0601  0.0779  24  A   A "O3'" 
452 C  "C2'" . A   A 22 ? 0.3154 0.1479 0.2674 0.0746  0.0209  0.0364  24  A   A "C2'" 
453 O  "O2'" . A   A 22 ? 0.3403 0.2010 0.3902 0.0283  0.0399  -0.0152 24  A   A "O2'" 
454 C  "C1'" . A   A 22 ? 0.3464 0.1237 0.2481 0.0814  0.0089  0.0292  24  A   A "C1'" 
455 N  N9    . A   A 22 ? 0.3240 0.1128 0.2514 0.0949  0.0178  0.0302  24  A   A N9    
456 C  C8    . A   A 22 ? 0.3202 0.1215 0.2513 0.1178  0.0227  0.0228  24  A   A C8    
457 N  N7    . A   A 22 ? 0.3054 0.1155 0.2189 0.0851  -0.0646 0.0063  24  A   A N7    
458 C  C5    . A   A 22 ? 0.2894 0.0924 0.1764 0.0817  -0.0290 -0.0110 24  A   A C5    
459 C  C6    . A   A 22 ? 0.3029 0.0851 0.2106 0.0763  -0.0502 -0.0064 24  A   A C6    
460 N  N6    . A   A 22 ? 0.3017 0.1140 0.2375 0.0681  -0.0386 0.0136  24  A   A N6    
461 N  N1    . A   A 22 ? 0.2946 0.1217 0.1823 0.0901  -0.0276 0.0014  24  A   A N1    
462 C  C2    . A   A 22 ? 0.2894 0.1149 0.2595 0.1074  0.0133  0.0040  24  A   A C2    
463 N  N3    . A   A 22 ? 0.2850 0.1246 0.2242 0.0983  0.0241  0.0002  24  A   A N3    
464 C  C4    . A   A 22 ? 0.2932 0.1012 0.2323 0.0879  -0.0006 0.0082  24  A   A C4    
465 P  P     . A   A 23 ? 0.5326 0.4390 0.2322 0.2453  0.0052  0.0570  25  A   A P     
466 O  OP1   . A   A 23 ? 0.8284 0.5855 0.3380 0.0201  0.1976  -0.1163 25  A   A OP1   
467 O  OP2   . A   A 23 ? 0.5542 0.7494 0.4066 0.2973  -0.0890 -0.1250 25  A   A OP2   
468 O  "O5'" . A   A 23 ? 0.7928 0.3963 0.4011 0.2532  -0.0222 -0.0550 25  A   A "O5'" 
469 C  "C5'" . A   A 23 ? 0.8784 0.6064 0.4237 0.4669  -0.0725 -0.0761 25  A   A "C5'" 
470 C  "C4'" . A   A 23 ? 0.8148 0.4140 0.3096 0.3180  0.0727  -0.0111 25  A   A "C4'" 
471 O  "O4'" . A   A 23 ? 0.6792 0.1823 0.3068 0.1340  0.1058  0.0658  25  A   A "O4'" 
472 C  "C3'" . A   A 23 ? 0.6615 0.2831 0.3380 0.1944  0.1627  0.0958  25  A   A "C3'" 
473 O  "O3'" . A   A 23 ? 0.7181 0.2949 0.3818 0.1607  0.1968  0.1197  25  A   A "O3'" 
474 C  "C2'" . A   A 23 ? 0.5471 0.3152 0.3940 0.0777  0.1808  0.1634  25  A   A "C2'" 
475 O  "O2'" . A   A 23 ? 0.6377 0.3232 0.5767 0.0377  0.2362  0.1737  25  A   A "O2'" 
476 C  "C1'" . A   A 23 ? 0.5628 0.2369 0.3374 0.0720  0.1327  0.1263  25  A   A "C1'" 
477 N  N9    . A   A 23 ? 0.4603 0.1918 0.2742 0.0869  0.1090  0.0794  25  A   A N9    
478 C  C8    . A   A 23 ? 0.5026 0.1606 0.2429 0.0982  0.0220  0.0484  25  A   A C8    
479 N  N7    . A   A 23 ? 0.3728 0.1512 0.2467 0.1202  0.0455  0.0380  25  A   A N7    
480 C  C5    . A   A 23 ? 0.3281 0.1661 0.2712 0.0923  0.0664  0.0711  25  A   A C5    
481 C  C6    . A   A 23 ? 0.3498 0.1054 0.2424 0.0438  0.0020  0.0205  25  A   A C6    
482 N  N6    . A   A 23 ? 0.3018 0.1474 0.1987 0.0639  0.0148  0.0375  25  A   A N6    
483 N  N1    . A   A 23 ? 0.3267 0.1607 0.2872 0.0360  0.0116  0.0340  25  A   A N1    
484 C  C2    . A   A 23 ? 0.3250 0.2456 0.3300 0.0172  0.0571  0.0632  25  A   A C2    
485 N  N3    . A   A 23 ? 0.3598 0.1773 0.3711 0.0497  0.0995  0.0528  25  A   A N3    
486 C  C4    . A   A 23 ? 0.3701 0.1879 0.2618 0.0702  0.1074  0.0613  25  A   A C4    
487 P  P     . C   A 24 ? 0.6738 0.3374 0.4036 0.2069  0.2382  0.1179  26  C   A P     
488 O  OP1   . C   A 24 ? 0.7826 0.5895 0.4311 0.2911  0.3074  0.2314  26  C   A OP1   
489 O  OP2   . C   A 24 ? 0.7460 0.2944 0.5669 0.1973  0.1005  0.0769  26  C   A OP2   
490 O  "O5'" . C   A 24 ? 0.6956 0.3463 0.4209 0.1915  0.1884  0.1148  26  C   A "O5'" 
491 C  "C5'" . C   A 24 ? 0.6604 0.2482 0.5132 0.2292  0.2400  0.1035  26  C   A "C5'" 
492 C  "C4'" . C   A 24 ? 0.5958 0.2338 0.5263 0.1080  0.2169  0.1418  26  C   A "C4'" 
493 O  "O4'" . C   A 24 ? 0.5945 0.1767 0.5089 0.0280  0.1970  0.0907  26  C   A "O4'" 
494 C  "C3'" . C   A 24 ? 0.5492 0.2245 0.4648 0.1256  0.2573  0.1787  26  C   A "C3'" 
495 O  "O3'" . C   A 24 ? 0.6331 0.2952 0.5456 0.1320  0.3392  0.1738  26  C   A "O3'" 
496 C  "C2'" . C   A 24 ? 0.4599 0.2306 0.4502 0.0575  0.1489  0.1156  26  C   A "C2'" 
497 O  "O2'" . C   A 24 ? 0.4671 0.3260 0.6654 -0.0168 0.1436  0.0978  26  C   A "O2'" 
498 C  "C1'" . C   A 24 ? 0.4881 0.1551 0.4063 -0.0002 0.1056  0.0397  26  C   A "C1'" 
499 N  N1    . C   A 24 ? 0.4437 0.1487 0.3626 0.0533  0.1001  0.0481  26  C   A N1    
500 C  C2    . C   A 24 ? 0.3275 0.1992 0.3162 0.0905  0.1074  0.0509  26  C   A C2    
501 O  O2    . C   A 24 ? 0.3282 0.1620 0.4015 0.0357  0.0440  0.0350  26  C   A O2    
502 N  N3    . C   A 24 ? 0.3236 0.1484 0.2569 0.0911  0.0643  0.0232  26  C   A N3    
503 C  C4    . C   A 24 ? 0.3406 0.1381 0.2786 0.1236  0.0709  0.0530  26  C   A C4    
504 N  N4    . C   A 24 ? 0.3217 0.2005 0.1988 0.1193  0.0592  0.0396  26  C   A N4    
505 C  C5    . C   A 24 ? 0.4386 0.2252 0.2608 0.1175  0.1065  0.0868  26  C   A C5    
506 C  C6    . C   A 24 ? 0.4660 0.2058 0.2850 0.0977  0.1386  0.0723  26  C   A C6    
507 P  P     . G   A 25 ? 0.6119 0.3227 0.5341 0.1906  0.3147  0.1520  27  G   A P     
508 O  OP1   . G   A 25 ? 0.8060 0.3289 0.6281 0.2336  0.4536  0.1733  27  G   A OP1   
509 O  OP2   . G   A 25 ? 0.6548 0.4533 0.4996 0.2353  0.1990  0.1490  27  G   A OP2   
510 O  "O5'" . G   A 25 ? 0.5001 0.2988 0.5531 0.1280  0.2408  0.1452  27  G   A "O5'" 
511 C  "C5'" . G   A 25 ? 0.4787 0.2832 0.5498 0.0683  0.2277  0.1057  27  G   A "C5'" 
512 C  "C4'" . G   A 25 ? 0.4843 0.2365 0.4742 0.1261  0.2216  0.0512  27  G   A "C4'" 
513 O  "O4'" . G   A 25 ? 0.3997 0.2206 0.4645 0.0959  0.1863  0.0438  27  G   A "O4'" 
514 C  "C3'" . G   A 25 ? 0.5002 0.2445 0.4333 0.1259  0.2129  0.0547  27  G   A "C3'" 
515 O  "O3'" . G   A 25 ? 0.6120 0.3044 0.3914 0.1612  0.2510  0.0526  27  G   A "O3'" 
516 C  "C2'" . G   A 25 ? 0.3633 0.2445 0.3460 0.1072  0.1373  0.0126  27  G   A "C2'" 
517 O  "O2'" . G   A 25 ? 0.3457 0.2364 0.4463 0.0750  0.0739  -0.0088 27  G   A "O2'" 
518 C  "C1'" . G   A 25 ? 0.3852 0.1967 0.3729 0.0788  0.1100  -0.0044 27  G   A "C1'" 
519 N  N9    . G   A 25 ? 0.3954 0.1547 0.3323 0.1005  0.1262  -0.0068 27  G   A N9    
520 C  C8    . G   A 25 ? 0.4259 0.1740 0.3660 0.1319  0.1810  0.0338  27  G   A C8    
521 N  N7    . G   A 25 ? 0.4243 0.2025 0.2922 0.1292  0.1502  0.0695  27  G   A N7    
522 C  C5    . G   A 25 ? 0.3811 0.1279 0.2764 0.1024  0.0625  0.0208  27  G   A C5    
523 C  C6    . G   A 25 ? 0.3573 0.1629 0.2767 0.1177  0.0515  0.0569  27  G   A C6    
524 O  O6    . G   A 25 ? 0.3590 0.1817 0.2377 0.1141  -0.0090 0.0073  27  G   A O6    
525 N  N1    . G   A 25 ? 0.3308 0.1526 0.2085 0.1025  0.0372  0.0283  27  G   A N1    
526 C  C2    . G   A 25 ? 0.3241 0.1256 0.2567 0.0997  0.0168  -0.0058 27  G   A C2    
527 N  N2    . G   A 25 ? 0.3127 0.1379 0.2246 0.0971  -0.0098 -0.0117 27  G   A N2    
528 N  N3    . G   A 25 ? 0.3301 0.1753 0.2527 0.1001  0.0312  0.0115  27  G   A N3    
529 C  C4    . G   A 25 ? 0.3647 0.1952 0.2704 0.1117  0.0926  0.0342  27  G   A C4    
530 P  P     . G   A 26 ? 0.6764 0.4635 0.3665 0.1559  0.2285  0.0169  28  G   A P     
531 O  OP1   . G   A 26 ? 0.7721 0.5425 0.4599 0.1640  0.3287  -0.0725 28  G   A OP1   
532 O  OP2   . G   A 26 ? 1.0054 0.2607 0.4066 0.1798  0.1107  -0.0128 28  G   A OP2   
533 O  "O5'" . G   A 26 ? 0.5757 0.3491 0.3363 0.1951  0.1157  0.0079  28  G   A "O5'" 
534 C  "C5'" . G   A 26 ? 0.3624 0.4508 0.3992 0.1972  0.0798  0.0385  28  G   A "C5'" 
535 C  "C4'" . G   A 26 ? 0.3568 0.3018 0.3968 0.2297  0.0346  0.0110  28  G   A "C4'" 
536 O  "O4'" . G   A 26 ? 0.3646 0.2879 0.3501 0.1469  0.0605  -0.0001 28  G   A "O4'" 
537 C  "C3'" . G   A 26 ? 0.4103 0.3579 0.3681 0.2255  0.0515  -0.0479 28  G   A "C3'" 
538 O  "O3'" . G   A 26 ? 0.5670 0.3643 0.3666 0.2274  0.1342  -0.0406 28  G   A "O3'" 
539 C  "C2'" . G   A 26 ? 0.3702 0.3560 0.3078 0.2006  0.0098  -0.0888 28  G   A "C2'" 
540 O  "O2'" . G   A 26 ? 0.3991 0.2684 0.4471 0.1507  0.0435  -0.0864 28  G   A "O2'" 
541 C  "C1'" . G   A 26 ? 0.3552 0.2521 0.3180 0.1549  0.0138  -0.0324 28  G   A "C1'" 
542 N  N9    . G   A 26 ? 0.3716 0.2470 0.2815 0.1449  0.0117  -0.0190 28  G   A N9    
543 C  C8    . G   A 26 ? 0.4220 0.2420 0.2897 0.1459  0.0111  -0.0209 28  G   A C8    
544 N  N7    . G   A 26 ? 0.4480 0.2732 0.3083 0.1715  0.0010  0.0009  28  G   A N7    
545 C  C5    . G   A 26 ? 0.4058 0.2476 0.2530 0.1851  -0.0091 -0.0431 28  G   A C5    
546 C  C6    . G   A 26 ? 0.3867 0.2417 0.3023 0.1596  -0.0844 -0.0621 28  G   A C6    
547 O  O6    . G   A 26 ? 0.4239 0.2991 0.2875 0.2114  -0.0619 -0.0470 28  G   A O6    
548 N  N1    . G   A 26 ? 0.3734 0.2270 0.2823 0.1800  -0.0233 -0.0983 28  G   A N1    
549 C  C2    . G   A 26 ? 0.3421 0.2350 0.2323 0.1609  -0.0113 -0.0830 28  G   A C2    
550 N  N2    . G   A 26 ? 0.2901 0.2216 0.3674 0.0930  -0.0866 -0.0756 28  G   A N2    
551 N  N3    . G   A 26 ? 0.3309 0.2101 0.2683 0.1365  -0.0222 -0.0665 28  G   A N3    
552 C  C4    . G   A 26 ? 0.3472 0.2116 0.3067 0.1306  -0.0478 -0.0459 28  G   A C4    
553 MG MG    . MG  B .  ? 0.2824 0.1764 0.2561 0.0202  0.0013  -0.0039 201 MG  A MG    
556 O  O     . HOH D .  ? 0.2950 0.1478 0.2233 0.0034  -0.0628 -0.0106 203 HOH A O     
558 O  O     . HOH D .  ? 0.3296 0.1779 0.2484 0.0492  0.0006  -0.0148 205 HOH A O     
559 O  O     . HOH D .  ? 0.3166 0.2562 0.2110 0.0501  0.0131  -0.0549 206 HOH A O     
564 O  O     . HOH D .  ? 0.3984 0.2202 0.2949 0.0773  0.0091  -0.0250 212 HOH A O     
565 O  O     . HOH D .  ? 0.2946 0.1832 0.2852 0.1050  0.0075  0.0001  213 HOH A O     
566 O  O     . HOH D .  ? 0.3623 0.5154 0.5577 0.1939  -0.0995 -0.1671 501 HOH A O     
567 O  O     . HOH D .  ? 0.2833 0.2035 0.2628 0.0817  -0.0817 -0.0292 502 HOH A O     
568 O  O     . HOH D .  ? 0.2654 0.1159 0.2557 0.0668  -0.0633 -0.0072 503 HOH A O     
569 O  O     . HOH D .  ? 0.3105 0.2219 0.3120 0.1000  -0.0127 0.0235  504 HOH A O     
570 O  O     . HOH D .  ? 0.3027 0.1320 0.2911 0.0772  0.0183  -0.0021 505 HOH A O     
571 O  O     . HOH D .  ? 0.3149 0.2302 0.2122 0.0069  -0.0382 -0.0001 506 HOH A O     
572 O  O     . HOH D .  ? 0.2774 0.1677 0.2603 0.0765  -0.0121 -0.0106 507 HOH A O     
573 O  O     . HOH D .  ? 0.4909 0.1775 0.4954 -0.0220 -0.0157 0.0137  508 HOH A O     
574 O  O     . HOH D .  ? 0.3373 0.1335 0.3616 0.0673  0.0365  -0.0039 509 HOH A O     
575 O  O     . HOH D .  ? 0.3329 0.1868 0.2877 0.0537  -0.0205 -0.0058 510 HOH A O     
576 O  O     . HOH D .  ? 0.3074 0.3660 0.2854 0.0084  0.0148  0.0417  511 HOH A O     
577 O  O     . HOH D .  ? 0.3829 0.4352 0.3875 0.2504  -0.0799 -0.0726 512 HOH A O     
578 O  O     . HOH D .  ? 0.4146 0.2397 0.4357 0.0985  -0.1392 -0.0339 513 HOH A O     
579 O  O     . HOH D .  ? 0.6558 0.3351 0.4384 0.1788  -0.0619 0.1039  514 HOH A O     
580 O  O     . HOH D .  ? 0.2511 0.1966 0.2713 0.0774  0.0007  0.0281  515 HOH A O     
581 O  O     . HOH D .  ? 0.5550 0.3322 0.3513 0.2258  -0.1276 0.0032  516 HOH A O     
582 O  O     . HOH D .  ? 0.2699 0.2419 0.2896 0.1092  -0.0021 0.0652  517 HOH A O     
583 O  O     . HOH D .  ? 1.4642 0.5027 2.1225 0.5641  -0.6615 -0.6124 518 HOH A O     
584 O  O     . HOH D .  ? 0.3491 0.1868 0.2307 0.0446  0.0317  -0.0371 519 HOH A O     
585 O  O     . HOH D .  ? 0.3165 0.3947 0.3221 0.0820  -0.0184 -0.0801 520 HOH A O     
586 O  O     . HOH D .  ? 0.5995 0.2326 0.4578 0.0945  -0.0935 0.1301  521 HOH A O     
587 O  O     . HOH D .  ? 0.5294 0.3085 0.3006 0.1998  -0.0543 0.0545  522 HOH A O     
588 O  O     . HOH D .  ? 0.3810 0.2699 0.2969 0.0272  -0.0081 -0.0112 523 HOH A O     
589 O  O     . HOH D .  ? 0.2980 0.3169 0.4527 0.0012  -0.1155 -0.0414 524 HOH A O     
590 O  O     . HOH D .  ? 0.3141 0.2841 0.4368 0.0975  0.0724  0.1316  525 HOH A O     
591 O  O     . HOH D .  ? 0.4168 0.4590 0.5229 0.1188  -0.0413 -0.2653 526 HOH A O     
592 O  O     . HOH D .  ? 1.2290 0.2438 0.5244 -0.0249 -0.4580 0.0136  527 HOH A O     
593 O  O     . HOH D .  ? 0.6305 0.4699 0.3229 0.1109  0.1545  0.0945  528 HOH A O     
594 O  O     . HOH D .  ? 0.5521 0.3181 0.7336 0.1333  -0.2413 -0.1245 529 HOH A O     
595 O  O     . HOH D .  ? 0.2769 0.1484 0.1968 0.0968  -0.0099 -0.0280 530 HOH A O     
596 O  O     . HOH D .  ? 0.2097 0.1717 0.3475 0.0607  0.0318  0.0036  531 HOH A O     
597 O  O     . HOH D .  ? 0.4032 0.2484 0.3846 0.0861  -0.0486 -0.1266 532 HOH A O     
598 O  O     . HOH D .  ? 0.3524 0.3672 0.3885 0.1413  -0.0209 0.0236  533 HOH A O     
599 O  O     . HOH D .  ? 0.3769 0.2883 0.4075 -0.0514 0.0532  -0.0507 534 HOH A O     
600 O  O     . HOH D .  ? 0.7733 0.2607 0.7419 0.1403  0.0403  0.0632  535 HOH A O     
601 O  O     . HOH D .  ? 0.4085 0.4222 0.4690 -0.0682 0.1626  -0.2121 536 HOH A O     
602 O  O     . HOH D .  ? 0.5490 0.2002 0.7773 -0.0247 0.0424  0.0424  537 HOH A O     
603 O  O     . HOH D .  ? 0.5988 0.3273 0.6605 0.0453  -0.0408 -0.1262 538 HOH A O     
604 O  O     . HOH D .  ? 0.4864 0.2427 0.2845 0.0009  -0.1196 0.0214  539 HOH A O     
605 O  O     . HOH D .  ? 0.2899 0.2979 0.4893 0.0850  -0.0468 -0.0264 540 HOH A O     
606 O  O     . HOH D .  ? 0.5871 0.1758 0.3417 0.1060  0.0548  -0.0413 541 HOH A O     
607 O  O     . HOH D .  ? 0.4073 0.6728 0.5516 0.2510  -0.2085 -0.3387 542 HOH A O     
608 O  O     . HOH D .  ? 0.3622 0.3853 0.3401 0.0338  -0.0245 0.0897  543 HOH A O     
609 O  O     . HOH D .  ? 0.4974 0.2716 0.4848 0.0782  -0.1372 0.0853  544 HOH A O     
610 O  O     . HOH D .  ? 0.4284 0.3335 0.8387 0.2509  -0.2620 -0.3066 545 HOH A O     
611 O  O     . HOH D .  ? 0.2518 0.8319 0.3342 0.0200  0.0384  -0.1423 546 HOH A O     
612 O  O     . HOH D .  ? 0.1425 0.3675 0.3299 0.0463  0.0253  0.0618  547 HOH A O     
613 O  O     . HOH D .  ? 0.3165 0.2239 0.5107 0.0549  -0.0304 -0.0849 548 HOH A O     
614 O  O     . HOH D .  ? 0.5793 0.2578 0.2919 0.1084  -0.0424 -0.0076 549 HOH A O     
615 O  O     . HOH D .  ? 0.6538 0.4771 0.3215 0.2308  -0.0638 -0.0205 550 HOH A O     
616 O  O     . HOH D .  ? 0.5039 0.3328 0.4796 0.0681  -0.1166 0.0544  551 HOH A O     
617 O  O     . HOH D .  ? 0.4496 0.4227 0.5095 0.0242  0.0324  0.1726  552 HOH A O     
618 O  O     . HOH D .  ? 0.6582 0.7174 0.2338 0.1894  -0.0039 -0.0085 553 HOH A O     
619 O  O     . HOH D .  ? 0.4496 0.1694 0.4634 0.0815  -0.0855 -0.0316 554 HOH A O     
620 O  O     . HOH D .  ? 0.4143 1.2241 0.5998 -0.0531 0.1941  0.0637  555 HOH A O     
621 O  O     . HOH D .  ? 0.4383 0.3644 0.3535 -0.0302 0.0244  0.0081  556 HOH A O     
622 O  O     . HOH D .  ? 0.4652 0.5957 1.2234 0.1039  -0.1517 -0.3904 557 HOH A O     
623 O  O     . HOH D .  ? 0.3821 0.6377 0.7523 -0.0107 -0.0188 0.2830  558 HOH A O     
624 O  O     . HOH D .  ? 0.4530 0.3414 0.4721 0.1003  -0.1924 -0.0067 559 HOH A O     
625 O  O     . HOH D .  ? 1.5917 0.4249 0.9238 -0.2233 -0.3888 0.4048  560 HOH A O     
629 O  O     . HOH D .  ? 0.3485 0.3728 0.4605 0.1204  0.1227  0.1143  564 HOH A O     
630 O  O     . HOH D .  ? 0.5139 0.3720 0.5983 -0.1243 -0.0486 0.1665  565 HOH A O     
631 O  O     . HOH D .  ? 0.4307 0.2949 0.2866 0.0493  -0.0197 0.0647  566 HOH A O     
632 O  O     . HOH D .  ? 0.3608 0.2750 0.5926 -0.0026 0.0142  0.1579  567 HOH A O     
633 O  O     . HOH D .  ? 0.4051 0.4029 0.3579 0.0821  -0.0863 0.0829  568 HOH A O     
634 O  O     . HOH D .  ? 0.3269 0.5297 0.3193 0.1230  -0.0623 0.0354  569 HOH A O     
635 O  O     . HOH D .  ? 2.1549 0.1602 0.1623 0.3278  -0.1996 -0.0062 570 HOH A O     
636 O  O     . HOH D .  ? 0.7806 0.4830 0.2890 -0.3157 0.0621  -0.1081 571 HOH A O     
637 O  O     . HOH D .  ? 0.3520 1.0355 0.2761 -0.0896 0.0305  -0.0484 572 HOH A O     
638 O  O     . HOH D .  ? 0.4330 0.4708 0.4118 -0.0192 0.0056  -0.0771 573 HOH A O     
639 O  O     . HOH D .  ? 0.4157 1.5617 0.4563 -0.1348 -0.1836 0.4346  574 HOH A O     
640 O  O     . HOH D .  ? 0.4301 0.3267 0.6782 -0.1057 0.0406  0.0341  575 HOH A O     
641 O  O     . HOH D .  ? 0.5819 0.4754 0.4654 0.2358  -0.0165 -0.0365 576 HOH A O     
642 O  O     . HOH D .  ? 0.4427 0.5194 0.3337 0.0630  -0.1353 -0.0654 577 HOH A O     
643 O  O     . HOH D .  ? 0.8396 0.7149 0.7815 -0.1650 -0.0080 0.3805  578 HOH A O     
644 O  O     . HOH D .  ? 0.6811 0.3694 0.4405 0.1579  -0.0367 0.1381  579 HOH A O     
645 O  O     . HOH D .  ? 0.4837 0.4161 0.6125 0.1512  0.0447  0.1898  580 HOH A O     
646 O  O     . HOH D .  ? 0.3914 0.2961 0.5202 0.0924  0.1386  -0.0903 581 HOH A O     
647 O  O     . HOH D .  ? 0.4279 0.2200 0.2814 -0.0762 -0.0276 -0.0481 582 HOH A O     
648 O  O     . HOH D .  ? 0.3274 0.6083 0.4682 0.1316  -0.0625 -0.1233 583 HOH A O     
649 O  O     . HOH D .  ? 0.3589 0.3352 0.2611 0.1246  0.0113  0.0937  584 HOH A O     
650 O  O     . HOH D .  ? 0.3077 0.6115 1.3085 -0.0613 -0.1399 -0.0820 585 HOH A O     
651 O  O     . HOH D .  ? 0.4624 0.2521 0.5883 -0.0627 -0.1009 0.1598  586 HOH A O     
652 O  O     . HOH D .  ? 0.3257 0.6451 0.3175 -0.0304 -0.0250 0.0667  587 HOH A O     
653 O  O     . HOH D .  ? 0.8148 0.2886 1.0962 0.0399  -0.4282 0.0553  588 HOH A O     
655 O  O     . HOH D .  ? 0.6741 0.4324 0.3819 0.0835  -0.0879 0.0827  590 HOH A O     
656 O  O     . HOH D .  ? 0.3355 0.7793 0.5160 -0.0118 0.1172  -0.1788 591 HOH A O     
658 O  O     . HOH D .  ? 0.2948 0.3444 0.5076 0.1008  0.0416  0.0128  593 HOH A O     
659 O  O     . HOH D .  ? 0.5042 0.3064 0.9772 -0.1050 -0.0283 0.0401  594 HOH A O     
660 O  O     . HOH D .  ? 1.0141 0.4245 0.3097 -0.0277 -0.1283 0.0706  595 HOH A O     
661 O  O     . HOH D .  ? 0.6825 0.3783 1.0392 0.1542  -0.4570 -0.3213 596 HOH A O     
662 O  O     . HOH D .  ? 0.2943 0.3434 0.6134 0.1010  0.0801  -0.0213 597 HOH A O     
663 O  O     . HOH D .  ? 0.4259 0.7078 0.7299 -0.0797 -0.1559 0.3034  598 HOH A O     
664 O  O     . HOH D .  ? 0.4943 0.7126 0.4419 0.2434  -0.1057 -0.1437 599 HOH A O     
665 O  O     . HOH D .  ? 0.8109 0.4148 0.6757 0.3615  -0.0330 -0.2099 600 HOH A O     
667 O  O     . HOH D .  ? 0.8685 0.3918 0.6876 0.1868  -0.2246 -0.2764 602 HOH A O     
668 O  O     . HOH D .  ? 0.2360 0.2581 0.1864 0.1166  0.0181  0.0566  603 HOH A O     
669 O  O     . HOH D .  ? 0.4255 0.4533 0.6313 0.0446  0.0479  0.1683  604 HOH A O     
670 O  O     . HOH D .  ? 0.6429 0.8133 0.5582 -0.0352 0.1216  0.0303  605 HOH A O     
671 O  O     . HOH D .  ? 0.3520 0.4200 0.3839 0.0989  0.0067  0.0196  606 HOH A O     
672 O  O     . HOH D .  ? 0.4561 0.2977 0.6020 0.0431  0.0436  0.0416  607 HOH A O     
675 O  O     . HOH D .  ? 0.4738 0.4869 0.7031 0.0076  -0.0643 0.1788  610 HOH A O     
676 O  O     . HOH D .  ? 0.3598 0.2017 0.3027 0.0822  -0.0400 0.0180  611 HOH A O     
677 O  O     . HOH D .  ? 0.2809 0.2463 1.0842 0.1200  -0.1215 -0.1031 612 HOH A O     
678 O  O     . HOH D .  ? 0.7205 0.4111 0.3483 0.2737  0.0300  -0.0205 613 HOH A O     
679 O  O     . HOH D .  ? 0.7682 0.2407 0.4643 -0.0107 -0.0207 -0.0596 614 HOH A O     
680 O  O     . HOH D .  ? 0.3911 0.3874 0.8120 0.1267  -0.0869 0.0669  615 HOH A O     
681 O  O     . HOH D .  ? 0.2545 0.8946 0.8239 0.0072  -0.0796 0.2616  616 HOH A O     
682 O  O     . HOH D .  ? 0.6923 0.6728 0.6512 0.0506  0.1695  -0.0637 617 HOH A O     
683 O  O     . HOH D .  ? 0.5703 0.6148 0.4771 0.1561  -0.1144 0.1603  618 HOH A O     
684 O  O     . HOH D .  ? 0.3932 0.4069 0.8802 0.0520  0.0940  0.0589  619 HOH A O     
685 O  O     . HOH D .  ? 0.5768 0.5337 0.4348 0.2119  -0.0596 -0.0509 620 HOH A O     
686 O  O     . HOH D .  ? 0.5730 0.3670 1.0558 -0.1171 -0.0038 -0.2445 621 HOH A O     
687 O  O     . HOH D .  ? 0.3772 0.4869 0.7203 0.1016  0.0762  0.0952  622 HOH A O     
688 O  O     . HOH D .  ? 0.3355 0.5188 0.5557 0.2023  0.1162  -0.0241 623 HOH A O     
689 O  O     . HOH D .  ? 1.0184 0.4810 0.3354 0.2867  -0.1720 0.0837  624 HOH A O     
690 O  O     . HOH D .  ? 0.6623 0.3717 0.4510 -0.1146 -0.0010 0.0199  625 HOH A O     
696 O  O     . HOH D .  ? 0.5072 0.5369 0.4412 0.2178  0.0150  0.0175  631 HOH A O     
697 O  O     . HOH D .  ? 0.9337 0.8311 0.4784 0.2151  -0.0464 0.2316  632 HOH A O     
698 O  O     . HOH D .  ? 0.3804 0.5026 0.6697 0.2102  -0.0529 0.0013  633 HOH A O     
705 O  O     . HOH D .  ? 0.2689 0.2641 0.2934 -0.0373 -0.0236 -0.0348 640 HOH A O     
710 O  O     . HOH D .  ? 0.5452 0.5974 1.1507 -0.0505 -0.1302 -0.5117 645 HOH A O     
711 O  O     . HOH D .  ? 0.3760 0.6424 1.1538 0.1974  -0.0456 -0.3878 646 HOH A O     
721 O  O     . HOH D .  ? 0.5669 0.3539 0.7293 -0.1020 -0.1326 0.0942  656 HOH A O     
722 O  O     . HOH D .  ? 0.4133 0.4780 0.4809 -0.1198 0.0729  -0.0566 657 HOH A O     
723 O  O     . HOH D .  ? 0.5080 0.6946 0.6060 0.4459  0.0174  0.0225  658 HOH A O     
724 O  O     . HOH D .  ? 0.4615 0.2732 0.4576 -0.0451 -0.0546 0.0522  659 HOH A O     
725 O  O     . HOH D .  ? 0.8585 0.2885 0.4695 0.1187  -0.0903 0.0323  660 HOH A O     
726 O  O     . HOH D .  ? 0.6637 0.4407 0.7204 -0.0705 -0.3311 -0.0716 661 HOH A O     
727 O  O     . HOH D .  ? 0.4771 0.4159 0.6509 -0.1310 -0.0151 0.0445  662 HOH A O     
728 O  O     . HOH D .  ? 0.3589 0.5481 0.6388 0.2418  0.0939  -0.0498 663 HOH A O     
729 O  O     . HOH D .  ? 0.6904 0.6308 0.5510 0.1605  -0.0986 -0.1560 664 HOH A O     
743 O  O     . HOH D .  ? 1.0164 0.5739 0.5170 0.1102  0.0005  0.0362  678 HOH A O     
744 O  O     . HOH D .  ? 0.3979 0.4565 0.8609 -0.0449 -0.0531 -0.0037 679 HOH A O     
745 O  O     . HOH D .  ? 0.3991 0.3450 1.0397 0.0443  -0.2115 -0.0762 680 HOH A O     
746 O  O     . HOH D .  ? 0.6335 0.7786 0.5532 0.1147  0.0551  -0.1945 681 HOH A O     
749 O  O     . HOH D .  ? 1.1146 0.6213 0.4069 -0.0674 -0.0633 0.0521  685 HOH A O     
750 O  O     . HOH D .  ? 0.4813 0.3835 0.2024 0.0630  -0.0729 0.1279  686 HOH A O     
751 O  O     . HOH D .  ? 0.4468 0.4683 0.2874 -0.0663 -0.0673 -0.0360 687 HOH A O     
752 O  O     . HOH D .  ? 0.6125 1.0828 0.5018 -0.3481 -0.1788 0.2727  688 HOH A O     
753 O  O     . HOH D .  ? 0.4642 0.9287 0.5025 0.0787  0.0955  -0.1176 689 HOH A O     
754 O  O     . HOH D .  ? 0.4529 0.4883 0.3883 -0.0264 0.0370  -0.0926 690 HOH A O     
755 O  O     . HOH D .  ? 0.3197 0.2161 0.4260 0.1287  -0.1444 -0.0508 691 HOH A O     
# 
loop_
_pdbx_poly_seq_scheme.asym_id 
_pdbx_poly_seq_scheme.entity_id 
_pdbx_poly_seq_scheme.seq_id 
_pdbx_poly_seq_scheme.mon_id 
_pdbx_poly_seq_scheme.ndb_seq_num 
_pdbx_poly_seq_scheme.pdb_seq_num 
_pdbx_poly_seq_scheme.auth_seq_num 
_pdbx_poly_seq_scheme.pdb_mon_id 
_pdbx_poly_seq_scheme.auth_mon_id 
_pdbx_poly_seq_scheme.pdb_strand_id 
_pdbx_poly_seq_scheme.pdb_ins_code 
_pdbx_poly_seq_scheme.hetero 
A 1 1  G 1  3  3  G G A . n 
A 1 2  C 2  4  4  C C A . n 
A 1 3  G 3  5  5  G G A . n 
A 1 4  G 4  6  6  G G A . n 
A 1 5  C 5  7  7  C C A . n 
A 1 6  A 6  8  8  A A A . n 
A 1 7  C 7  9  9  C C A . n 
A 1 8  C 8  10 10 C C A . n 
A 1 9  G 9  11 11 G G A . n 
A 1 10 U 10 12 12 U U A . n 
A 1 11 C 11 13 13 C C A . n 
A 1 12 C 12 14 14 C C A . n 
A 1 13 G 13 15 15 G G A . n 
A 1 14 C 14 16 16 C C A . n 
A 1 15 U 15 17 17 U U A . n 
A 1 16 C 16 18 18 C C A . n 
A 1 17 A 17 19 19 A A A . n 
A 1 18 A 18 20 20 A A A . n 
A 1 19 A 19 21 21 A A A . n 
A 1 20 C 20 22 22 C C A . n 
A 1 21 A 21 23 23 A A A . n 
A 1 22 A 22 24 24 A A A . n 
A 1 23 A 23 25 25 A A A . n 
A 1 24 C 24 26 26 C C A . n 
A 1 25 G 25 27 27 G G A . n 
A 1 26 G 26 28 28 G G A . n 
# 
loop_
_pdbx_nonpoly_scheme.asym_id 
_pdbx_nonpoly_scheme.entity_id 
_pdbx_nonpoly_scheme.mon_id 
_pdbx_nonpoly_scheme.ndb_seq_num 
_pdbx_nonpoly_scheme.pdb_seq_num 
_pdbx_nonpoly_scheme.auth_seq_num 
_pdbx_nonpoly_scheme.pdb_mon_id 
_pdbx_nonpoly_scheme.auth_mon_id 
_pdbx_nonpoly_scheme.pdb_strand_id 
_pdbx_nonpoly_scheme.pdb_ins_code 
B 2 MG  1   201 201 MG  MG  A . 
C 2 MG  1   207 207 MG  MG  A . 
D 3 HOH 1   202 202 HOH HOH A . 
D 3 HOH 2   203 203 HOH HOH A . 
D 3 HOH 3   204 204 HOH HOH A . 
D 3 HOH 4   205 205 HOH HOH A . 
D 3 HOH 5   206 206 HOH HOH A . 
D 3 HOH 6   208 208 HOH HOH A . 
D 3 HOH 7   209 209 HOH HOH A . 
D 3 HOH 8   210 210 HOH HOH A . 
D 3 HOH 9   211 211 HOH HOH A . 
D 3 HOH 10  212 212 HOH HOH A . 
D 3 HOH 11  213 213 HOH HOH A . 
D 3 HOH 12  501 501 HOH HOH A . 
D 3 HOH 13  502 502 HOH HOH A . 
D 3 HOH 14  503 503 HOH HOH A . 
D 3 HOH 15  504 504 HOH HOH A . 
D 3 HOH 16  505 505 HOH HOH A . 
D 3 HOH 17  506 506 HOH HOH A . 
D 3 HOH 18  507 507 HOH HOH A . 
D 3 HOH 19  508 508 HOH HOH A . 
D 3 HOH 20  509 509 HOH HOH A . 
D 3 HOH 21  510 510 HOH HOH A . 
D 3 HOH 22  511 511 HOH HOH A . 
D 3 HOH 23  512 512 HOH HOH A . 
D 3 HOH 24  513 513 HOH HOH A . 
D 3 HOH 25  514 514 HOH HOH A . 
D 3 HOH 26  515 515 HOH HOH A . 
D 3 HOH 27  516 516 HOH HOH A . 
D 3 HOH 28  517 517 HOH HOH A . 
D 3 HOH 29  518 518 HOH HOH A . 
D 3 HOH 30  519 519 HOH HOH A . 
D 3 HOH 31  520 520 HOH HOH A . 
D 3 HOH 32  521 521 HOH HOH A . 
D 3 HOH 33  522 522 HOH HOH A . 
D 3 HOH 34  523 523 HOH HOH A . 
D 3 HOH 35  524 524 HOH HOH A . 
D 3 HOH 36  525 525 HOH HOH A . 
D 3 HOH 37  526 526 HOH HOH A . 
D 3 HOH 38  527 527 HOH HOH A . 
D 3 HOH 39  528 528 HOH HOH A . 
D 3 HOH 40  529 529 HOH HOH A . 
D 3 HOH 41  530 530 HOH HOH A . 
D 3 HOH 42  531 531 HOH HOH A . 
D 3 HOH 43  532 532 HOH HOH A . 
D 3 HOH 44  533 533 HOH HOH A . 
D 3 HOH 45  534 534 HOH HOH A . 
D 3 HOH 46  535 535 HOH HOH A . 
D 3 HOH 47  536 536 HOH HOH A . 
D 3 HOH 48  537 537 HOH HOH A . 
D 3 HOH 49  538 538 HOH HOH A . 
D 3 HOH 50  539 539 HOH HOH A . 
D 3 HOH 51  540 540 HOH HOH A . 
D 3 HOH 52  541 541 HOH HOH A . 
D 3 HOH 53  542 542 HOH HOH A . 
D 3 HOH 54  543 543 HOH HOH A . 
D 3 HOH 55  544 544 HOH HOH A . 
D 3 HOH 56  545 545 HOH HOH A . 
D 3 HOH 57  546 546 HOH HOH A . 
D 3 HOH 58  547 547 HOH HOH A . 
D 3 HOH 59  548 548 HOH HOH A . 
D 3 HOH 60  549 549 HOH HOH A . 
D 3 HOH 61  550 550 HOH HOH A . 
D 3 HOH 62  551 551 HOH HOH A . 
D 3 HOH 63  552 552 HOH HOH A . 
D 3 HOH 64  553 553 HOH HOH A . 
D 3 HOH 65  554 554 HOH HOH A . 
D 3 HOH 66  555 555 HOH HOH A . 
D 3 HOH 67  556 556 HOH HOH A . 
D 3 HOH 68  557 557 HOH HOH A . 
D 3 HOH 69  558 558 HOH HOH A . 
D 3 HOH 70  559 559 HOH HOH A . 
D 3 HOH 71  560 560 HOH HOH A . 
D 3 HOH 72  561 561 HOH HOH A . 
D 3 HOH 73  562 562 HOH HOH A . 
D 3 HOH 74  563 563 HOH HOH A . 
D 3 HOH 75  564 564 HOH HOH A . 
D 3 HOH 76  565 565 HOH HOH A . 
D 3 HOH 77  566 566 HOH HOH A . 
D 3 HOH 78  567 567 HOH HOH A . 
D 3 HOH 79  568 568 HOH HOH A . 
D 3 HOH 80  569 569 HOH HOH A . 
D 3 HOH 81  570 570 HOH HOH A . 
D 3 HOH 82  571 571 HOH HOH A . 
D 3 HOH 83  572 572 HOH HOH A . 
D 3 HOH 84  573 573 HOH HOH A . 
D 3 HOH 85  574 574 HOH HOH A . 
D 3 HOH 86  575 575 HOH HOH A . 
D 3 HOH 87  576 576 HOH HOH A . 
D 3 HOH 88  577 577 HOH HOH A . 
D 3 HOH 89  578 578 HOH HOH A . 
D 3 HOH 90  579 579 HOH HOH A . 
D 3 HOH 91  580 580 HOH HOH A . 
D 3 HOH 92  581 581 HOH HOH A . 
D 3 HOH 93  582 582 HOH HOH A . 
D 3 HOH 94  583 583 HOH HOH A . 
D 3 HOH 95  584 584 HOH HOH A . 
D 3 HOH 96  585 585 HOH HOH A . 
D 3 HOH 97  586 586 HOH HOH A . 
D 3 HOH 98  587 587 HOH HOH A . 
D 3 HOH 99  588 588 HOH HOH A . 
D 3 HOH 100 589 589 HOH HOH A . 
D 3 HOH 101 590 590 HOH HOH A . 
D 3 HOH 102 591 591 HOH HOH A . 
D 3 HOH 103 592 592 HOH HOH A . 
D 3 HOH 104 593 593 HOH HOH A . 
D 3 HOH 105 594 594 HOH HOH A . 
D 3 HOH 106 595 595 HOH HOH A . 
D 3 HOH 107 596 596 HOH HOH A . 
D 3 HOH 108 597 597 HOH HOH A . 
D 3 HOH 109 598 598 HOH HOH A . 
D 3 HOH 110 599 599 HOH HOH A . 
D 3 HOH 111 600 600 HOH HOH A . 
D 3 HOH 112 601 601 HOH HOH A . 
D 3 HOH 113 602 602 HOH HOH A . 
D 3 HOH 114 603 603 HOH HOH A . 
D 3 HOH 115 604 604 HOH HOH A . 
D 3 HOH 116 605 605 HOH HOH A . 
D 3 HOH 117 606 606 HOH HOH A . 
D 3 HOH 118 607 607 HOH HOH A . 
D 3 HOH 119 608 608 HOH HOH A . 
D 3 HOH 120 609 609 HOH HOH A . 
D 3 HOH 121 610 610 HOH HOH A . 
D 3 HOH 122 611 611 HOH HOH A . 
D 3 HOH 123 612 612 HOH HOH A . 
D 3 HOH 124 613 613 HOH HOH A . 
D 3 HOH 125 614 614 HOH HOH A . 
D 3 HOH 126 615 615 HOH HOH A . 
D 3 HOH 127 616 616 HOH HOH A . 
D 3 HOH 128 617 617 HOH HOH A . 
D 3 HOH 129 618 618 HOH HOH A . 
D 3 HOH 130 619 619 HOH HOH A . 
D 3 HOH 131 620 620 HOH HOH A . 
D 3 HOH 132 621 621 HOH HOH A . 
D 3 HOH 133 622 622 HOH HOH A . 
D 3 HOH 134 623 623 HOH HOH A . 
D 3 HOH 135 624 624 HOH HOH A . 
D 3 HOH 136 625 625 HOH HOH A . 
D 3 HOH 137 626 626 HOH HOH A . 
D 3 HOH 138 627 627 HOH HOH A . 
D 3 HOH 139 628 628 HOH HOH A . 
D 3 HOH 140 629 629 HOH HOH A . 
D 3 HOH 141 630 630 HOH HOH A . 
D 3 HOH 142 631 631 HOH HOH A . 
D 3 HOH 143 632 632 HOH HOH A . 
D 3 HOH 144 633 633 HOH HOH A . 
D 3 HOH 145 634 634 HOH HOH A . 
D 3 HOH 146 635 635 HOH HOH A . 
D 3 HOH 147 636 636 HOH HOH A . 
D 3 HOH 148 637 637 HOH HOH A . 
D 3 HOH 149 638 638 HOH HOH A . 
D 3 HOH 150 639 639 HOH HOH A . 
D 3 HOH 151 640 640 HOH HOH A . 
D 3 HOH 152 641 641 HOH HOH A . 
D 3 HOH 153 642 642 HOH HOH A . 
D 3 HOH 154 643 643 HOH HOH A . 
D 3 HOH 155 644 644 HOH HOH A . 
D 3 HOH 156 645 645 HOH HOH A . 
D 3 HOH 157 646 646 HOH HOH A . 
D 3 HOH 158 647 647 HOH HOH A . 
D 3 HOH 159 648 648 HOH HOH A . 
D 3 HOH 160 649 649 HOH HOH A . 
D 3 HOH 161 650 650 HOH HOH A . 
D 3 HOH 162 651 651 HOH HOH A . 
D 3 HOH 163 652 652 HOH HOH A . 
D 3 HOH 164 653 653 HOH HOH A . 
D 3 HOH 165 654 654 HOH HOH A . 
D 3 HOH 166 655 655 HOH HOH A . 
D 3 HOH 167 656 656 HOH HOH A . 
D 3 HOH 168 657 657 HOH HOH A . 
D 3 HOH 169 658 658 HOH HOH A . 
D 3 HOH 170 659 659 HOH HOH A . 
D 3 HOH 171 660 660 HOH HOH A . 
D 3 HOH 172 661 661 HOH HOH A . 
D 3 HOH 173 662 662 HOH HOH A . 
D 3 HOH 174 663 663 HOH HOH A . 
D 3 HOH 175 664 664 HOH HOH A . 
D 3 HOH 176 665 665 HOH HOH A . 
D 3 HOH 177 666 666 HOH HOH A . 
D 3 HOH 178 667 667 HOH HOH A . 
D 3 HOH 179 668 668 HOH HOH A . 
D 3 HOH 180 669 669 HOH HOH A . 
D 3 HOH 181 670 670 HOH HOH A . 
D 3 HOH 182 671 671 HOH HOH A . 
D 3 HOH 183 672 672 HOH HOH A . 
D 3 HOH 184 673 673 HOH HOH A . 
D 3 HOH 185 674 674 HOH HOH A . 
D 3 HOH 186 675 675 HOH HOH A . 
D 3 HOH 187 676 676 HOH HOH A . 
D 3 HOH 188 677 677 HOH HOH A . 
D 3 HOH 189 678 678 HOH HOH A . 
D 3 HOH 190 679 679 HOH HOH A . 
D 3 HOH 191 680 680 HOH HOH A . 
D 3 HOH 192 681 681 HOH HOH A . 
D 3 HOH 193 682 682 HOH HOH A . 
D 3 HOH 194 684 684 HOH HOH A . 
D 3 HOH 195 685 685 HOH HOH A . 
D 3 HOH 196 686 686 HOH HOH A . 
D 3 HOH 197 687 687 HOH HOH A . 
D 3 HOH 198 688 688 HOH HOH A . 
D 3 HOH 199 689 689 HOH HOH A . 
D 3 HOH 200 690 690 HOH HOH A . 
D 3 HOH 201 691 691 HOH HOH A . 
# 
_pdbx_struct_assembly.id                   1 
_pdbx_struct_assembly.details              author_defined_assembly 
_pdbx_struct_assembly.method_details       ? 
_pdbx_struct_assembly.oligomeric_details   monomeric 
_pdbx_struct_assembly.oligomeric_count     1 
# 
_pdbx_struct_assembly_gen.assembly_id       1 
_pdbx_struct_assembly_gen.oper_expression   1 
_pdbx_struct_assembly_gen.asym_id_list      A,B,C,D 
# 
_pdbx_struct_oper_list.id                   1 
_pdbx_struct_oper_list.type                 'identity operation' 
_pdbx_struct_oper_list.name                 1_555 
_pdbx_struct_oper_list.symmetry_operation   x,y,z 
_pdbx_struct_oper_list.matrix[1][1]         1.0000000000 
_pdbx_struct_oper_list.matrix[1][2]         0.0000000000 
_pdbx_struct_oper_list.matrix[1][3]         0.0000000000 
_pdbx_struct_oper_list.vector[1]            0.0000000000 
_pdbx_struct_oper_list.matrix[2][1]         0.0000000000 
_pdbx_struct_oper_list.matrix[2][2]         1.0000000000 
_pdbx_struct_oper_list.matrix[2][3]         0.0000000000 
_pdbx_struct_oper_list.vector[2]            0.0000000000 
_pdbx_struct_oper_list.matrix[3][1]         0.0000000000 
_pdbx_struct_oper_list.matrix[3][2]         0.0000000000 
_pdbx_struct_oper_list.matrix[3][3]         1.0000000000 
_pdbx_struct_oper_list.vector[3]            0.0000000000 
# 
loop_
_pdbx_struct_special_symmetry.id 
_pdbx_struct_special_symmetry.PDB_model_num 
_pdbx_struct_special_symmetry.auth_asym_id 
_pdbx_struct_special_symmetry.auth_comp_id 
_pdbx_struct_special_symmetry.auth_seq_id 
_pdbx_struct_special_symmetry.PDB_ins_code 
_pdbx_struct_special_symmetry.label_asym_id 
_pdbx_struct_special_symmetry.label_comp_id 
_pdbx_struct_special_symmetry.label_seq_id 
1 1 A HOH 514 ? D HOH . 
2 1 A HOH 610 ? D HOH . 
3 1 A HOH 684 ? D HOH . 
4 1 A HOH 686 ? D HOH . 
5 1 A HOH 690 ? D HOH . 
# 
loop_
_pdbx_struct_conn_angle.id 
_pdbx_struct_conn_angle.ptnr1_label_atom_id 
_pdbx_struct_conn_angle.ptnr1_label_alt_id 
_pdbx_struct_conn_angle.ptnr1_label_asym_id 
_pdbx_struct_conn_angle.ptnr1_label_comp_id 
_pdbx_struct_conn_angle.ptnr1_label_seq_id 
_pdbx_struct_conn_angle.ptnr1_auth_atom_id 
_pdbx_struct_conn_angle.ptnr1_auth_asym_id 
_pdbx_struct_conn_angle.ptnr1_auth_comp_id 
_pdbx_struct_conn_angle.ptnr1_auth_seq_id 
_pdbx_struct_conn_angle.ptnr1_PDB_ins_code 
_pdbx_struct_conn_angle.ptnr1_symmetry 
_pdbx_struct_conn_angle.ptnr2_label_atom_id 
_pdbx_struct_conn_angle.ptnr2_label_alt_id 
_pdbx_struct_conn_angle.ptnr2_label_asym_id 
_pdbx_struct_conn_angle.ptnr2_label_comp_id 
_pdbx_struct_conn_angle.ptnr2_label_seq_id 
_pdbx_struct_conn_angle.ptnr2_auth_atom_id 
_pdbx_struct_conn_angle.ptnr2_auth_asym_id 
_pdbx_struct_conn_angle.ptnr2_auth_comp_id 
_pdbx_struct_conn_angle.ptnr2_auth_seq_id 
_pdbx_struct_conn_angle.ptnr2_PDB_ins_code 
_pdbx_struct_conn_angle.ptnr2_symmetry 
_pdbx_struct_conn_angle.ptnr3_label_atom_id 
_pdbx_struct_conn_angle.ptnr3_label_alt_id 
_pdbx_struct_conn_angle.ptnr3_label_asym_id 
_pdbx_struct_conn_angle.ptnr3_label_comp_id 
_pdbx_struct_conn_angle.ptnr3_label_seq_id 
_pdbx_struct_conn_angle.ptnr3_auth_atom_id 
_pdbx_struct_conn_angle.ptnr3_auth_asym_id 
_pdbx_struct_conn_angle.ptnr3_auth_comp_id 
_pdbx_struct_conn_angle.ptnr3_auth_seq_id 
_pdbx_struct_conn_angle.ptnr3_PDB_ins_code 
_pdbx_struct_conn_angle.ptnr3_symmetry 
_pdbx_struct_conn_angle.value 
_pdbx_struct_conn_angle.value_esd 
1  O6 ? A G   4 ? A G   6   ? 1_555 MG ? B MG . ? A MG 201 ? 1_555 O ? D HOH . ? A HOH 202 ? 1_555 175.1 ? 
2  O6 ? A G   4 ? A G   6   ? 1_555 MG ? B MG . ? A MG 201 ? 1_555 O ? D HOH . ? A HOH 203 ? 1_555 86.4  ? 
3  O  ? D HOH . ? A HOH 202 ? 1_555 MG ? B MG . ? A MG 201 ? 1_555 O ? D HOH . ? A HOH 203 ? 1_555 91.5  ? 
4  O6 ? A G   4 ? A G   6   ? 1_555 MG ? B MG . ? A MG 201 ? 1_555 O ? D HOH . ? A HOH 204 ? 1_555 80.0  ? 
5  O  ? D HOH . ? A HOH 202 ? 1_555 MG ? B MG . ? A MG 201 ? 1_555 O ? D HOH . ? A HOH 204 ? 1_555 96.3  ? 
6  O  ? D HOH . ? A HOH 203 ? 1_555 MG ? B MG . ? A MG 201 ? 1_555 O ? D HOH . ? A HOH 204 ? 1_555 105.6 ? 
7  O6 ? A G   4 ? A G   6   ? 1_555 MG ? B MG . ? A MG 201 ? 1_555 O ? D HOH . ? A HOH 205 ? 1_555 94.1  ? 
8  O  ? D HOH . ? A HOH 202 ? 1_555 MG ? B MG . ? A MG 201 ? 1_555 O ? D HOH . ? A HOH 205 ? 1_555 89.0  ? 
9  O  ? D HOH . ? A HOH 203 ? 1_555 MG ? B MG . ? A MG 201 ? 1_555 O ? D HOH . ? A HOH 205 ? 1_555 166.1 ? 
10 O  ? D HOH . ? A HOH 204 ? 1_555 MG ? B MG . ? A MG 201 ? 1_555 O ? D HOH . ? A HOH 205 ? 1_555 88.1  ? 
11 O6 ? A G   4 ? A G   6   ? 1_555 MG ? B MG . ? A MG 201 ? 1_555 O ? D HOH . ? A HOH 206 ? 1_555 99.1  ? 
12 O  ? D HOH . ? A HOH 202 ? 1_555 MG ? B MG . ? A MG 201 ? 1_555 O ? D HOH . ? A HOH 206 ? 1_555 85.1  ? 
13 O  ? D HOH . ? A HOH 203 ? 1_555 MG ? B MG . ? A MG 201 ? 1_555 O ? D HOH . ? A HOH 206 ? 1_555 84.3  ? 
14 O  ? D HOH . ? A HOH 204 ? 1_555 MG ? B MG . ? A MG 201 ? 1_555 O ? D HOH . ? A HOH 206 ? 1_555 169.9 ? 
15 O  ? D HOH . ? A HOH 205 ? 1_555 MG ? B MG . ? A MG 201 ? 1_555 O ? D HOH . ? A HOH 206 ? 1_555 81.9  ? 
16 O  ? D HOH . ? A HOH 208 ? 1_555 MG ? C MG . ? A MG 207 ? 1_555 O ? D HOH . ? A HOH 209 ? 1_555 87.8  ? 
17 O  ? D HOH . ? A HOH 208 ? 1_555 MG ? C MG . ? A MG 207 ? 1_555 O ? D HOH . ? A HOH 210 ? 1_555 89.6  ? 
18 O  ? D HOH . ? A HOH 209 ? 1_555 MG ? C MG . ? A MG 207 ? 1_555 O ? D HOH . ? A HOH 210 ? 1_555 92.6  ? 
19 O  ? D HOH . ? A HOH 208 ? 1_555 MG ? C MG . ? A MG 207 ? 1_555 O ? D HOH . ? A HOH 211 ? 1_555 90.8  ? 
20 O  ? D HOH . ? A HOH 209 ? 1_555 MG ? C MG . ? A MG 207 ? 1_555 O ? D HOH . ? A HOH 211 ? 1_555 178.6 ? 
21 O  ? D HOH . ? A HOH 210 ? 1_555 MG ? C MG . ? A MG 207 ? 1_555 O ? D HOH . ? A HOH 211 ? 1_555 87.7  ? 
22 O  ? D HOH . ? A HOH 208 ? 1_555 MG ? C MG . ? A MG 207 ? 1_555 O ? D HOH . ? A HOH 212 ? 1_555 92.6  ? 
23 O  ? D HOH . ? A HOH 209 ? 1_555 MG ? C MG . ? A MG 207 ? 1_555 O ? D HOH . ? A HOH 212 ? 1_555 92.7  ? 
24 O  ? D HOH . ? A HOH 210 ? 1_555 MG ? C MG . ? A MG 207 ? 1_555 O ? D HOH . ? A HOH 212 ? 1_555 174.4 ? 
25 O  ? D HOH . ? A HOH 211 ? 1_555 MG ? C MG . ? A MG 207 ? 1_555 O ? D HOH . ? A HOH 212 ? 1_555 87.1  ? 
26 O  ? D HOH . ? A HOH 208 ? 1_555 MG ? C MG . ? A MG 207 ? 1_555 O ? D HOH . ? A HOH 213 ? 1_555 175.2 ? 
27 O  ? D HOH . ? A HOH 209 ? 1_555 MG ? C MG . ? A MG 207 ? 1_555 O ? D HOH . ? A HOH 213 ? 1_555 89.3  ? 
28 O  ? D HOH . ? A HOH 210 ? 1_555 MG ? C MG . ? A MG 207 ? 1_555 O ? D HOH . ? A HOH 213 ? 1_555 86.8  ? 
29 O  ? D HOH . ? A HOH 211 ? 1_555 MG ? C MG . ? A MG 207 ? 1_555 O ? D HOH . ? A HOH 213 ? 1_555 92.1  ? 
30 O  ? D HOH . ? A HOH 212 ? 1_555 MG ? C MG . ? A MG 207 ? 1_555 O ? D HOH . ? A HOH 213 ? 1_555 91.2  ? 
31 O  ? D HOH . ? A HOH 208 ? 1_555 MG ? C MG . ? A MG 207 ? 1_555 O ? D HOH . ? A HOH 584 ? 1_555 75.7  ? 
32 O  ? D HOH . ? A HOH 209 ? 1_555 MG ? C MG . ? A MG 207 ? 1_555 O ? D HOH . ? A HOH 584 ? 1_555 161.8 ? 
33 O  ? D HOH . ? A HOH 210 ? 1_555 MG ? C MG . ? A MG 207 ? 1_555 O ? D HOH . ? A HOH 584 ? 1_555 94.9  ? 
34 O  ? D HOH . ? A HOH 211 ? 1_555 MG ? C MG . ? A MG 207 ? 1_555 O ? D HOH . ? A HOH 584 ? 1_555 16.8  ? 
35 O  ? D HOH . ? A HOH 212 ? 1_555 MG ? C MG . ? A MG 207 ? 1_555 O ? D HOH . ? A HOH 584 ? 1_555 80.6  ? 
36 O  ? D HOH . ? A HOH 213 ? 1_555 MG ? C MG . ? A MG 207 ? 1_555 O ? D HOH . ? A HOH 584 ? 1_555 107.7 ? 
# 
loop_
_pdbx_audit_revision_history.ordinal 
_pdbx_audit_revision_history.data_content_type 
_pdbx_audit_revision_history.major_revision 
_pdbx_audit_revision_history.minor_revision 
_pdbx_audit_revision_history.revision_date 
1 'Structure model' 1 0 2005-09-27 
2 'Structure model' 1 1 2008-04-30 
3 'Structure model' 1 2 2011-07-13 
4 'Structure model' 1 3 2017-10-11 
5 'Structure model' 1 4 2021-10-20 
6 'Structure model' 1 5 2023-08-23 
# 
_pdbx_audit_revision_details.ordinal             1 
_pdbx_audit_revision_details.revision_ordinal    1 
_pdbx_audit_revision_details.data_content_type   'Structure model' 
_pdbx_audit_revision_details.provider            repository 
_pdbx_audit_revision_details.type                'Initial release' 
_pdbx_audit_revision_details.description         ? 
_pdbx_audit_revision_details.details             ? 
# 
loop_
_pdbx_audit_revision_group.ordinal 
_pdbx_audit_revision_group.revision_ordinal 
_pdbx_audit_revision_group.data_content_type 
_pdbx_audit_revision_group.group 
1 2 'Structure model' 'Version format compliance' 
2 3 'Structure model' 'Version format compliance' 
3 4 'Structure model' 'Refinement description'    
4 5 'Structure model' 'Database references'       
5 5 'Structure model' 'Derived calculations'      
6 6 'Structure model' 'Data collection'           
7 6 'Structure model' 'Refinement description'    
# 
loop_
_pdbx_audit_revision_category.ordinal 
_pdbx_audit_revision_category.revision_ordinal 
_pdbx_audit_revision_category.data_content_type 
_pdbx_audit_revision_category.category 
1 4 'Structure model' software                      
2 5 'Structure model' database_2                    
3 5 'Structure model' pdbx_struct_conn_angle        
4 5 'Structure model' struct_conn                   
5 5 'Structure model' struct_ref_seq_dif            
6 5 'Structure model' struct_site                   
7 6 'Structure model' chem_comp_atom                
8 6 'Structure model' chem_comp_bond                
9 6 'Structure model' pdbx_initial_refinement_model 
# 
loop_
_pdbx_audit_revision_item.ordinal 
_pdbx_audit_revision_item.revision_ordinal 
_pdbx_audit_revision_item.data_content_type 
_pdbx_audit_revision_item.item 
1  5 'Structure model' '_database_2.pdbx_DOI'                        
2  5 'Structure model' '_database_2.pdbx_database_accession'         
3  5 'Structure model' '_pdbx_struct_conn_angle.ptnr1_auth_comp_id'  
4  5 'Structure model' '_pdbx_struct_conn_angle.ptnr1_auth_seq_id'   
5  5 'Structure model' '_pdbx_struct_conn_angle.ptnr1_label_asym_id' 
6  5 'Structure model' '_pdbx_struct_conn_angle.ptnr1_label_atom_id' 
7  5 'Structure model' '_pdbx_struct_conn_angle.ptnr1_label_comp_id' 
8  5 'Structure model' '_pdbx_struct_conn_angle.ptnr1_label_seq_id'  
9  5 'Structure model' '_pdbx_struct_conn_angle.ptnr3_auth_comp_id'  
10 5 'Structure model' '_pdbx_struct_conn_angle.ptnr3_auth_seq_id'   
11 5 'Structure model' '_pdbx_struct_conn_angle.ptnr3_label_asym_id' 
12 5 'Structure model' '_pdbx_struct_conn_angle.ptnr3_label_atom_id' 
13 5 'Structure model' '_pdbx_struct_conn_angle.ptnr3_label_comp_id' 
14 5 'Structure model' '_pdbx_struct_conn_angle.ptnr3_label_seq_id'  
15 5 'Structure model' '_pdbx_struct_conn_angle.value'               
16 5 'Structure model' '_struct_conn.pdbx_dist_value'                
17 5 'Structure model' '_struct_conn.ptnr1_auth_comp_id'             
18 5 'Structure model' '_struct_conn.ptnr1_auth_seq_id'              
19 5 'Structure model' '_struct_conn.ptnr1_label_asym_id'            
20 5 'Structure model' '_struct_conn.ptnr1_label_atom_id'            
21 5 'Structure model' '_struct_conn.ptnr1_label_comp_id'            
22 5 'Structure model' '_struct_conn.ptnr1_label_seq_id'             
23 5 'Structure model' '_struct_conn.ptnr2_auth_comp_id'             
24 5 'Structure model' '_struct_conn.ptnr2_auth_seq_id'              
25 5 'Structure model' '_struct_conn.ptnr2_label_asym_id'            
26 5 'Structure model' '_struct_conn.ptnr2_label_atom_id'            
27 5 'Structure model' '_struct_conn.ptnr2_label_comp_id'            
28 5 'Structure model' '_struct_conn.ptnr2_label_seq_id'             
29 5 'Structure model' '_struct_ref_seq_dif.details'                 
30 5 'Structure model' '_struct_site.pdbx_auth_asym_id'              
31 5 'Structure model' '_struct_site.pdbx_auth_comp_id'              
32 5 'Structure model' '_struct_site.pdbx_auth_seq_id'               
# 
loop_
_software.name 
_software.classification 
_software.version 
_software.citation_id 
_software.pdbx_ordinal 
MAR345    'data collection' .          ? 1 
XDS       'data reduction'  .          ? 2 
MOLREP    phasing           .          ? 3 
SHELXL-97 refinement        .          ? 4 
XDS       'data scaling'    .          ? 5 
CCP4      phasing           '(MOLREP)' ? 6 
# 
loop_
_pdbx_validate_rmsd_angle.id 
_pdbx_validate_rmsd_angle.PDB_model_num 
_pdbx_validate_rmsd_angle.auth_atom_id_1 
_pdbx_validate_rmsd_angle.auth_asym_id_1 
_pdbx_validate_rmsd_angle.auth_comp_id_1 
_pdbx_validate_rmsd_angle.auth_seq_id_1 
_pdbx_validate_rmsd_angle.PDB_ins_code_1 
_pdbx_validate_rmsd_angle.label_alt_id_1 
_pdbx_validate_rmsd_angle.auth_atom_id_2 
_pdbx_validate_rmsd_angle.auth_asym_id_2 
_pdbx_validate_rmsd_angle.auth_comp_id_2 
_pdbx_validate_rmsd_angle.auth_seq_id_2 
_pdbx_validate_rmsd_angle.PDB_ins_code_2 
_pdbx_validate_rmsd_angle.label_alt_id_2 
_pdbx_validate_rmsd_angle.auth_atom_id_3 
_pdbx_validate_rmsd_angle.auth_asym_id_3 
_pdbx_validate_rmsd_angle.auth_comp_id_3 
_pdbx_validate_rmsd_angle.auth_seq_id_3 
_pdbx_validate_rmsd_angle.PDB_ins_code_3 
_pdbx_validate_rmsd_angle.label_alt_id_3 
_pdbx_validate_rmsd_angle.angle_value 
_pdbx_validate_rmsd_angle.angle_target_value 
_pdbx_validate_rmsd_angle.angle_deviation 
_pdbx_validate_rmsd_angle.angle_standard_deviation 
_pdbx_validate_rmsd_angle.linker_flag 
1  1 "C3'" A G 3  ? ? "C2'" A G 3  ? ? "C1'" A G 3  ? ? 96.50  101.30 -4.80 0.70 N 
2  1 C4    A C 4  ? ? C5    A C 4  ? ? C6    A C 4  ? ? 114.36 117.40 -3.04 0.50 N 
3  1 "O5'" A C 7  ? ? "C5'" A C 7  ? ? "C4'" A C 7  ? ? 103.98 109.40 -5.42 0.80 N 
4  1 N3    A C 7  ? ? C4    A C 7  ? ? C5    A C 7  ? ? 116.16 121.90 -5.74 0.40 N 
5  1 C4    A C 7  ? ? C5    A C 7  ? ? C6    A C 7  ? ? 121.96 117.40 4.56  0.50 N 
6  1 "C3'" A A 8  ? ? "C2'" A A 8  ? ? "C1'" A A 8  ? ? 96.41  101.30 -4.89 0.70 N 
7  1 N1    A A 8  ? ? C2    A A 8  ? ? N3    A A 8  ? ? 132.95 129.30 3.65  0.50 N 
8  1 C2    A A 8  ? ? N3    A A 8  ? ? C4    A A 8  ? ? 107.08 110.60 -3.52 0.50 N 
9  1 C2    A C 9  ? ? N3    A C 9  ? ? C4    A C 9  ? ? 115.89 119.90 -4.01 0.50 N 
10 1 "C3'" A C 14 ? ? "C2'" A C 14 ? ? "C1'" A C 14 ? ? 96.96  101.30 -4.34 0.70 N 
11 1 C2    A C 14 ? ? N3    A C 14 ? ? C4    A C 14 ? ? 123.69 119.90 3.79  0.50 N 
12 1 N3    A C 14 ? ? C4    A C 14 ? ? C5    A C 14 ? ? 117.57 121.90 -4.33 0.40 N 
13 1 C6    A C 16 ? ? N1    A C 16 ? ? C2    A C 16 ? ? 116.75 120.30 -3.55 0.40 N 
14 1 N1    A A 20 ? ? C2    A A 20 ? ? N3    A A 20 ? ? 133.72 129.30 4.42  0.50 N 
15 1 N1    A A 21 ? ? C2    A A 21 ? ? N3    A A 21 ? ? 132.53 129.30 3.23  0.50 N 
16 1 C2    A A 21 ? ? N3    A A 21 ? ? C4    A A 21 ? ? 107.55 110.60 -3.05 0.50 N 
17 1 N7    A A 24 ? ? C8    A A 24 ? ? N9    A A 24 ? ? 109.76 113.80 -4.04 0.50 N 
18 1 C8    A A 25 ? ? N9    A A 25 ? ? C4    A A 25 ? ? 108.73 105.80 2.93  0.40 N 
# 
loop_
_chem_comp_atom.comp_id 
_chem_comp_atom.atom_id 
_chem_comp_atom.type_symbol 
_chem_comp_atom.pdbx_aromatic_flag 
_chem_comp_atom.pdbx_stereo_config 
_chem_comp_atom.pdbx_ordinal 
A   OP3    O  N N 1   
A   P      P  N N 2   
A   OP1    O  N N 3   
A   OP2    O  N N 4   
A   "O5'"  O  N N 5   
A   "C5'"  C  N N 6   
A   "C4'"  C  N R 7   
A   "O4'"  O  N N 8   
A   "C3'"  C  N S 9   
A   "O3'"  O  N N 10  
A   "C2'"  C  N R 11  
A   "O2'"  O  N N 12  
A   "C1'"  C  N R 13  
A   N9     N  Y N 14  
A   C8     C  Y N 15  
A   N7     N  Y N 16  
A   C5     C  Y N 17  
A   C6     C  Y N 18  
A   N6     N  N N 19  
A   N1     N  Y N 20  
A   C2     C  Y N 21  
A   N3     N  Y N 22  
A   C4     C  Y N 23  
A   HOP3   H  N N 24  
A   HOP2   H  N N 25  
A   "H5'"  H  N N 26  
A   "H5''" H  N N 27  
A   "H4'"  H  N N 28  
A   "H3'"  H  N N 29  
A   "HO3'" H  N N 30  
A   "H2'"  H  N N 31  
A   "HO2'" H  N N 32  
A   "H1'"  H  N N 33  
A   H8     H  N N 34  
A   H61    H  N N 35  
A   H62    H  N N 36  
A   H2     H  N N 37  
C   OP3    O  N N 38  
C   P      P  N N 39  
C   OP1    O  N N 40  
C   OP2    O  N N 41  
C   "O5'"  O  N N 42  
C   "C5'"  C  N N 43  
C   "C4'"  C  N R 44  
C   "O4'"  O  N N 45  
C   "C3'"  C  N S 46  
C   "O3'"  O  N N 47  
C   "C2'"  C  N R 48  
C   "O2'"  O  N N 49  
C   "C1'"  C  N R 50  
C   N1     N  N N 51  
C   C2     C  N N 52  
C   O2     O  N N 53  
C   N3     N  N N 54  
C   C4     C  N N 55  
C   N4     N  N N 56  
C   C5     C  N N 57  
C   C6     C  N N 58  
C   HOP3   H  N N 59  
C   HOP2   H  N N 60  
C   "H5'"  H  N N 61  
C   "H5''" H  N N 62  
C   "H4'"  H  N N 63  
C   "H3'"  H  N N 64  
C   "HO3'" H  N N 65  
C   "H2'"  H  N N 66  
C   "HO2'" H  N N 67  
C   "H1'"  H  N N 68  
C   H41    H  N N 69  
C   H42    H  N N 70  
C   H5     H  N N 71  
C   H6     H  N N 72  
G   OP3    O  N N 73  
G   P      P  N N 74  
G   OP1    O  N N 75  
G   OP2    O  N N 76  
G   "O5'"  O  N N 77  
G   "C5'"  C  N N 78  
G   "C4'"  C  N R 79  
G   "O4'"  O  N N 80  
G   "C3'"  C  N S 81  
G   "O3'"  O  N N 82  
G   "C2'"  C  N R 83  
G   "O2'"  O  N N 84  
G   "C1'"  C  N R 85  
G   N9     N  Y N 86  
G   C8     C  Y N 87  
G   N7     N  Y N 88  
G   C5     C  Y N 89  
G   C6     C  N N 90  
G   O6     O  N N 91  
G   N1     N  N N 92  
G   C2     C  N N 93  
G   N2     N  N N 94  
G   N3     N  N N 95  
G   C4     C  Y N 96  
G   HOP3   H  N N 97  
G   HOP2   H  N N 98  
G   "H5'"  H  N N 99  
G   "H5''" H  N N 100 
G   "H4'"  H  N N 101 
G   "H3'"  H  N N 102 
G   "HO3'" H  N N 103 
G   "H2'"  H  N N 104 
G   "HO2'" H  N N 105 
G   "H1'"  H  N N 106 
G   H8     H  N N 107 
G   H1     H  N N 108 
G   H21    H  N N 109 
G   H22    H  N N 110 
HOH O      O  N N 111 
HOH H1     H  N N 112 
HOH H2     H  N N 113 
MG  MG     MG N N 114 
U   OP3    O  N N 115 
U   P      P  N N 116 
U   OP1    O  N N 117 
U   OP2    O  N N 118 
U   "O5'"  O  N N 119 
U   "C5'"  C  N N 120 
U   "C4'"  C  N R 121 
U   "O4'"  O  N N 122 
U   "C3'"  C  N S 123 
U   "O3'"  O  N N 124 
U   "C2'"  C  N R 125 
U   "O2'"  O  N N 126 
U   "C1'"  C  N R 127 
U   N1     N  N N 128 
U   C2     C  N N 129 
U   O2     O  N N 130 
U   N3     N  N N 131 
U   C4     C  N N 132 
U   O4     O  N N 133 
U   C5     C  N N 134 
U   C6     C  N N 135 
U   HOP3   H  N N 136 
U   HOP2   H  N N 137 
U   "H5'"  H  N N 138 
U   "H5''" H  N N 139 
U   "H4'"  H  N N 140 
U   "H3'"  H  N N 141 
U   "HO3'" H  N N 142 
U   "H2'"  H  N N 143 
U   "HO2'" H  N N 144 
U   "H1'"  H  N N 145 
U   H3     H  N N 146 
U   H5     H  N N 147 
U   H6     H  N N 148 
# 
loop_
_chem_comp_bond.comp_id 
_chem_comp_bond.atom_id_1 
_chem_comp_bond.atom_id_2 
_chem_comp_bond.value_order 
_chem_comp_bond.pdbx_aromatic_flag 
_chem_comp_bond.pdbx_stereo_config 
_chem_comp_bond.pdbx_ordinal 
A   OP3   P      sing N N 1   
A   OP3   HOP3   sing N N 2   
A   P     OP1    doub N N 3   
A   P     OP2    sing N N 4   
A   P     "O5'"  sing N N 5   
A   OP2   HOP2   sing N N 6   
A   "O5'" "C5'"  sing N N 7   
A   "C5'" "C4'"  sing N N 8   
A   "C5'" "H5'"  sing N N 9   
A   "C5'" "H5''" sing N N 10  
A   "C4'" "O4'"  sing N N 11  
A   "C4'" "C3'"  sing N N 12  
A   "C4'" "H4'"  sing N N 13  
A   "O4'" "C1'"  sing N N 14  
A   "C3'" "O3'"  sing N N 15  
A   "C3'" "C2'"  sing N N 16  
A   "C3'" "H3'"  sing N N 17  
A   "O3'" "HO3'" sing N N 18  
A   "C2'" "O2'"  sing N N 19  
A   "C2'" "C1'"  sing N N 20  
A   "C2'" "H2'"  sing N N 21  
A   "O2'" "HO2'" sing N N 22  
A   "C1'" N9     sing N N 23  
A   "C1'" "H1'"  sing N N 24  
A   N9    C8     sing Y N 25  
A   N9    C4     sing Y N 26  
A   C8    N7     doub Y N 27  
A   C8    H8     sing N N 28  
A   N7    C5     sing Y N 29  
A   C5    C6     sing Y N 30  
A   C5    C4     doub Y N 31  
A   C6    N6     sing N N 32  
A   C6    N1     doub Y N 33  
A   N6    H61    sing N N 34  
A   N6    H62    sing N N 35  
A   N1    C2     sing Y N 36  
A   C2    N3     doub Y N 37  
A   C2    H2     sing N N 38  
A   N3    C4     sing Y N 39  
C   OP3   P      sing N N 40  
C   OP3   HOP3   sing N N 41  
C   P     OP1    doub N N 42  
C   P     OP2    sing N N 43  
C   P     "O5'"  sing N N 44  
C   OP2   HOP2   sing N N 45  
C   "O5'" "C5'"  sing N N 46  
C   "C5'" "C4'"  sing N N 47  
C   "C5'" "H5'"  sing N N 48  
C   "C5'" "H5''" sing N N 49  
C   "C4'" "O4'"  sing N N 50  
C   "C4'" "C3'"  sing N N 51  
C   "C4'" "H4'"  sing N N 52  
C   "O4'" "C1'"  sing N N 53  
C   "C3'" "O3'"  sing N N 54  
C   "C3'" "C2'"  sing N N 55  
C   "C3'" "H3'"  sing N N 56  
C   "O3'" "HO3'" sing N N 57  
C   "C2'" "O2'"  sing N N 58  
C   "C2'" "C1'"  sing N N 59  
C   "C2'" "H2'"  sing N N 60  
C   "O2'" "HO2'" sing N N 61  
C   "C1'" N1     sing N N 62  
C   "C1'" "H1'"  sing N N 63  
C   N1    C2     sing N N 64  
C   N1    C6     sing N N 65  
C   C2    O2     doub N N 66  
C   C2    N3     sing N N 67  
C   N3    C4     doub N N 68  
C   C4    N4     sing N N 69  
C   C4    C5     sing N N 70  
C   N4    H41    sing N N 71  
C   N4    H42    sing N N 72  
C   C5    C6     doub N N 73  
C   C5    H5     sing N N 74  
C   C6    H6     sing N N 75  
G   OP3   P      sing N N 76  
G   OP3   HOP3   sing N N 77  
G   P     OP1    doub N N 78  
G   P     OP2    sing N N 79  
G   P     "O5'"  sing N N 80  
G   OP2   HOP2   sing N N 81  
G   "O5'" "C5'"  sing N N 82  
G   "C5'" "C4'"  sing N N 83  
G   "C5'" "H5'"  sing N N 84  
G   "C5'" "H5''" sing N N 85  
G   "C4'" "O4'"  sing N N 86  
G   "C4'" "C3'"  sing N N 87  
G   "C4'" "H4'"  sing N N 88  
G   "O4'" "C1'"  sing N N 89  
G   "C3'" "O3'"  sing N N 90  
G   "C3'" "C2'"  sing N N 91  
G   "C3'" "H3'"  sing N N 92  
G   "O3'" "HO3'" sing N N 93  
G   "C2'" "O2'"  sing N N 94  
G   "C2'" "C1'"  sing N N 95  
G   "C2'" "H2'"  sing N N 96  
G   "O2'" "HO2'" sing N N 97  
G   "C1'" N9     sing N N 98  
G   "C1'" "H1'"  sing N N 99  
G   N9    C8     sing Y N 100 
G   N9    C4     sing Y N 101 
G   C8    N7     doub Y N 102 
G   C8    H8     sing N N 103 
G   N7    C5     sing Y N 104 
G   C5    C6     sing N N 105 
G   C5    C4     doub Y N 106 
G   C6    O6     doub N N 107 
G   C6    N1     sing N N 108 
G   N1    C2     sing N N 109 
G   N1    H1     sing N N 110 
G   C2    N2     sing N N 111 
G   C2    N3     doub N N 112 
G   N2    H21    sing N N 113 
G   N2    H22    sing N N 114 
G   N3    C4     sing N N 115 
HOH O     H1     sing N N 116 
HOH O     H2     sing N N 117 
U   OP3   P      sing N N 118 
U   OP3   HOP3   sing N N 119 
U   P     OP1    doub N N 120 
U   P     OP2    sing N N 121 
U   P     "O5'"  sing N N 122 
U   OP2   HOP2   sing N N 123 
U   "O5'" "C5'"  sing N N 124 
U   "C5'" "C4'"  sing N N 125 
U   "C5'" "H5'"  sing N N 126 
U   "C5'" "H5''" sing N N 127 
U   "C4'" "O4'"  sing N N 128 
U   "C4'" "C3'"  sing N N 129 
U   "C4'" "H4'"  sing N N 130 
U   "O4'" "C1'"  sing N N 131 
U   "C3'" "O3'"  sing N N 132 
U   "C3'" "C2'"  sing N N 133 
U   "C3'" "H3'"  sing N N 134 
U   "O3'" "HO3'" sing N N 135 
U   "C2'" "O2'"  sing N N 136 
U   "C2'" "C1'"  sing N N 137 
U   "C2'" "H2'"  sing N N 138 
U   "O2'" "HO2'" sing N N 139 
U   "C1'" N1     sing N N 140 
U   "C1'" "H1'"  sing N N 141 
U   N1    C2     sing N N 142 
U   N1    C6     sing N N 143 
U   C2    O2     doub N N 144 
U   C2    N3     sing N N 145 
U   N3    C4     sing N N 146 
U   N3    H3     sing N N 147 
U   C4    O4     doub N N 148 
U   C4    C5     sing N N 149 
U   C5    C6     doub N N 150 
U   C5    H5     sing N N 151 
U   C6    H6     sing N N 152 
# 
loop_
_ndb_struct_conf_na.entry_id 
_ndb_struct_conf_na.feature 
2A43 'double helix'        
2A43 'a-form double helix' 
# 
loop_
_ndb_struct_na_base_pair.model_number 
_ndb_struct_na_base_pair.i_label_asym_id 
_ndb_struct_na_base_pair.i_label_comp_id 
_ndb_struct_na_base_pair.i_label_seq_id 
_ndb_struct_na_base_pair.i_symmetry 
_ndb_struct_na_base_pair.j_label_asym_id 
_ndb_struct_na_base_pair.j_label_comp_id 
_ndb_struct_na_base_pair.j_label_seq_id 
_ndb_struct_na_base_pair.j_symmetry 
_ndb_struct_na_base_pair.shear 
_ndb_struct_na_base_pair.stretch 
_ndb_struct_na_base_pair.stagger 
_ndb_struct_na_base_pair.buckle 
_ndb_struct_na_base_pair.propeller 
_ndb_struct_na_base_pair.opening 
_ndb_struct_na_base_pair.pair_number 
_ndb_struct_na_base_pair.pair_name 
_ndb_struct_na_base_pair.i_auth_asym_id 
_ndb_struct_na_base_pair.i_auth_seq_id 
_ndb_struct_na_base_pair.i_PDB_ins_code 
_ndb_struct_na_base_pair.j_auth_asym_id 
_ndb_struct_na_base_pair.j_auth_seq_id 
_ndb_struct_na_base_pair.j_PDB_ins_code 
_ndb_struct_na_base_pair.hbond_type_28 
_ndb_struct_na_base_pair.hbond_type_12 
1 A G 1  1_555 A C 14 1_555 -0.178 -0.114 0.120  -4.504  -22.234 2.112  1 A_G3:C16_A  A 3  ? A 16 ? 19 1 
1 A C 2  1_555 A G 13 1_555 0.109  -0.163 0.136  0.966   -14.210 -1.385 2 A_C4:G15_A  A 4  ? A 15 ? 19 1 
1 A G 3  1_555 A C 12 1_555 -0.077 -0.203 0.060  -7.792  -14.756 -2.397 3 A_G5:C14_A  A 5  ? A 14 ? 19 1 
1 A G 4  1_555 A C 11 1_555 -0.156 -0.145 -0.004 -7.168  -11.323 -1.283 4 A_G6:C13_A  A 6  ? A 13 ? 19 1 
1 A C 24 1_555 A G 9  1_555 0.335  -0.164 -0.054 10.456  -27.091 1.437  5 A_C26:G11_A A 26 ? A 11 ? 19 1 
1 A G 25 1_555 A C 8  1_555 -0.134 -0.264 0.222  -3.202  -13.742 -0.756 6 A_G27:C10_A A 27 ? A 10 ? 19 1 
1 A G 26 1_555 A C 7  1_555 -0.149 -0.133 -0.057 -10.989 -17.097 0.438  7 A_G28:C9_A  A 28 ? A 9  ? 19 1 
# 
loop_
_ndb_struct_na_base_pair_step.model_number 
_ndb_struct_na_base_pair_step.i_label_asym_id_1 
_ndb_struct_na_base_pair_step.i_label_comp_id_1 
_ndb_struct_na_base_pair_step.i_label_seq_id_1 
_ndb_struct_na_base_pair_step.i_symmetry_1 
_ndb_struct_na_base_pair_step.j_label_asym_id_1 
_ndb_struct_na_base_pair_step.j_label_comp_id_1 
_ndb_struct_na_base_pair_step.j_label_seq_id_1 
_ndb_struct_na_base_pair_step.j_symmetry_1 
_ndb_struct_na_base_pair_step.i_label_asym_id_2 
_ndb_struct_na_base_pair_step.i_label_comp_id_2 
_ndb_struct_na_base_pair_step.i_label_seq_id_2 
_ndb_struct_na_base_pair_step.i_symmetry_2 
_ndb_struct_na_base_pair_step.j_label_asym_id_2 
_ndb_struct_na_base_pair_step.j_label_comp_id_2 
_ndb_struct_na_base_pair_step.j_label_seq_id_2 
_ndb_struct_na_base_pair_step.j_symmetry_2 
_ndb_struct_na_base_pair_step.shift 
_ndb_struct_na_base_pair_step.slide 
_ndb_struct_na_base_pair_step.rise 
_ndb_struct_na_base_pair_step.tilt 
_ndb_struct_na_base_pair_step.roll 
_ndb_struct_na_base_pair_step.twist 
_ndb_struct_na_base_pair_step.x_displacement 
_ndb_struct_na_base_pair_step.y_displacement 
_ndb_struct_na_base_pair_step.helical_rise 
_ndb_struct_na_base_pair_step.inclination 
_ndb_struct_na_base_pair_step.tip 
_ndb_struct_na_base_pair_step.helical_twist 
_ndb_struct_na_base_pair_step.step_number 
_ndb_struct_na_base_pair_step.step_name 
_ndb_struct_na_base_pair_step.i_auth_asym_id_1 
_ndb_struct_na_base_pair_step.i_auth_seq_id_1 
_ndb_struct_na_base_pair_step.i_PDB_ins_code_1 
_ndb_struct_na_base_pair_step.j_auth_asym_id_1 
_ndb_struct_na_base_pair_step.j_auth_seq_id_1 
_ndb_struct_na_base_pair_step.j_PDB_ins_code_1 
_ndb_struct_na_base_pair_step.i_auth_asym_id_2 
_ndb_struct_na_base_pair_step.i_auth_seq_id_2 
_ndb_struct_na_base_pair_step.i_PDB_ins_code_2 
_ndb_struct_na_base_pair_step.j_auth_asym_id_2 
_ndb_struct_na_base_pair_step.j_auth_seq_id_2 
_ndb_struct_na_base_pair_step.j_PDB_ins_code_2 
1 A G 1  1_555 A C 14 1_555 A C 2  1_555 A G 13 1_555 -0.561 -1.441 3.089 -2.148 2.092  32.686 -2.886 0.647  3.023 3.708  3.807  
32.819 1 AA_G3C4:G15C16_AA   A 3  ? A 16 ? A 4  ? A 15 ? 
1 A C 2  1_555 A G 13 1_555 A G 3  1_555 A C 12 1_555 0.028  -1.765 3.292 1.404  10.605 28.080 -5.399 0.209  2.474 20.921 -2.771 
30.010 2 AA_C4G5:C14G15_AA   A 4  ? A 15 ? A 5  ? A 14 ? 
1 A G 3  1_555 A C 12 1_555 A G 4  1_555 A C 11 1_555 0.365  -1.795 3.189 3.432  5.341  34.819 -3.693 -0.126 2.912 8.834  -5.677 
35.376 3 AA_G5G6:C13C14_AA   A 5  ? A 14 ? A 6  ? A 13 ? 
1 A G 4  1_555 A C 11 1_555 A C 24 1_555 A G 9  1_555 -5.806 -0.428 3.542 13.437 -3.723 91.374 -0.227 4.282  2.872 -2.589 -9.346 
92.198 4 AA_G6C26:G11C13_AA  A 6  ? A 13 ? A 26 ? A 11 ? 
1 A C 24 1_555 A G 9  1_555 A G 25 1_555 A C 8  1_555 -0.474 -1.684 3.446 -4.625 13.791 31.099 -4.947 0.104  2.538 24.137 8.095  
34.256 5 AA_C26G27:C10G11_AA A 26 ? A 11 ? A 27 ? A 10 ? 
1 A G 25 1_555 A C 8  1_555 A G 26 1_555 A C 7  1_555 0.317  -1.755 3.442 3.935  4.928  32.742 -3.896 0.114  3.167 8.642  -6.901 
33.327 6 AA_G27G28:C9C10_AA  A 27 ? A 10 ? A 28 ? A 9  ? 
# 
loop_
_pdbx_entity_nonpoly.entity_id 
_pdbx_entity_nonpoly.name 
_pdbx_entity_nonpoly.comp_id 
2 'MAGNESIUM ION' MG  
3 water           HOH 
# 
_pdbx_initial_refinement_model.id               1 
_pdbx_initial_refinement_model.entity_id_list   ? 
_pdbx_initial_refinement_model.type             'experimental model' 
_pdbx_initial_refinement_model.source_name      PDB 
_pdbx_initial_refinement_model.accession_code   437D 
_pdbx_initial_refinement_model.details          'PDB Entry 437D' 
# 
